data_4LG4
#
_entry.id   4LG4
#
_cell.length_a   227.179
_cell.length_b   69.771
_cell.length_c   148.082
_cell.angle_alpha   90.000
_cell.angle_beta   108.610
_cell.angle_gamma   90.000
#
_symmetry.space_group_name_H-M   'C 1 2 1'
#
loop_
_entity.id
_entity.type
_entity.pdbx_description
1 polymer 'Serine/threonine-protein kinase 3'
2 non-polymer GLYCEROL
3 water water
#
_entity_poly.entity_id   1
_entity_poly.type   'polypeptide(L)'
_entity_poly.pdbx_seq_one_letter_code
;GEDSLTKQPEEVFDVLEKLGEGSYGSVFKAIHKESGQVVAIKQVPVESDLQEIIKEISIMQQCDSPYVVKYYGSYFKNTD
LWIVMEYCGAGSVSDIIRLRNKTLIEDEIATILKSTLKGLEYLHFMRKIHRNIKAGNILLNTEGHAKLADFGVAGQLTDT
MAKRNTVIGTPFWMAPEVIQEIGYNCVADIWSLGITSIEMAEGKPPYADIHPMRAIFMIPTNPPPTFRKPELWSDDFTDF
VKKCLVKNPEQRATATQLLQHPFIKNAKPVSILRDLITEAMEIKAKRHEEQQRELEEEE
;
_entity_poly.pdbx_strand_id   A,B,C,D,E,F
#
# COMPACT_ATOMS: atom_id res chain seq x y z
N SER A 4 28.75 26.09 -10.55
CA SER A 4 27.88 26.11 -11.72
C SER A 4 27.80 24.71 -12.35
N LEU A 5 28.98 24.13 -12.57
CA LEU A 5 29.11 22.79 -13.14
C LEU A 5 29.80 21.88 -12.12
N THR A 6 30.49 22.50 -11.18
CA THR A 6 31.29 21.79 -10.19
C THR A 6 30.53 21.46 -8.91
N LYS A 7 29.58 22.30 -8.53
CA LYS A 7 29.02 22.21 -7.18
C LYS A 7 28.09 21.00 -6.99
N GLN A 8 28.25 20.37 -5.83
CA GLN A 8 27.52 19.16 -5.49
C GLN A 8 26.05 19.46 -5.16
N PRO A 9 25.18 18.43 -5.23
CA PRO A 9 23.75 18.59 -4.93
C PRO A 9 23.44 19.39 -3.66
N GLU A 10 24.18 19.14 -2.58
CA GLU A 10 23.91 19.81 -1.31
C GLU A 10 24.34 21.28 -1.34
N GLU A 11 25.03 21.68 -2.40
CA GLU A 11 25.37 23.09 -2.59
C GLU A 11 24.34 23.77 -3.49
N VAL A 12 23.55 22.95 -4.17
CA VAL A 12 22.51 23.46 -5.07
C VAL A 12 21.20 23.63 -4.30
N PHE A 13 20.92 22.70 -3.39
CA PHE A 13 19.69 22.74 -2.61
C PHE A 13 19.94 22.74 -1.10
N ASP A 14 19.20 23.56 -0.37
CA ASP A 14 19.07 23.41 1.07
C ASP A 14 17.92 22.47 1.33
N VAL A 15 18.24 21.26 1.79
CA VAL A 15 17.21 20.25 2.05
C VAL A 15 16.63 20.45 3.45
N LEU A 16 15.31 20.48 3.53
CA LEU A 16 14.60 20.74 4.78
C LEU A 16 13.85 19.49 5.23
N GLU A 17 12.70 19.67 5.88
CA GLU A 17 12.01 18.56 6.52
C GLU A 17 11.47 17.53 5.52
N LYS A 18 11.50 16.27 5.93
CA LYS A 18 10.81 15.20 5.21
C LYS A 18 9.32 15.52 5.18
N LEU A 19 8.70 15.33 4.02
CA LEU A 19 7.28 15.63 3.85
C LEU A 19 6.43 14.35 3.88
N GLY A 20 7.04 13.21 3.59
CA GLY A 20 6.32 11.95 3.60
C GLY A 20 6.95 10.85 2.77
N GLU A 21 6.15 10.26 1.90
CA GLU A 21 6.57 9.13 1.07
C GLU A 21 6.17 9.33 -0.39
N TYR A 24 8.82 5.10 -5.18
CA TYR A 24 8.78 4.92 -3.73
C TYR A 24 10.06 5.44 -3.08
N GLY A 25 9.90 6.05 -1.92
CA GLY A 25 11.01 6.63 -1.19
C GLY A 25 10.54 7.87 -0.45
N SER A 26 11.39 8.40 0.41
CA SER A 26 11.06 9.61 1.16
C SER A 26 11.11 10.87 0.29
N VAL A 27 10.19 11.78 0.53
CA VAL A 27 10.14 13.07 -0.16
C VAL A 27 10.46 14.19 0.82
N PHE A 28 11.34 15.10 0.41
CA PHE A 28 11.76 16.20 1.27
C PHE A 28 11.42 17.53 0.63
N LYS A 29 11.23 18.53 1.47
CA LYS A 29 11.09 19.90 1.02
C LYS A 29 12.49 20.47 0.91
N ALA A 30 12.72 21.34 -0.06
CA ALA A 30 14.03 21.93 -0.23
C ALA A 30 13.95 23.28 -0.94
N ILE A 31 14.98 24.09 -0.76
CA ILE A 31 15.07 25.36 -1.46
C ILE A 31 16.21 25.32 -2.49
N HIS A 32 15.89 25.68 -3.73
CA HIS A 32 16.91 25.82 -4.75
C HIS A 32 17.65 27.14 -4.51
N LYS A 33 18.83 27.05 -3.90
CA LYS A 33 19.58 28.23 -3.43
C LYS A 33 19.66 29.40 -4.42
N GLU A 34 20.10 29.13 -5.65
CA GLU A 34 20.33 30.18 -6.64
C GLU A 34 19.10 31.04 -6.95
N SER A 35 17.92 30.43 -7.05
CA SER A 35 16.71 31.15 -7.47
C SER A 35 15.71 31.36 -6.32
N GLY A 36 15.98 30.78 -5.16
CA GLY A 36 15.10 30.87 -4.01
C GLY A 36 13.83 30.03 -4.05
N GLN A 37 13.54 29.41 -5.19
CA GLN A 37 12.30 28.63 -5.33
C GLN A 37 12.26 27.39 -4.44
N VAL A 38 11.17 27.22 -3.71
CA VAL A 38 10.96 26.02 -2.90
C VAL A 38 10.59 24.85 -3.83
N VAL A 39 11.21 23.69 -3.60
CA VAL A 39 10.94 22.50 -4.39
C VAL A 39 10.77 21.29 -3.50
N ALA A 40 10.39 20.18 -4.13
CA ALA A 40 10.29 18.89 -3.46
C ALA A 40 11.31 17.96 -4.06
N ILE A 41 12.03 17.24 -3.21
CA ILE A 41 13.04 16.30 -3.66
C ILE A 41 12.71 14.91 -3.14
N LYS A 42 12.49 13.98 -4.06
CA LYS A 42 12.28 12.58 -3.70
C LYS A 42 13.63 11.86 -3.77
N GLN A 43 13.97 11.17 -2.70
CA GLN A 43 15.23 10.42 -2.67
C GLN A 43 14.96 8.93 -2.76
N VAL A 44 15.38 8.35 -3.88
CA VAL A 44 15.15 6.94 -4.18
C VAL A 44 16.46 6.17 -4.03
N PRO A 45 16.45 5.09 -3.22
CA PRO A 45 17.67 4.26 -3.14
C PRO A 45 17.90 3.41 -4.39
N VAL A 46 19.16 3.13 -4.70
CA VAL A 46 19.53 2.41 -5.92
C VAL A 46 18.87 1.02 -6.01
N GLU A 47 18.58 0.44 -4.86
CA GLU A 47 17.93 -0.88 -4.82
C GLU A 47 16.56 -0.88 -5.50
N SER A 48 15.97 0.30 -5.66
CA SER A 48 14.60 0.42 -6.16
C SER A 48 14.43 -0.03 -7.61
N ASP A 49 13.19 -0.02 -8.08
CA ASP A 49 12.88 -0.40 -9.45
C ASP A 49 13.09 0.82 -10.35
N LEU A 50 14.35 1.08 -10.67
CA LEU A 50 14.73 2.33 -11.31
C LEU A 50 14.09 2.52 -12.68
N GLN A 51 13.98 1.44 -13.43
CA GLN A 51 13.40 1.50 -14.76
C GLN A 51 11.94 1.98 -14.71
N GLU A 52 11.29 1.74 -13.58
CA GLU A 52 9.92 2.19 -13.38
C GLU A 52 9.89 3.69 -13.08
N ILE A 53 10.83 4.12 -12.24
CA ILE A 53 11.03 5.54 -11.95
C ILE A 53 11.34 6.32 -13.22
N ILE A 54 12.29 5.79 -13.99
CA ILE A 54 12.74 6.45 -15.22
C ILE A 54 11.60 6.61 -16.20
N LYS A 55 10.72 5.61 -16.24
CA LYS A 55 9.50 5.71 -17.03
C LYS A 55 8.67 6.89 -16.53
N GLU A 56 8.57 7.04 -15.22
CA GLU A 56 7.77 8.11 -14.63
C GLU A 56 8.42 9.49 -14.87
N ILE A 57 9.73 9.57 -14.70
CA ILE A 57 10.46 10.80 -14.95
C ILE A 57 10.23 11.29 -16.38
N SER A 58 10.33 10.38 -17.34
CA SER A 58 10.17 10.70 -18.75
C SER A 58 8.77 11.22 -19.06
N ILE A 59 7.75 10.59 -18.51
CA ILE A 59 6.38 11.07 -18.68
C ILE A 59 6.29 12.52 -18.21
N MET A 60 6.86 12.80 -17.05
CA MET A 60 6.87 14.17 -16.54
C MET A 60 7.59 15.14 -17.48
N GLN A 61 8.78 14.78 -17.95
CA GLN A 61 9.54 15.67 -18.83
C GLN A 61 8.76 16.07 -20.06
N GLN A 62 7.90 15.16 -20.54
CA GLN A 62 7.17 15.38 -21.78
C GLN A 62 5.95 16.26 -21.55
N CYS A 63 5.59 16.45 -20.28
CA CYS A 63 4.48 17.34 -19.92
C CYS A 63 5.01 18.72 -19.58
N ASP A 64 4.29 19.75 -20.00
CA ASP A 64 4.64 21.12 -19.69
C ASP A 64 3.35 21.90 -19.59
N SER A 65 2.79 21.90 -18.39
CA SER A 65 1.45 22.43 -18.18
C SER A 65 1.33 22.91 -16.74
N PRO A 66 0.59 24.02 -16.55
CA PRO A 66 0.39 24.50 -15.18
C PRO A 66 -0.45 23.55 -14.35
N TYR A 67 -1.01 22.50 -14.95
CA TYR A 67 -1.93 21.58 -14.27
C TYR A 67 -1.34 20.18 -14.05
N VAL A 68 -0.04 20.04 -14.32
CA VAL A 68 0.67 18.78 -14.11
C VAL A 68 1.95 19.10 -13.37
N VAL A 69 2.21 18.35 -12.30
CA VAL A 69 3.42 18.55 -11.52
C VAL A 69 4.67 18.41 -12.39
N LYS A 70 5.53 19.43 -12.35
CA LYS A 70 6.71 19.49 -13.19
C LYS A 70 7.93 18.79 -12.59
N TYR A 71 8.80 18.31 -13.48
CA TYR A 71 10.09 17.72 -13.12
C TYR A 71 11.18 18.73 -13.45
N TYR A 72 12.14 18.91 -12.54
CA TYR A 72 13.19 19.92 -12.73
C TYR A 72 14.56 19.32 -13.01
N GLY A 73 14.78 18.08 -12.59
CA GLY A 73 16.04 17.42 -12.85
C GLY A 73 16.35 16.37 -11.81
N SER A 74 17.55 15.82 -11.90
CA SER A 74 17.96 14.71 -11.04
C SER A 74 19.42 14.81 -10.67
N TYR A 75 19.76 14.22 -9.52
CA TYR A 75 21.11 14.24 -8.99
C TYR A 75 21.34 12.93 -8.26
N PHE A 76 22.60 12.54 -8.16
CA PHE A 76 22.99 11.34 -7.42
C PHE A 76 23.75 11.75 -6.18
N LYS A 77 23.47 11.06 -5.07
CA LYS A 77 24.22 11.27 -3.84
C LYS A 77 24.27 9.98 -3.05
N ASN A 78 25.43 9.34 -3.05
CA ASN A 78 25.66 8.09 -2.31
C ASN A 78 24.69 6.99 -2.68
N THR A 79 24.65 6.64 -3.96
CA THR A 79 23.76 5.60 -4.51
C THR A 79 22.29 6.02 -4.62
N ASP A 80 21.86 6.99 -3.81
CA ASP A 80 20.51 7.51 -3.90
C ASP A 80 20.33 8.38 -5.14
N LEU A 81 19.15 8.30 -5.74
CA LEU A 81 18.77 9.20 -6.83
C LEU A 81 17.85 10.30 -6.27
N TRP A 82 18.24 11.55 -6.48
CA TRP A 82 17.41 12.70 -6.10
C TRP A 82 16.59 13.17 -7.28
N ILE A 83 15.26 13.13 -7.15
CA ILE A 83 14.38 13.64 -8.19
C ILE A 83 13.78 14.95 -7.72
N VAL A 84 14.09 16.04 -8.41
CA VAL A 84 13.65 17.38 -8.03
C VAL A 84 12.36 17.73 -8.78
N MET A 85 11.30 18.04 -8.04
CA MET A 85 9.98 18.29 -8.62
C MET A 85 9.33 19.59 -8.11
N GLU A 86 8.21 19.95 -8.72
CA GLU A 86 7.42 21.08 -8.29
C GLU A 86 6.87 20.80 -6.90
N TYR A 87 7.02 21.78 -6.01
CA TYR A 87 6.53 21.65 -4.64
C TYR A 87 5.09 22.08 -4.55
N CYS A 88 4.24 21.19 -4.02
CA CYS A 88 2.83 21.48 -3.76
C CYS A 88 2.56 21.38 -2.26
N GLY A 89 2.70 22.51 -1.57
CA GLY A 89 2.73 22.56 -0.13
C GLY A 89 1.48 22.14 0.62
N ALA A 90 0.32 22.17 -0.04
CA ALA A 90 -0.92 21.77 0.62
C ALA A 90 -1.11 20.26 0.62
N GLY A 91 -0.25 19.53 -0.10
CA GLY A 91 -0.38 18.10 -0.21
C GLY A 91 -1.53 17.73 -1.14
N SER A 92 -1.96 16.48 -1.07
CA SER A 92 -3.03 16.02 -1.95
C SER A 92 -4.40 16.39 -1.41
N VAL A 93 -5.42 16.31 -2.26
CA VAL A 93 -6.77 16.59 -1.83
C VAL A 93 -7.15 15.63 -0.73
N SER A 94 -6.83 14.35 -0.93
CA SER A 94 -7.08 13.32 0.07
C SER A 94 -6.42 13.66 1.40
N ASP A 95 -5.22 14.24 1.36
CA ASP A 95 -4.49 14.60 2.57
C ASP A 95 -5.23 15.71 3.31
N ILE A 96 -5.72 16.66 2.53
CA ILE A 96 -6.40 17.83 3.06
C ILE A 96 -7.69 17.40 3.75
N ILE A 97 -8.38 16.44 3.15
CA ILE A 97 -9.62 15.90 3.73
C ILE A 97 -9.30 15.18 5.03
N ARG A 98 -8.30 14.32 4.98
CA ARG A 98 -7.87 13.57 6.15
C ARG A 98 -7.39 14.48 7.28
N LEU A 99 -6.47 15.39 6.96
CA LEU A 99 -5.88 16.27 7.96
C LEU A 99 -6.90 17.14 8.69
N ARG A 100 -7.82 17.72 7.94
CA ARG A 100 -8.85 18.56 8.52
C ARG A 100 -10.01 17.71 9.03
N ASN A 101 -10.01 16.42 8.71
CA ASN A 101 -11.11 15.53 9.07
C ASN A 101 -12.45 16.10 8.61
N LYS A 102 -12.52 16.47 7.34
CA LYS A 102 -13.65 17.22 6.82
C LYS A 102 -13.67 17.10 5.30
N THR A 103 -14.83 16.77 4.75
CA THR A 103 -14.98 16.64 3.31
C THR A 103 -15.08 18.03 2.70
N LEU A 104 -14.96 18.11 1.38
CA LEU A 104 -15.02 19.38 0.70
C LEU A 104 -16.44 19.75 0.32
N ILE A 105 -16.77 21.03 0.42
CA ILE A 105 -18.08 21.50 0.00
C ILE A 105 -18.07 21.73 -1.52
N GLU A 106 -19.24 21.89 -2.11
CA GLU A 106 -19.40 21.94 -3.56
C GLU A 106 -18.49 22.94 -4.25
N ASP A 107 -18.47 24.16 -3.75
CA ASP A 107 -17.69 25.23 -4.35
C ASP A 107 -16.23 24.81 -4.44
N GLU A 108 -15.74 24.23 -3.35
CA GLU A 108 -14.35 23.80 -3.25
C GLU A 108 -14.04 22.72 -4.27
N ILE A 109 -14.96 21.77 -4.41
CA ILE A 109 -14.82 20.70 -5.38
C ILE A 109 -14.82 21.24 -6.82
N ALA A 110 -15.77 22.11 -7.14
CA ALA A 110 -15.84 22.68 -8.48
C ALA A 110 -14.55 23.41 -8.85
N THR A 111 -14.00 24.18 -7.92
CA THR A 111 -12.79 24.94 -8.19
C THR A 111 -11.60 24.03 -8.47
N ILE A 112 -11.50 22.94 -7.72
CA ILE A 112 -10.38 22.03 -7.84
C ILE A 112 -10.51 21.17 -9.10
N LEU A 113 -11.72 20.72 -9.38
CA LEU A 113 -11.96 19.87 -10.51
C LEU A 113 -11.82 20.64 -11.82
N LYS A 114 -12.00 21.95 -11.78
CA LYS A 114 -11.79 22.76 -12.97
C LYS A 114 -10.33 22.69 -13.42
N SER A 115 -9.41 22.86 -12.49
CA SER A 115 -7.99 22.79 -12.80
C SER A 115 -7.60 21.36 -13.12
N THR A 116 -8.18 20.40 -12.39
CA THR A 116 -7.97 18.99 -12.67
C THR A 116 -8.38 18.64 -14.11
N LEU A 117 -9.55 19.14 -14.53
CA LEU A 117 -10.05 18.91 -15.88
C LEU A 117 -9.15 19.56 -16.93
N LYS A 118 -8.57 20.71 -16.62
CA LYS A 118 -7.64 21.35 -17.54
C LYS A 118 -6.36 20.50 -17.67
N GLY A 119 -6.00 19.80 -16.60
CA GLY A 119 -4.88 18.88 -16.64
C GLY A 119 -5.20 17.69 -17.53
N LEU A 120 -6.35 17.07 -17.31
CA LEU A 120 -6.76 15.95 -18.13
C LEU A 120 -6.89 16.34 -19.60
N GLU A 121 -7.49 17.48 -19.89
CA GLU A 121 -7.64 17.96 -21.25
C GLU A 121 -6.30 18.09 -21.95
N TYR A 122 -5.31 18.58 -21.21
CA TYR A 122 -3.98 18.76 -21.75
C TYR A 122 -3.38 17.40 -22.05
N LEU A 123 -3.49 16.50 -21.08
CA LEU A 123 -2.92 15.17 -21.22
C LEU A 123 -3.58 14.44 -22.38
N HIS A 124 -4.90 14.48 -22.43
CA HIS A 124 -5.62 13.77 -23.46
C HIS A 124 -5.31 14.35 -24.84
N PHE A 125 -5.02 15.64 -24.90
CA PHE A 125 -4.66 16.27 -26.18
C PHE A 125 -3.32 15.71 -26.66
N MET A 126 -2.40 15.52 -25.74
CA MET A 126 -1.08 14.96 -26.04
C MET A 126 -1.15 13.43 -26.14
N ARG A 127 -2.36 12.89 -26.25
CA ARG A 127 -2.57 11.45 -26.41
C ARG A 127 -2.06 10.65 -25.20
N LYS A 128 -1.97 11.31 -24.05
CA LYS A 128 -1.60 10.67 -22.79
C LYS A 128 -2.83 10.37 -21.94
N ILE A 129 -2.72 9.35 -21.10
CA ILE A 129 -3.77 8.96 -20.16
C ILE A 129 -3.15 8.96 -18.76
N HIS A 130 -3.88 9.44 -17.75
CA HIS A 130 -3.33 9.46 -16.39
C HIS A 130 -3.35 8.07 -15.74
N ARG A 131 -4.52 7.43 -15.80
CA ARG A 131 -4.75 6.03 -15.38
C ARG A 131 -5.05 5.85 -13.88
N ASN A 132 -4.54 6.76 -13.06
N ASN A 132 -4.54 6.72 -13.03
CA ASN A 132 -4.71 6.70 -11.61
CA ASN A 132 -4.85 6.63 -11.59
C ASN A 132 -5.33 7.99 -11.02
C ASN A 132 -5.35 7.95 -11.02
N ILE A 133 -6.40 8.50 -11.63
CA ILE A 133 -7.07 9.69 -11.12
C ILE A 133 -7.86 9.38 -9.86
N LYS A 134 -7.58 10.13 -8.79
CA LYS A 134 -8.23 9.95 -7.48
C LYS A 134 -7.74 11.11 -6.63
N ALA A 135 -8.48 11.44 -5.57
CA ALA A 135 -8.14 12.59 -4.71
C ALA A 135 -6.69 12.54 -4.24
N GLY A 136 -6.22 11.34 -3.92
CA GLY A 136 -4.82 11.15 -3.55
C GLY A 136 -3.79 11.58 -4.58
N ASN A 137 -4.15 11.65 -5.86
CA ASN A 137 -3.19 12.01 -6.91
C ASN A 137 -3.43 13.40 -7.52
N ILE A 138 -4.30 14.17 -6.86
CA ILE A 138 -4.49 15.58 -7.17
C ILE A 138 -3.86 16.41 -6.05
N LEU A 139 -2.87 17.21 -6.42
CA LEU A 139 -2.06 17.94 -5.46
C LEU A 139 -2.36 19.44 -5.55
N LEU A 140 -2.34 20.13 -4.42
CA LEU A 140 -2.55 21.58 -4.39
C LEU A 140 -1.29 22.30 -3.91
N ASN A 141 -0.88 23.35 -4.62
CA ASN A 141 0.18 24.21 -4.12
C ASN A 141 -0.39 25.22 -3.13
N THR A 142 0.48 26.02 -2.54
CA THR A 142 0.07 26.94 -1.48
C THR A 142 -0.88 28.01 -2.01
N GLU A 143 -0.95 28.15 -3.33
CA GLU A 143 -1.83 29.16 -3.92
C GLU A 143 -3.22 28.62 -4.22
N GLY A 144 -3.41 27.31 -4.06
CA GLY A 144 -4.68 26.67 -4.36
C GLY A 144 -4.79 26.11 -5.78
N HIS A 145 -3.67 26.02 -6.48
CA HIS A 145 -3.65 25.49 -7.85
C HIS A 145 -3.53 23.98 -7.84
N ALA A 146 -4.55 23.29 -8.37
CA ALA A 146 -4.52 21.84 -8.46
C ALA A 146 -3.65 21.38 -9.62
N LYS A 147 -2.94 20.27 -9.42
CA LYS A 147 -2.02 19.72 -10.40
C LYS A 147 -2.06 18.21 -10.34
N LEU A 148 -2.03 17.58 -11.50
CA LEU A 148 -2.01 16.12 -11.58
C LEU A 148 -0.62 15.59 -11.28
N ALA A 149 -0.57 14.47 -10.56
CA ALA A 149 0.69 13.84 -10.19
C ALA A 149 0.53 12.34 -10.08
N ASP A 150 1.65 11.65 -9.92
CA ASP A 150 1.71 10.19 -9.75
C ASP A 150 0.85 9.42 -10.75
N PHE A 151 1.19 9.60 -12.02
CA PHE A 151 0.52 8.95 -13.12
C PHE A 151 0.66 7.44 -12.97
N GLY A 152 -0.30 6.69 -13.51
CA GLY A 152 -0.11 5.28 -13.73
C GLY A 152 0.73 5.13 -14.99
N VAL A 153 1.14 3.92 -15.31
CA VAL A 153 1.91 3.67 -16.54
C VAL A 153 1.19 2.70 -17.45
N ALA A 154 1.40 2.86 -18.75
CA ALA A 154 0.87 1.94 -19.76
C ALA A 154 1.20 0.49 -19.39
N GLY A 155 0.20 -0.36 -19.48
CA GLY A 155 0.38 -1.79 -19.28
C GLY A 155 0.50 -2.21 -17.83
N GLN A 156 0.15 -1.32 -16.91
CA GLN A 156 0.30 -1.62 -15.48
C GLN A 156 -0.59 -2.77 -15.03
N LEU A 157 -1.71 -2.98 -15.73
CA LEU A 157 -2.64 -4.07 -15.41
C LEU A 157 -2.13 -5.44 -15.85
N THR A 158 -1.07 -5.47 -16.67
CA THR A 158 -0.53 -6.74 -17.16
C THR A 158 0.99 -6.82 -17.00
N ASP A 159 1.51 -6.11 -16.02
CA ASP A 159 2.92 -6.21 -15.66
C ASP A 159 3.09 -7.45 -14.80
N THR A 160 4.26 -7.60 -14.17
CA THR A 160 4.50 -8.74 -13.26
C THR A 160 3.48 -8.73 -12.12
N MET A 161 3.36 -9.86 -11.44
CA MET A 161 2.31 -10.06 -10.44
C MET A 161 2.30 -8.98 -9.35
N ALA A 162 3.46 -8.70 -8.78
CA ALA A 162 3.56 -7.79 -7.64
C ALA A 162 3.15 -6.38 -8.00
N LYS A 163 3.61 -5.90 -9.16
CA LYS A 163 3.35 -4.53 -9.60
C LYS A 163 1.91 -4.42 -10.11
N ARG A 164 1.40 -5.52 -10.65
CA ARG A 164 0.06 -5.61 -11.20
C ARG A 164 -0.99 -5.68 -10.09
N ASN A 165 -0.73 -6.49 -9.08
CA ASN A 165 -1.65 -6.67 -7.97
C ASN A 165 -1.80 -5.40 -7.14
N THR A 166 -0.80 -4.54 -7.22
CA THR A 166 -0.88 -3.23 -6.58
C THR A 166 -2.03 -2.45 -7.18
N VAL A 167 -2.16 -2.50 -8.50
CA VAL A 167 -3.20 -1.77 -9.21
C VAL A 167 -4.56 -2.44 -9.02
N ILE A 168 -4.62 -3.75 -9.24
CA ILE A 168 -5.86 -4.49 -9.15
C ILE A 168 -6.43 -4.45 -7.75
N GLY A 169 -5.56 -4.49 -6.74
CA GLY A 169 -5.94 -4.46 -5.35
C GLY A 169 -6.78 -3.26 -4.92
N THR A 170 -6.74 -2.18 -5.70
CA THR A 170 -7.49 -0.95 -5.41
C THR A 170 -8.26 -0.49 -6.65
N PRO A 171 -9.43 -1.08 -6.90
CA PRO A 171 -10.12 -0.87 -8.17
C PRO A 171 -11.24 0.14 -8.15
N PHE A 172 -11.44 0.85 -7.03
CA PHE A 172 -12.67 1.62 -6.82
C PHE A 172 -12.83 2.79 -7.81
N TRP A 173 -11.71 3.27 -8.35
CA TRP A 173 -11.75 4.41 -9.29
C TRP A 173 -11.69 3.98 -10.76
N MET A 174 -11.75 2.68 -11.04
CA MET A 174 -11.66 2.19 -12.41
C MET A 174 -13.02 2.22 -13.15
N ALA A 175 -12.98 2.67 -14.40
CA ALA A 175 -14.15 2.64 -15.26
C ALA A 175 -14.52 1.21 -15.63
N PRO A 176 -15.81 0.96 -15.93
CA PRO A 176 -16.27 -0.39 -16.30
C PRO A 176 -15.46 -1.01 -17.45
N GLU A 177 -15.17 -0.24 -18.51
CA GLU A 177 -14.49 -0.78 -19.68
C GLU A 177 -13.04 -1.15 -19.37
N VAL A 178 -12.45 -0.47 -18.40
CA VAL A 178 -11.07 -0.75 -17.99
C VAL A 178 -11.01 -2.16 -17.41
N ILE A 179 -12.01 -2.52 -16.62
CA ILE A 179 -12.12 -3.86 -16.07
C ILE A 179 -12.45 -4.87 -17.18
N GLN A 180 -13.39 -4.51 -18.06
CA GLN A 180 -13.83 -5.42 -19.11
C GLN A 180 -12.77 -5.67 -20.18
N GLU A 181 -12.04 -4.63 -20.58
CA GLU A 181 -11.04 -4.75 -21.64
C GLU A 181 -9.62 -4.90 -21.11
N ILE A 182 -9.43 -4.71 -19.81
CA ILE A 182 -8.11 -4.75 -19.19
C ILE A 182 -7.12 -3.82 -19.91
N GLY A 183 -7.49 -2.54 -19.98
CA GLY A 183 -6.63 -1.51 -20.53
C GLY A 183 -7.28 -0.15 -20.32
N TYR A 184 -6.65 0.89 -20.84
CA TYR A 184 -7.15 2.24 -20.65
C TYR A 184 -7.22 3.01 -21.96
N ASN A 185 -8.24 3.85 -22.07
CA ASN A 185 -8.25 4.94 -23.03
C ASN A 185 -8.41 6.23 -22.23
N CYS A 186 -8.13 7.36 -22.86
CA CYS A 186 -8.25 8.67 -22.22
C CYS A 186 -9.55 8.81 -21.44
N VAL A 187 -10.63 8.36 -22.06
CA VAL A 187 -11.97 8.51 -21.51
C VAL A 187 -12.12 7.81 -20.16
N ALA A 188 -11.20 6.91 -19.84
CA ALA A 188 -11.22 6.24 -18.53
C ALA A 188 -10.95 7.22 -17.38
N ASP A 189 -10.13 8.23 -17.62
CA ASP A 189 -9.82 9.24 -16.62
C ASP A 189 -11.08 10.01 -16.20
N ILE A 190 -12.00 10.20 -17.14
CA ILE A 190 -13.22 10.96 -16.86
C ILE A 190 -14.11 10.19 -15.89
N TRP A 191 -14.22 8.88 -16.07
CA TRP A 191 -14.96 8.08 -15.10
C TRP A 191 -14.34 8.25 -13.73
N SER A 192 -13.01 8.20 -13.66
CA SER A 192 -12.33 8.27 -12.39
C SER A 192 -12.55 9.63 -11.75
N LEU A 193 -12.66 10.66 -12.58
CA LEU A 193 -12.92 12.00 -12.08
C LEU A 193 -14.27 12.02 -11.36
N GLY A 194 -15.23 11.31 -11.92
CA GLY A 194 -16.57 11.24 -11.35
C GLY A 194 -16.55 10.57 -10.00
N ILE A 195 -15.81 9.48 -9.90
CA ILE A 195 -15.66 8.77 -8.63
C ILE A 195 -14.96 9.67 -7.65
N THR A 196 -14.02 10.47 -8.14
CA THR A 196 -13.25 11.36 -7.29
C THR A 196 -14.12 12.49 -6.76
N SER A 197 -15.07 12.95 -7.56
CA SER A 197 -15.93 14.02 -7.12
C SER A 197 -16.78 13.52 -5.94
N ILE A 198 -17.25 12.27 -6.03
CA ILE A 198 -17.94 11.63 -4.91
C ILE A 198 -17.02 11.49 -3.70
N GLU A 199 -15.82 10.98 -3.94
CA GLU A 199 -14.81 10.84 -2.89
C GLU A 199 -14.59 12.17 -2.15
N MET A 200 -14.49 13.26 -2.89
CA MET A 200 -14.20 14.56 -2.30
C MET A 200 -15.37 15.09 -1.49
N ALA A 201 -16.59 14.67 -1.85
CA ALA A 201 -17.80 15.16 -1.21
C ALA A 201 -18.22 14.30 -0.01
N GLU A 202 -17.93 13.00 -0.08
CA GLU A 202 -18.41 12.04 0.92
C GLU A 202 -17.27 11.42 1.72
N GLY A 203 -16.05 11.52 1.19
CA GLY A 203 -14.86 11.07 1.91
C GLY A 203 -14.34 9.71 1.45
N LYS A 204 -15.14 8.99 0.68
CA LYS A 204 -14.74 7.68 0.17
C LYS A 204 -15.39 7.44 -1.17
N PRO A 205 -14.74 6.63 -2.04
CA PRO A 205 -15.42 6.22 -3.27
C PRO A 205 -16.46 5.16 -2.94
N PRO A 206 -17.45 4.97 -3.82
CA PRO A 206 -18.34 3.82 -3.65
C PRO A 206 -17.55 2.51 -3.59
N TYR A 207 -18.05 1.54 -2.83
CA TYR A 207 -17.45 0.21 -2.70
C TYR A 207 -16.17 0.19 -1.86
N ALA A 208 -15.73 1.36 -1.40
CA ALA A 208 -14.49 1.51 -0.62
C ALA A 208 -14.34 0.51 0.52
N ASP A 209 -15.44 0.16 1.18
CA ASP A 209 -15.38 -0.76 2.32
C ASP A 209 -15.71 -2.19 1.90
N ILE A 210 -15.96 -2.38 0.61
CA ILE A 210 -16.26 -3.69 0.05
C ILE A 210 -14.97 -4.36 -0.41
N HIS A 211 -14.93 -5.70 -0.33
CA HIS A 211 -13.77 -6.46 -0.79
C HIS A 211 -13.47 -6.11 -2.25
N PRO A 212 -12.19 -5.81 -2.57
CA PRO A 212 -11.81 -5.32 -3.91
C PRO A 212 -12.30 -6.17 -5.09
N MET A 213 -12.25 -7.49 -4.95
CA MET A 213 -12.69 -8.39 -6.00
C MET A 213 -14.20 -8.34 -6.21
N ARG A 214 -14.94 -8.05 -5.15
CA ARG A 214 -16.39 -7.88 -5.30
C ARG A 214 -16.67 -6.55 -6.00
N ALA A 215 -15.84 -5.55 -5.76
CA ALA A 215 -16.02 -4.27 -6.41
C ALA A 215 -15.74 -4.40 -7.91
N ILE A 216 -14.72 -5.17 -8.25
CA ILE A 216 -14.36 -5.41 -9.64
C ILE A 216 -15.51 -6.08 -10.40
N PHE A 217 -16.21 -7.00 -9.76
CA PHE A 217 -17.39 -7.59 -10.38
C PHE A 217 -18.56 -6.61 -10.49
N MET A 218 -18.75 -5.79 -9.46
CA MET A 218 -19.91 -4.91 -9.39
C MET A 218 -19.83 -3.73 -10.36
N ILE A 219 -18.65 -3.15 -10.53
CA ILE A 219 -18.50 -1.94 -11.34
C ILE A 219 -19.08 -2.07 -12.76
N PRO A 220 -18.71 -3.12 -13.51
CA PRO A 220 -19.29 -3.27 -14.85
C PRO A 220 -20.72 -3.79 -14.84
N THR A 221 -21.12 -4.42 -13.74
CA THR A 221 -22.44 -5.05 -13.64
C THR A 221 -23.53 -4.08 -13.17
N ASN A 222 -23.22 -3.24 -12.19
CA ASN A 222 -24.20 -2.39 -11.55
C ASN A 222 -24.45 -1.07 -12.30
N PRO A 223 -25.57 -0.41 -12.00
CA PRO A 223 -25.78 0.92 -12.58
C PRO A 223 -24.76 1.90 -12.02
N PRO A 224 -24.56 3.03 -12.70
CA PRO A 224 -23.54 4.00 -12.27
C PRO A 224 -23.79 4.47 -10.84
N PRO A 225 -22.73 4.66 -10.05
CA PRO A 225 -22.91 5.18 -8.69
C PRO A 225 -23.59 6.55 -8.64
N THR A 226 -24.17 6.89 -7.49
CA THR A 226 -24.68 8.23 -7.24
C THR A 226 -24.29 8.66 -5.83
N PHE A 227 -24.59 9.90 -5.48
CA PHE A 227 -24.40 10.35 -4.11
C PHE A 227 -25.28 9.52 -3.19
N ARG A 228 -24.82 9.28 -1.96
CA ARG A 228 -25.61 8.55 -0.98
C ARG A 228 -26.86 9.33 -0.58
N LYS A 229 -26.74 10.65 -0.53
CA LYS A 229 -27.88 11.52 -0.24
C LYS A 229 -27.92 12.67 -1.26
N PRO A 230 -28.50 12.43 -2.44
CA PRO A 230 -28.58 13.41 -3.53
C PRO A 230 -29.24 14.74 -3.12
N GLU A 231 -30.05 14.74 -2.07
CA GLU A 231 -30.71 15.97 -1.63
C GLU A 231 -29.73 17.02 -1.11
N LEU A 232 -28.56 16.58 -0.64
CA LEU A 232 -27.55 17.49 -0.11
C LEU A 232 -26.79 18.24 -1.19
N TRP A 233 -26.99 17.87 -2.45
CA TRP A 233 -26.15 18.39 -3.54
C TRP A 233 -26.97 19.08 -4.62
N SER A 234 -26.40 20.15 -5.18
CA SER A 234 -27.05 20.90 -6.24
C SER A 234 -27.23 20.06 -7.51
N ASP A 235 -28.09 20.54 -8.42
CA ASP A 235 -28.38 19.84 -9.66
C ASP A 235 -27.19 19.86 -10.61
N ASP A 236 -26.44 20.96 -10.61
CA ASP A 236 -25.23 21.05 -11.41
C ASP A 236 -24.23 19.97 -11.00
N PHE A 237 -24.00 19.80 -9.70
CA PHE A 237 -23.04 18.81 -9.21
C PHE A 237 -23.54 17.40 -9.54
N THR A 238 -24.81 17.19 -9.24
CA THR A 238 -25.47 15.91 -9.49
C THR A 238 -25.37 15.52 -10.95
N ASP A 239 -25.63 16.47 -11.84
CA ASP A 239 -25.59 16.21 -13.27
C ASP A 239 -24.15 16.04 -13.78
N PHE A 240 -23.22 16.78 -13.20
CA PHE A 240 -21.82 16.68 -13.57
C PHE A 240 -21.33 15.26 -13.33
N VAL A 241 -21.58 14.76 -12.13
CA VAL A 241 -21.18 13.40 -11.78
C VAL A 241 -21.85 12.39 -12.69
N LYS A 242 -23.11 12.64 -13.03
CA LYS A 242 -23.85 11.74 -13.90
C LYS A 242 -23.19 11.66 -15.28
N LYS A 243 -22.66 12.78 -15.77
CA LYS A 243 -22.04 12.82 -17.09
C LYS A 243 -20.69 12.10 -17.07
N CYS A 244 -19.95 12.25 -15.98
CA CYS A 244 -18.68 11.56 -15.80
C CYS A 244 -18.89 10.05 -15.77
N LEU A 245 -19.94 9.62 -15.08
CA LEU A 245 -20.14 8.20 -14.78
C LEU A 245 -21.07 7.51 -15.79
N VAL A 246 -20.88 7.83 -17.06
CA VAL A 246 -21.55 7.10 -18.13
C VAL A 246 -20.78 5.80 -18.37
N LYS A 247 -21.48 4.67 -18.25
CA LYS A 247 -20.83 3.36 -18.37
C LYS A 247 -20.28 3.07 -19.76
N ASN A 248 -21.02 3.42 -20.80
CA ASN A 248 -20.54 3.26 -22.18
C ASN A 248 -19.48 4.32 -22.47
N PRO A 249 -18.21 3.91 -22.62
CA PRO A 249 -17.19 4.95 -22.81
C PRO A 249 -17.40 5.80 -24.06
N GLU A 250 -18.11 5.26 -25.05
CA GLU A 250 -18.37 6.00 -26.29
C GLU A 250 -19.29 7.19 -26.06
N GLN A 251 -20.08 7.15 -24.99
CA GLN A 251 -21.07 8.20 -24.71
C GLN A 251 -20.66 9.06 -23.52
N ARG A 252 -19.45 8.87 -23.02
CA ARG A 252 -18.97 9.64 -21.87
C ARG A 252 -18.39 10.98 -22.32
N ALA A 253 -18.74 12.03 -21.60
CA ALA A 253 -18.21 13.36 -21.86
C ALA A 253 -16.69 13.38 -21.85
N THR A 254 -16.09 14.23 -22.68
CA THR A 254 -14.65 14.46 -22.66
C THR A 254 -14.31 15.59 -21.70
N ALA A 255 -13.03 15.77 -21.44
CA ALA A 255 -12.56 16.87 -20.61
C ALA A 255 -13.02 18.23 -21.15
N THR A 256 -12.82 18.45 -22.45
CA THR A 256 -13.16 19.74 -23.06
C THR A 256 -14.65 20.02 -22.89
N GLN A 257 -15.47 18.99 -23.02
CA GLN A 257 -16.91 19.14 -22.86
C GLN A 257 -17.30 19.44 -21.42
N LEU A 258 -16.67 18.75 -20.46
CA LEU A 258 -16.98 18.99 -19.05
C LEU A 258 -16.52 20.37 -18.58
N LEU A 259 -15.54 20.95 -19.25
CA LEU A 259 -15.10 22.29 -18.92
C LEU A 259 -16.16 23.34 -19.25
N GLN A 260 -17.18 22.94 -20.01
CA GLN A 260 -18.29 23.84 -20.35
C GLN A 260 -19.54 23.48 -19.57
N HIS A 261 -19.45 22.49 -18.70
CA HIS A 261 -20.58 22.11 -17.86
C HIS A 261 -20.80 23.23 -16.84
N PRO A 262 -22.07 23.53 -16.52
CA PRO A 262 -22.36 24.61 -15.57
C PRO A 262 -21.61 24.46 -14.23
N PHE A 263 -21.55 23.23 -13.71
CA PHE A 263 -20.87 22.98 -12.44
C PHE A 263 -19.42 23.50 -12.46
N ILE A 264 -18.75 23.37 -13.61
CA ILE A 264 -17.34 23.75 -13.73
C ILE A 264 -17.19 25.19 -14.23
N LYS A 265 -17.98 25.55 -15.24
CA LYS A 265 -17.82 26.86 -15.89
C LYS A 265 -18.05 28.01 -14.90
N ASN A 266 -18.77 27.74 -13.82
CA ASN A 266 -19.08 28.77 -12.82
C ASN A 266 -18.26 28.60 -11.55
N ALA A 267 -17.17 27.84 -11.63
CA ALA A 267 -16.31 27.62 -10.48
C ALA A 267 -15.75 28.93 -9.96
N LYS A 268 -15.71 29.08 -8.65
CA LYS A 268 -15.14 30.28 -8.05
C LYS A 268 -13.61 30.21 -8.11
N PRO A 269 -12.95 31.38 -8.01
CA PRO A 269 -11.48 31.40 -8.06
C PRO A 269 -10.85 30.62 -6.92
N VAL A 270 -9.57 30.28 -7.04
CA VAL A 270 -8.86 29.50 -6.02
C VAL A 270 -8.77 30.20 -4.65
N SER A 271 -9.05 31.50 -4.61
CA SER A 271 -9.06 32.23 -3.36
C SER A 271 -9.99 31.60 -2.32
N ILE A 272 -11.05 30.91 -2.76
CA ILE A 272 -11.95 30.25 -1.81
C ILE A 272 -11.33 29.03 -1.14
N LEU A 273 -10.12 28.66 -1.55
CA LEU A 273 -9.44 27.52 -0.95
C LEU A 273 -8.41 27.96 0.08
N ARG A 274 -8.25 29.27 0.26
CA ARG A 274 -7.13 29.78 1.05
C ARG A 274 -7.19 29.31 2.49
N ASP A 275 -8.35 29.42 3.11
CA ASP A 275 -8.49 29.07 4.52
C ASP A 275 -8.26 27.58 4.73
N LEU A 276 -8.78 26.73 3.86
CA LEU A 276 -8.69 25.29 4.10
C LEU A 276 -7.25 24.80 3.89
N ILE A 277 -6.50 25.51 3.05
CA ILE A 277 -5.08 25.22 2.86
C ILE A 277 -4.24 25.72 4.05
N THR A 278 -4.60 26.87 4.62
CA THR A 278 -3.93 27.35 5.82
C THR A 278 -4.11 26.31 6.93
N GLU A 279 -5.35 25.86 7.09
CA GLU A 279 -5.69 24.86 8.09
C GLU A 279 -4.92 23.56 7.88
N ALA A 280 -5.03 22.97 6.69
CA ALA A 280 -4.37 21.70 6.40
C ALA A 280 -2.88 21.79 6.68
N MET A 281 -2.24 22.85 6.18
CA MET A 281 -0.81 23.03 6.41
C MET A 281 -0.47 23.26 7.89
N GLU A 282 -1.29 24.01 8.61
CA GLU A 282 -1.03 24.23 10.05
C GLU A 282 -1.12 22.92 10.82
N ILE A 283 -2.05 22.05 10.40
CA ILE A 283 -2.23 20.78 11.11
C ILE A 283 -1.05 19.87 10.83
N LYS A 284 -0.60 19.83 9.58
CA LYS A 284 0.54 19.01 9.19
C LYS A 284 1.82 19.45 9.90
N ALA A 285 2.04 20.76 10.02
CA ALA A 285 3.22 21.28 10.69
C ALA A 285 3.18 20.99 12.18
N LYS A 286 1.98 21.09 12.77
CA LYS A 286 1.80 20.87 14.19
C LYS A 286 2.12 19.41 14.55
N ARG A 287 1.65 18.48 13.73
CA ARG A 287 1.89 17.07 13.97
C ARG A 287 3.35 16.73 13.74
N HIS A 288 4.01 17.52 12.89
CA HIS A 288 5.41 17.35 12.62
C HIS A 288 6.27 17.73 13.82
N GLU A 289 5.87 18.80 14.52
CA GLU A 289 6.55 19.19 15.76
C GLU A 289 6.43 18.08 16.81
N GLU A 290 5.23 17.54 16.93
CA GLU A 290 4.92 16.55 17.95
C GLU A 290 5.62 15.20 17.70
N GLN A 291 5.77 14.84 16.42
CA GLN A 291 6.33 13.53 16.08
C GLN A 291 7.84 13.45 16.34
N GLN A 292 8.52 14.60 16.28
CA GLN A 292 9.95 14.67 16.51
C GLN A 292 10.26 14.97 17.98
N ARG A 293 9.25 15.40 18.71
CA ARG A 293 9.36 15.64 20.15
C ARG A 293 9.67 14.33 20.89
N GLU A 294 9.48 13.21 20.21
CA GLU A 294 9.77 11.89 20.78
C GLU A 294 10.55 11.04 19.81
N SER B 4 -4.47 -16.86 37.06
CA SER B 4 -4.74 -15.71 37.91
C SER B 4 -5.55 -14.67 37.14
N LEU B 5 -5.58 -13.45 37.67
CA LEU B 5 -6.42 -12.39 37.14
C LEU B 5 -5.63 -11.14 36.74
N THR B 6 -4.68 -10.76 37.60
CA THR B 6 -3.88 -9.57 37.36
C THR B 6 -2.74 -9.86 36.38
N LYS B 7 -2.55 -11.13 36.06
CA LYS B 7 -1.44 -11.56 35.21
C LYS B 7 -1.56 -11.01 33.79
N GLN B 8 -0.52 -10.29 33.36
CA GLN B 8 -0.45 -9.74 32.01
C GLN B 8 -0.27 -10.87 30.98
N PRO B 9 -0.69 -10.64 29.71
CA PRO B 9 -0.52 -11.62 28.63
C PRO B 9 0.89 -12.23 28.50
N GLU B 10 1.92 -11.40 28.54
CA GLU B 10 3.29 -11.88 28.38
C GLU B 10 3.75 -12.72 29.57
N GLU B 11 2.94 -12.75 30.63
CA GLU B 11 3.23 -13.58 31.79
C GLU B 11 2.48 -14.91 31.72
N VAL B 12 1.38 -14.94 30.98
CA VAL B 12 0.60 -16.15 30.78
C VAL B 12 1.23 -17.00 29.68
N PHE B 13 1.67 -16.34 28.61
CA PHE B 13 2.25 -17.05 27.47
C PHE B 13 3.72 -16.68 27.28
N ASP B 14 4.52 -17.68 26.96
CA ASP B 14 5.91 -17.48 26.60
C ASP B 14 6.01 -17.53 25.08
N VAL B 15 5.96 -16.35 24.45
CA VAL B 15 5.94 -16.24 23.00
C VAL B 15 7.28 -16.64 22.38
N LEU B 16 7.22 -17.41 21.31
CA LEU B 16 8.40 -17.92 20.63
C LEU B 16 8.43 -17.40 19.19
N GLU B 17 9.09 -18.14 18.30
CA GLU B 17 9.31 -17.67 16.93
C GLU B 17 8.02 -17.32 16.19
N LYS B 18 8.15 -16.43 15.21
CA LYS B 18 7.05 -16.14 14.30
C LYS B 18 6.83 -17.33 13.38
N LEU B 19 5.58 -17.58 13.01
CA LEU B 19 5.25 -18.71 12.14
C LEU B 19 4.84 -18.24 10.74
N GLY B 20 4.56 -16.95 10.62
CA GLY B 20 4.15 -16.36 9.35
C GLY B 20 2.91 -15.50 9.48
N GLU B 21 1.91 -15.81 8.66
CA GLU B 21 0.65 -15.07 8.66
C GLU B 21 -0.53 -16.01 8.49
N GLY B 25 -3.12 -10.41 9.68
CA GLY B 25 -1.93 -10.06 10.43
C GLY B 25 -0.92 -11.20 10.51
N SER B 26 -0.08 -11.15 11.54
CA SER B 26 0.99 -12.12 11.74
C SER B 26 0.64 -13.16 12.82
N VAL B 27 1.34 -14.30 12.81
CA VAL B 27 1.07 -15.39 13.75
C VAL B 27 2.35 -15.83 14.46
N PHE B 28 2.21 -16.23 15.72
CA PHE B 28 3.35 -16.64 16.55
C PHE B 28 3.12 -18.01 17.19
N LYS B 29 4.21 -18.67 17.56
CA LYS B 29 4.13 -19.87 18.40
C LYS B 29 4.44 -19.48 19.84
N ALA B 30 3.71 -20.05 20.79
CA ALA B 30 3.87 -19.72 22.19
C ALA B 30 3.56 -20.91 23.09
N ILE B 31 3.99 -20.81 24.34
CA ILE B 31 3.71 -21.82 25.35
C ILE B 31 2.77 -21.24 26.40
N HIS B 32 1.75 -22.00 26.77
CA HIS B 32 0.90 -21.66 27.90
C HIS B 32 1.68 -22.07 29.14
N LYS B 33 2.23 -21.09 29.85
CA LYS B 33 3.23 -21.37 30.89
C LYS B 33 2.71 -22.20 32.05
N GLU B 34 1.40 -22.19 32.29
CA GLU B 34 0.83 -22.98 33.38
C GLU B 34 0.84 -24.47 33.04
N SER B 35 0.27 -24.81 31.89
CA SER B 35 0.08 -26.21 31.50
C SER B 35 1.23 -26.74 30.65
N GLY B 36 1.78 -25.87 29.81
CA GLY B 36 2.87 -26.23 28.92
C GLY B 36 2.42 -26.52 27.50
N GLN B 37 1.13 -26.31 27.23
CA GLN B 37 0.59 -26.55 25.89
C GLN B 37 1.09 -25.50 24.92
N VAL B 38 1.45 -25.94 23.71
CA VAL B 38 1.78 -25.03 22.62
C VAL B 38 0.49 -24.46 22.01
N VAL B 39 0.53 -23.19 21.62
CA VAL B 39 -0.62 -22.54 21.00
C VAL B 39 -0.15 -21.60 19.90
N ALA B 40 -1.08 -21.18 19.04
CA ALA B 40 -0.80 -20.16 18.03
C ALA B 40 -1.49 -18.84 18.43
N ILE B 41 -0.78 -17.73 18.34
CA ILE B 41 -1.37 -16.42 18.62
C ILE B 41 -1.32 -15.52 17.39
N LYS B 42 -2.50 -15.24 16.82
CA LYS B 42 -2.65 -14.36 15.66
C LYS B 42 -2.79 -12.90 16.11
N GLN B 43 -2.21 -11.99 15.32
CA GLN B 43 -2.33 -10.54 15.58
C GLN B 43 -3.36 -9.90 14.65
N VAL B 44 -4.09 -8.93 15.16
CA VAL B 44 -5.15 -8.27 14.40
C VAL B 44 -5.04 -6.75 14.54
N PRO B 45 -4.92 -6.03 13.41
CA PRO B 45 -4.89 -4.56 13.50
C PRO B 45 -6.24 -4.00 13.97
N VAL B 46 -6.22 -2.94 14.76
CA VAL B 46 -7.41 -2.47 15.45
C VAL B 46 -8.56 -2.09 14.51
N GLU B 47 -8.30 -1.21 13.55
CA GLU B 47 -9.39 -0.67 12.74
C GLU B 47 -9.65 -1.49 11.48
N SER B 48 -9.49 -2.81 11.58
CA SER B 48 -9.90 -3.71 10.52
C SER B 48 -11.37 -4.03 10.71
N ASP B 49 -11.87 -5.02 9.97
CA ASP B 49 -13.25 -5.45 10.10
C ASP B 49 -13.45 -6.22 11.39
N LEU B 50 -13.49 -5.50 12.51
CA LEU B 50 -13.59 -6.12 13.83
C LEU B 50 -14.92 -6.84 14.03
N GLN B 51 -16.02 -6.13 13.74
CA GLN B 51 -17.35 -6.70 13.92
C GLN B 51 -17.50 -7.99 13.13
N GLU B 52 -16.77 -8.08 12.02
CA GLU B 52 -16.74 -9.29 11.22
C GLU B 52 -15.85 -10.35 11.90
N ILE B 53 -14.69 -9.93 12.37
CA ILE B 53 -13.76 -10.84 13.05
C ILE B 53 -14.40 -11.48 14.28
N ILE B 54 -15.12 -10.69 15.06
CA ILE B 54 -15.72 -11.19 16.30
C ILE B 54 -16.79 -12.23 16.00
N LYS B 55 -17.39 -12.16 14.81
CA LYS B 55 -18.33 -13.19 14.40
C LYS B 55 -17.59 -14.49 14.07
N GLU B 56 -16.39 -14.37 13.53
CA GLU B 56 -15.54 -15.54 13.29
C GLU B 56 -15.11 -16.17 14.61
N ILE B 57 -14.72 -15.34 15.56
CA ILE B 57 -14.38 -15.81 16.90
C ILE B 57 -15.58 -16.49 17.53
N SER B 58 -16.74 -15.86 17.40
CA SER B 58 -17.97 -16.37 18.00
C SER B 58 -18.29 -17.78 17.56
N ILE B 59 -17.98 -18.11 16.30
CA ILE B 59 -18.25 -19.45 15.79
C ILE B 59 -17.12 -20.42 16.17
N MET B 60 -15.88 -19.92 16.23
CA MET B 60 -14.76 -20.73 16.67
C MET B 60 -15.02 -21.32 18.06
N GLN B 61 -15.56 -20.51 18.95
CA GLN B 61 -15.82 -20.95 20.31
C GLN B 61 -17.17 -21.64 20.42
N GLN B 62 -18.08 -21.30 19.51
CA GLN B 62 -19.37 -21.98 19.45
C GLN B 62 -19.18 -23.40 18.92
N CYS B 63 -18.08 -23.61 18.20
CA CYS B 63 -17.76 -24.93 17.66
C CYS B 63 -17.02 -25.81 18.67
N ASP B 64 -17.40 -27.09 18.67
CA ASP B 64 -16.72 -28.10 19.46
C ASP B 64 -16.49 -29.30 18.54
N SER B 65 -15.44 -29.21 17.74
CA SER B 65 -15.16 -30.24 16.74
C SER B 65 -13.65 -30.42 16.58
N PRO B 66 -13.19 -31.67 16.53
CA PRO B 66 -11.76 -31.89 16.27
C PRO B 66 -11.38 -31.55 14.82
N TYR B 67 -12.36 -31.21 13.99
CA TYR B 67 -12.12 -30.85 12.60
C TYR B 67 -12.17 -29.33 12.37
N VAL B 68 -12.32 -28.58 13.46
CA VAL B 68 -12.34 -27.12 13.41
C VAL B 68 -11.36 -26.58 14.42
N VAL B 69 -10.42 -25.74 13.95
CA VAL B 69 -9.45 -25.10 14.84
C VAL B 69 -10.16 -24.41 16.00
N LYS B 70 -9.74 -24.73 17.22
CA LYS B 70 -10.39 -24.21 18.42
C LYS B 70 -9.88 -22.83 18.83
N TYR B 71 -10.70 -22.12 19.60
CA TYR B 71 -10.37 -20.80 20.10
C TYR B 71 -10.21 -20.83 21.62
N TYR B 72 -9.10 -20.29 22.13
CA TYR B 72 -8.80 -20.33 23.56
C TYR B 72 -9.07 -19.02 24.30
N GLY B 73 -8.67 -17.90 23.72
CA GLY B 73 -8.87 -16.61 24.35
C GLY B 73 -8.34 -15.45 23.53
N SER B 74 -8.51 -14.24 24.05
CA SER B 74 -8.07 -13.03 23.38
C SER B 74 -7.43 -12.06 24.37
N TYR B 75 -6.49 -11.25 23.89
CA TYR B 75 -5.84 -10.23 24.70
C TYR B 75 -5.66 -8.96 23.88
N PHE B 76 -5.63 -7.82 24.56
CA PHE B 76 -5.30 -6.55 23.93
C PHE B 76 -3.92 -6.11 24.39
N LYS B 77 -3.11 -5.64 23.45
CA LYS B 77 -1.78 -5.16 23.77
C LYS B 77 -1.36 -4.11 22.74
N ASN B 78 -1.23 -2.87 23.21
CA ASN B 78 -0.85 -1.76 22.35
C ASN B 78 -1.77 -1.64 21.15
N THR B 79 -3.08 -1.67 21.42
CA THR B 79 -4.12 -1.51 20.40
C THR B 79 -4.29 -2.75 19.49
N ASP B 80 -3.27 -3.59 19.43
CA ASP B 80 -3.39 -4.86 18.69
C ASP B 80 -4.20 -5.87 19.51
N LEU B 81 -4.76 -6.84 18.80
CA LEU B 81 -5.60 -7.87 19.42
C LEU B 81 -4.98 -9.25 19.21
N TRP B 82 -4.42 -9.81 20.27
CA TRP B 82 -3.96 -11.19 20.25
C TRP B 82 -5.14 -12.15 20.23
N ILE B 83 -5.08 -13.16 19.36
CA ILE B 83 -6.07 -14.24 19.36
C ILE B 83 -5.36 -15.57 19.54
N VAL B 84 -5.62 -16.23 20.66
CA VAL B 84 -4.98 -17.49 21.00
C VAL B 84 -5.78 -18.66 20.46
N MET B 85 -5.13 -19.54 19.69
CA MET B 85 -5.82 -20.63 19.02
C MET B 85 -5.06 -21.96 19.11
N GLU B 86 -5.77 -23.03 18.75
CA GLU B 86 -5.16 -24.35 18.63
C GLU B 86 -4.00 -24.31 17.63
N TYR B 87 -2.87 -24.84 18.06
CA TYR B 87 -1.67 -24.91 17.25
C TYR B 87 -1.67 -26.16 16.36
N CYS B 88 -1.33 -25.97 15.08
CA CYS B 88 -1.21 -27.08 14.14
C CYS B 88 0.20 -27.11 13.57
N GLY B 89 1.02 -28.02 14.08
CA GLY B 89 2.44 -28.05 13.79
C GLY B 89 2.86 -28.15 12.34
N ALA B 90 2.10 -28.88 11.53
CA ALA B 90 2.48 -29.12 10.14
C ALA B 90 2.17 -27.93 9.23
N GLY B 91 1.35 -27.00 9.74
CA GLY B 91 0.96 -25.84 8.97
C GLY B 91 -0.19 -26.15 8.03
N SER B 92 -0.38 -25.29 7.03
CA SER B 92 -1.47 -25.47 6.08
C SER B 92 -1.07 -26.40 4.96
N VAL B 93 -2.06 -27.05 4.34
CA VAL B 93 -1.82 -27.91 3.19
C VAL B 93 -1.06 -27.14 2.13
N SER B 94 -1.44 -25.88 1.96
CA SER B 94 -0.77 -24.97 1.04
C SER B 94 0.71 -24.82 1.37
N ASP B 95 1.01 -24.53 2.63
CA ASP B 95 2.39 -24.44 3.10
C ASP B 95 3.15 -25.74 2.80
N ILE B 96 2.53 -26.87 3.09
CA ILE B 96 3.19 -28.17 2.93
C ILE B 96 3.61 -28.39 1.48
N ILE B 97 2.65 -28.22 0.57
CA ILE B 97 2.90 -28.36 -0.86
C ILE B 97 4.00 -27.42 -1.32
N ARG B 98 3.98 -26.20 -0.82
CA ARG B 98 4.96 -25.19 -1.20
C ARG B 98 6.35 -25.57 -0.70
N LEU B 99 6.43 -25.98 0.57
CA LEU B 99 7.71 -26.30 1.18
C LEU B 99 8.38 -27.53 0.54
N ARG B 100 7.60 -28.58 0.31
CA ARG B 100 8.11 -29.80 -0.29
C ARG B 100 8.33 -29.65 -1.79
N ASN B 101 7.67 -28.66 -2.38
CA ASN B 101 7.66 -28.48 -3.82
C ASN B 101 7.12 -29.73 -4.53
N LYS B 102 6.12 -30.35 -3.92
CA LYS B 102 5.41 -31.48 -4.52
C LYS B 102 3.92 -31.34 -4.30
N THR B 103 3.13 -31.61 -5.34
CA THR B 103 1.70 -31.73 -5.17
C THR B 103 1.43 -33.04 -4.44
N LEU B 104 0.18 -33.27 -4.08
CA LEU B 104 -0.19 -34.42 -3.28
C LEU B 104 -0.73 -35.56 -4.12
N ILE B 105 -0.46 -36.78 -3.67
CA ILE B 105 -1.00 -37.98 -4.29
C ILE B 105 -2.48 -38.09 -3.93
N GLU B 106 -3.22 -38.87 -4.70
CA GLU B 106 -4.65 -39.05 -4.44
C GLU B 106 -4.94 -39.55 -3.03
N ASP B 107 -4.15 -40.50 -2.55
CA ASP B 107 -4.39 -41.07 -1.24
C ASP B 107 -4.29 -40.00 -0.15
N GLU B 108 -3.27 -39.18 -0.22
CA GLU B 108 -3.08 -38.08 0.72
C GLU B 108 -4.25 -37.11 0.63
N ILE B 109 -4.70 -36.85 -0.60
CA ILE B 109 -5.78 -35.91 -0.84
C ILE B 109 -7.11 -36.42 -0.26
N ALA B 110 -7.44 -37.68 -0.54
CA ALA B 110 -8.68 -38.27 -0.04
C ALA B 110 -8.75 -38.18 1.48
N THR B 111 -7.68 -38.63 2.13
CA THR B 111 -7.58 -38.60 3.59
C THR B 111 -7.84 -37.19 4.15
N ILE B 112 -7.14 -36.21 3.58
CA ILE B 112 -7.28 -34.82 4.02
C ILE B 112 -8.69 -34.30 3.77
N LEU B 113 -9.23 -34.57 2.59
CA LEU B 113 -10.58 -34.11 2.26
C LEU B 113 -11.65 -34.75 3.15
N LYS B 114 -11.38 -35.97 3.62
CA LYS B 114 -12.34 -36.67 4.47
C LYS B 114 -12.51 -35.93 5.79
N SER B 115 -11.40 -35.53 6.39
CA SER B 115 -11.46 -34.75 7.63
C SER B 115 -12.00 -33.35 7.35
N THR B 116 -11.62 -32.78 6.22
CA THR B 116 -12.12 -31.47 5.82
C THR B 116 -13.64 -31.50 5.66
N LEU B 117 -14.15 -32.58 5.10
CA LEU B 117 -15.58 -32.71 4.87
C LEU B 117 -16.36 -32.82 6.18
N LYS B 118 -15.76 -33.47 7.17
CA LYS B 118 -16.41 -33.61 8.46
C LYS B 118 -16.51 -32.27 9.19
N GLY B 119 -15.47 -31.45 9.07
CA GLY B 119 -15.51 -30.10 9.60
C GLY B 119 -16.60 -29.28 8.95
N LEU B 120 -16.74 -29.42 7.63
CA LEU B 120 -17.79 -28.71 6.90
C LEU B 120 -19.18 -29.22 7.26
N GLU B 121 -19.32 -30.54 7.38
CA GLU B 121 -20.60 -31.12 7.78
C GLU B 121 -21.01 -30.57 9.15
N TYR B 122 -20.02 -30.46 10.03
CA TYR B 122 -20.25 -29.91 11.36
C TYR B 122 -20.70 -28.46 11.28
N LEU B 123 -19.97 -27.66 10.51
CA LEU B 123 -20.29 -26.24 10.36
C LEU B 123 -21.66 -26.05 9.73
N HIS B 124 -21.93 -26.80 8.67
CA HIS B 124 -23.17 -26.66 7.92
C HIS B 124 -24.37 -27.08 8.76
N PHE B 125 -24.17 -28.03 9.65
CA PHE B 125 -25.22 -28.46 10.56
C PHE B 125 -25.53 -27.35 11.58
N MET B 126 -24.53 -26.53 11.89
CA MET B 126 -24.73 -25.38 12.77
C MET B 126 -25.20 -24.15 12.00
N ARG B 127 -25.60 -24.34 10.74
CA ARG B 127 -26.06 -23.25 9.89
C ARG B 127 -24.97 -22.22 9.60
N LYS B 128 -23.72 -22.62 9.74
CA LYS B 128 -22.58 -21.76 9.41
C LYS B 128 -22.04 -22.03 8.01
N ILE B 129 -21.39 -21.04 7.42
CA ILE B 129 -20.73 -21.18 6.14
C ILE B 129 -19.29 -20.70 6.29
N HIS B 130 -18.34 -21.50 5.80
CA HIS B 130 -16.93 -21.14 5.91
C HIS B 130 -16.58 -19.94 5.03
N ARG B 131 -17.00 -19.99 3.76
CA ARG B 131 -16.81 -18.90 2.80
C ARG B 131 -15.37 -18.77 2.27
N ASN B 132 -14.45 -19.54 2.82
CA ASN B 132 -13.04 -19.37 2.50
C ASN B 132 -12.26 -20.68 2.45
N ILE B 133 -12.92 -21.74 2.00
CA ILE B 133 -12.24 -23.03 1.86
C ILE B 133 -11.18 -22.95 0.77
N LYS B 134 -9.96 -23.36 1.14
CA LYS B 134 -8.83 -23.41 0.21
C LYS B 134 -7.68 -24.10 0.95
N ALA B 135 -6.69 -24.59 0.21
CA ALA B 135 -5.58 -25.34 0.81
C ALA B 135 -4.88 -24.55 1.91
N GLY B 136 -4.89 -23.23 1.79
CA GLY B 136 -4.24 -22.37 2.76
C GLY B 136 -4.95 -22.31 4.09
N ASN B 137 -6.21 -22.73 4.12
CA ASN B 137 -7.03 -22.68 5.33
C ASN B 137 -7.36 -24.05 5.90
N ILE B 138 -6.74 -25.09 5.33
CA ILE B 138 -6.81 -26.44 5.89
C ILE B 138 -5.48 -26.71 6.57
N LEU B 139 -5.51 -26.76 7.90
CA LEU B 139 -4.30 -26.92 8.70
C LEU B 139 -4.17 -28.36 9.18
N LEU B 140 -2.93 -28.82 9.31
CA LEU B 140 -2.64 -30.17 9.79
C LEU B 140 -1.79 -30.07 11.05
N ASN B 141 -2.12 -30.83 12.08
CA ASN B 141 -1.27 -30.91 13.26
C ASN B 141 -0.25 -32.03 13.09
N THR B 142 0.61 -32.20 14.08
CA THR B 142 1.70 -33.17 13.98
C THR B 142 1.23 -34.62 13.84
N GLU B 143 -0.07 -34.85 14.06
CA GLU B 143 -0.61 -36.21 14.03
C GLU B 143 -1.37 -36.52 12.74
N GLY B 144 -1.34 -35.59 11.78
CA GLY B 144 -2.01 -35.79 10.51
C GLY B 144 -3.50 -35.43 10.53
N HIS B 145 -3.94 -34.73 11.57
CA HIS B 145 -5.34 -34.34 11.70
C HIS B 145 -5.58 -33.00 11.03
N ALA B 146 -6.50 -32.99 10.07
CA ALA B 146 -6.84 -31.76 9.36
C ALA B 146 -7.94 -31.00 10.08
N LYS B 147 -7.84 -29.67 10.08
CA LYS B 147 -8.84 -28.80 10.70
C LYS B 147 -9.08 -27.57 9.83
N LEU B 148 -10.31 -27.06 9.87
CA LEU B 148 -10.64 -25.81 9.18
C LEU B 148 -10.27 -24.58 10.01
N ALA B 149 -9.76 -23.56 9.34
CA ALA B 149 -9.36 -22.32 9.98
C ALA B 149 -9.76 -21.13 9.09
N ASP B 150 -9.73 -19.93 9.67
CA ASP B 150 -10.03 -18.67 8.96
C ASP B 150 -11.33 -18.64 8.16
N PHE B 151 -12.43 -18.29 8.81
CA PHE B 151 -13.72 -18.19 8.14
C PHE B 151 -13.83 -16.86 7.38
N GLY B 152 -14.93 -16.69 6.66
CA GLY B 152 -15.17 -15.49 5.88
C GLY B 152 -15.05 -14.20 6.67
N LEU B 157 -7.94 -6.26 3.55
CA LEU B 157 -7.28 -5.06 3.03
C LEU B 157 -5.95 -5.42 2.37
N THR B 158 -5.26 -4.40 1.86
CA THR B 158 -4.10 -4.60 1.00
C THR B 158 -2.91 -3.72 1.41
N ASP B 159 -2.26 -4.08 2.50
CA ASP B 159 -1.12 -3.31 2.99
C ASP B 159 0.21 -3.79 2.40
N THR B 160 0.28 -5.09 2.09
CA THR B 160 1.52 -5.71 1.66
C THR B 160 1.36 -6.47 0.34
N MET B 161 2.42 -7.15 -0.08
CA MET B 161 2.43 -7.88 -1.34
C MET B 161 1.73 -9.23 -1.23
N ALA B 162 1.91 -9.90 -0.08
CA ALA B 162 1.28 -11.20 0.15
C ALA B 162 -0.22 -11.03 0.46
N LYS B 163 -0.57 -9.90 1.04
CA LYS B 163 -1.97 -9.62 1.37
C LYS B 163 -2.78 -9.44 0.08
N ARG B 164 -2.21 -8.68 -0.85
CA ARG B 164 -2.84 -8.47 -2.15
C ARG B 164 -2.98 -9.78 -2.92
N ASN B 165 -1.97 -10.63 -2.85
CA ASN B 165 -1.99 -11.92 -3.55
C ASN B 165 -3.17 -12.79 -3.14
N THR B 166 -3.45 -12.84 -1.83
CA THR B 166 -4.57 -13.64 -1.33
C THR B 166 -5.90 -12.92 -1.55
N VAL B 167 -5.90 -11.60 -1.38
CA VAL B 167 -7.10 -10.80 -1.62
C VAL B 167 -7.56 -11.02 -3.07
N ILE B 168 -6.64 -10.83 -4.00
CA ILE B 168 -6.95 -10.89 -5.42
C ILE B 168 -7.30 -12.30 -5.88
N GLY B 169 -6.73 -13.30 -5.23
CA GLY B 169 -6.95 -14.69 -5.63
C GLY B 169 -8.22 -15.31 -5.08
N THR B 170 -8.91 -14.59 -4.20
CA THR B 170 -10.13 -15.06 -3.55
C THR B 170 -11.15 -15.71 -4.51
N PRO B 171 -11.48 -15.02 -5.61
CA PRO B 171 -12.53 -15.56 -6.50
C PRO B 171 -12.23 -16.91 -7.15
N PHE B 172 -10.96 -17.25 -7.34
CA PHE B 172 -10.59 -18.55 -7.91
C PHE B 172 -11.30 -19.69 -7.17
N TRP B 173 -11.45 -19.56 -5.85
CA TRP B 173 -12.10 -20.59 -5.04
C TRP B 173 -13.60 -20.36 -4.85
N MET B 174 -14.12 -19.25 -5.36
CA MET B 174 -15.51 -18.88 -5.10
C MET B 174 -16.50 -19.48 -6.08
N ALA B 175 -17.61 -19.98 -5.54
CA ALA B 175 -18.69 -20.51 -6.35
C ALA B 175 -19.27 -19.42 -7.25
N PRO B 176 -19.86 -19.83 -8.38
CA PRO B 176 -20.48 -18.88 -9.33
C PRO B 176 -21.52 -17.99 -8.68
N GLU B 177 -22.31 -18.52 -7.76
CA GLU B 177 -23.40 -17.76 -7.16
C GLU B 177 -22.88 -16.74 -6.16
N VAL B 178 -21.72 -17.02 -5.58
CA VAL B 178 -21.10 -16.09 -4.64
C VAL B 178 -20.55 -14.89 -5.41
N ILE B 179 -19.91 -15.17 -6.54
CA ILE B 179 -19.36 -14.12 -7.38
C ILE B 179 -20.48 -13.25 -7.92
N GLN B 180 -21.56 -13.89 -8.35
CA GLN B 180 -22.65 -13.18 -9.02
C GLN B 180 -23.48 -12.30 -8.08
N GLU B 181 -23.14 -12.31 -6.79
CA GLU B 181 -23.78 -11.44 -5.81
C GLU B 181 -25.28 -11.72 -5.60
N ILE B 182 -25.69 -12.92 -5.99
CA ILE B 182 -27.01 -13.42 -5.61
C ILE B 182 -26.79 -14.20 -4.32
N GLY B 183 -27.87 -14.70 -3.73
CA GLY B 183 -27.74 -15.41 -2.45
C GLY B 183 -26.89 -16.66 -2.58
N TYR B 184 -26.42 -17.18 -1.45
CA TYR B 184 -25.75 -18.47 -1.45
C TYR B 184 -25.94 -19.22 -0.13
N ASN B 185 -25.82 -20.54 -0.21
CA ASN B 185 -26.05 -21.43 0.93
C ASN B 185 -24.74 -22.04 1.38
N CYS B 186 -24.84 -23.07 2.22
CA CYS B 186 -23.67 -23.78 2.73
C CYS B 186 -22.89 -24.48 1.63
N VAL B 187 -23.59 -24.95 0.59
CA VAL B 187 -22.94 -25.71 -0.47
C VAL B 187 -21.94 -24.88 -1.26
N ALA B 188 -21.90 -23.57 -1.03
CA ALA B 188 -20.85 -22.74 -1.60
C ALA B 188 -19.47 -23.29 -1.20
N ASP B 189 -19.36 -23.79 0.02
CA ASP B 189 -18.09 -24.34 0.50
C ASP B 189 -17.72 -25.58 -0.29
N ILE B 190 -18.73 -26.28 -0.81
CA ILE B 190 -18.51 -27.52 -1.55
C ILE B 190 -17.86 -27.23 -2.91
N TRP B 191 -18.30 -26.18 -3.58
CA TRP B 191 -17.67 -25.76 -4.83
C TRP B 191 -16.20 -25.48 -4.53
N SER B 192 -15.96 -24.74 -3.46
CA SER B 192 -14.62 -24.38 -3.06
C SER B 192 -13.79 -25.63 -2.76
N LEU B 193 -14.42 -26.61 -2.14
CA LEU B 193 -13.75 -27.86 -1.81
C LEU B 193 -13.31 -28.53 -3.10
N GLY B 194 -14.18 -28.48 -4.11
CA GLY B 194 -13.85 -29.00 -5.43
C GLY B 194 -12.66 -28.29 -6.03
N ILE B 195 -12.62 -26.97 -5.92
CA ILE B 195 -11.48 -26.19 -6.39
C ILE B 195 -10.24 -26.55 -5.60
N THR B 196 -10.42 -26.72 -4.28
CA THR B 196 -9.32 -27.02 -3.39
C THR B 196 -8.68 -28.37 -3.71
N SER B 197 -9.49 -29.33 -4.15
CA SER B 197 -8.97 -30.65 -4.46
C SER B 197 -8.11 -30.61 -5.73
N ILE B 198 -8.48 -29.78 -6.69
CA ILE B 198 -7.66 -29.59 -7.88
C ILE B 198 -6.37 -28.86 -7.51
N GLU B 199 -6.47 -27.94 -6.55
CA GLU B 199 -5.32 -27.18 -6.09
C GLU B 199 -4.29 -28.09 -5.43
N MET B 200 -4.76 -29.04 -4.64
CA MET B 200 -3.87 -29.97 -3.96
C MET B 200 -3.23 -30.93 -4.94
N ALA B 201 -3.94 -31.23 -6.03
CA ALA B 201 -3.48 -32.19 -7.02
C ALA B 201 -2.57 -31.57 -8.08
N GLU B 202 -2.83 -30.31 -8.43
CA GLU B 202 -2.11 -29.64 -9.52
C GLU B 202 -1.26 -28.46 -9.02
N GLY B 203 -1.35 -28.17 -7.73
CA GLY B 203 -0.55 -27.11 -7.14
C GLY B 203 -1.20 -25.74 -7.21
N LYS B 204 -2.21 -25.59 -8.07
CA LYS B 204 -2.90 -24.32 -8.25
C LYS B 204 -4.33 -24.52 -8.74
N PRO B 205 -5.24 -23.60 -8.40
CA PRO B 205 -6.63 -23.77 -8.83
C PRO B 205 -6.79 -23.49 -10.33
N PRO B 206 -7.91 -23.92 -10.92
CA PRO B 206 -8.19 -23.55 -12.32
C PRO B 206 -8.20 -22.04 -12.49
N TYR B 207 -7.81 -21.56 -13.66
CA TYR B 207 -7.79 -20.14 -14.00
C TYR B 207 -6.67 -19.36 -13.29
N ALA B 208 -5.81 -20.06 -12.55
CA ALA B 208 -4.76 -19.39 -11.78
C ALA B 208 -3.82 -18.57 -12.68
N ASP B 209 -3.70 -19.00 -13.93
CA ASP B 209 -2.81 -18.35 -14.87
C ASP B 209 -3.56 -17.33 -15.73
N ILE B 210 -4.86 -17.19 -15.46
CA ILE B 210 -5.69 -16.18 -16.12
C ILE B 210 -5.73 -14.89 -15.30
N HIS B 211 -5.81 -13.77 -16.00
CA HIS B 211 -5.89 -12.46 -15.34
C HIS B 211 -7.15 -12.39 -14.46
N PRO B 212 -6.99 -11.94 -13.19
CA PRO B 212 -8.12 -11.94 -12.25
C PRO B 212 -9.37 -11.16 -12.72
N MET B 213 -9.18 -10.02 -13.37
CA MET B 213 -10.32 -9.25 -13.87
C MET B 213 -11.03 -9.98 -15.01
N ARG B 214 -10.34 -10.95 -15.60
CA ARG B 214 -10.92 -11.78 -16.65
C ARG B 214 -11.51 -13.05 -16.05
N ALA B 215 -10.79 -13.68 -15.14
CA ALA B 215 -11.24 -14.91 -14.49
C ALA B 215 -12.52 -14.73 -13.68
N ILE B 216 -12.72 -13.54 -13.12
CA ILE B 216 -13.88 -13.29 -12.27
C ILE B 216 -15.20 -13.49 -13.02
N PHE B 217 -15.24 -13.08 -14.29
CA PHE B 217 -16.46 -13.19 -15.09
C PHE B 217 -16.56 -14.53 -15.80
N MET B 218 -15.43 -15.23 -15.92
CA MET B 218 -15.42 -16.55 -16.56
C MET B 218 -16.05 -17.61 -15.67
N ILE B 219 -15.77 -17.55 -14.37
CA ILE B 219 -16.23 -18.58 -13.44
C ILE B 219 -17.75 -18.75 -13.47
N PRO B 220 -18.50 -17.64 -13.46
CA PRO B 220 -19.96 -17.79 -13.56
C PRO B 220 -20.46 -18.26 -14.92
N THR B 221 -19.79 -17.88 -16.01
CA THR B 221 -20.32 -18.15 -17.35
C THR B 221 -19.82 -19.45 -17.98
N ASN B 222 -18.55 -19.78 -17.75
CA ASN B 222 -17.95 -20.96 -18.35
C ASN B 222 -18.49 -22.25 -17.74
N PRO B 223 -18.29 -23.39 -18.42
CA PRO B 223 -18.63 -24.66 -17.78
C PRO B 223 -17.67 -24.95 -16.62
N PRO B 224 -18.06 -25.85 -15.70
CA PRO B 224 -17.20 -26.17 -14.55
C PRO B 224 -15.79 -26.60 -14.94
N PRO B 225 -14.78 -26.21 -14.15
CA PRO B 225 -13.40 -26.62 -14.47
C PRO B 225 -13.19 -28.10 -14.26
N THR B 226 -12.20 -28.66 -14.94
CA THR B 226 -11.76 -30.03 -14.72
C THR B 226 -10.24 -30.04 -14.55
N PHE B 227 -9.67 -31.21 -14.41
CA PHE B 227 -8.21 -31.33 -14.29
C PHE B 227 -7.53 -30.86 -15.57
N ARG B 228 -6.32 -30.34 -15.44
CA ARG B 228 -5.53 -29.94 -16.60
C ARG B 228 -5.07 -31.17 -17.38
N LYS B 229 -4.77 -32.25 -16.65
CA LYS B 229 -4.37 -33.52 -17.25
C LYS B 229 -5.24 -34.65 -16.70
N PRO B 230 -6.48 -34.75 -17.20
CA PRO B 230 -7.49 -35.71 -16.72
C PRO B 230 -6.97 -37.15 -16.53
N GLU B 231 -6.20 -37.64 -17.49
CA GLU B 231 -5.82 -39.06 -17.51
C GLU B 231 -5.00 -39.47 -16.28
N LEU B 232 -4.44 -38.48 -15.58
CA LEU B 232 -3.60 -38.76 -14.41
C LEU B 232 -4.41 -39.22 -13.21
N TRP B 233 -5.73 -39.05 -13.27
CA TRP B 233 -6.58 -39.19 -12.09
C TRP B 233 -7.65 -40.26 -12.23
N SER B 234 -7.91 -40.95 -11.12
CA SER B 234 -8.87 -42.04 -11.07
C SER B 234 -10.30 -41.57 -11.34
N ASP B 235 -11.18 -42.53 -11.61
CA ASP B 235 -12.59 -42.24 -11.84
C ASP B 235 -13.23 -41.65 -10.59
N ASP B 236 -12.93 -42.26 -9.45
CA ASP B 236 -13.47 -41.82 -8.16
C ASP B 236 -13.15 -40.35 -7.89
N PHE B 237 -11.88 -39.98 -8.02
CA PHE B 237 -11.44 -38.60 -7.78
C PHE B 237 -12.08 -37.66 -8.79
N THR B 238 -12.04 -38.06 -10.06
CA THR B 238 -12.63 -37.29 -11.14
C THR B 238 -14.11 -37.04 -10.88
N ASP B 239 -14.79 -38.06 -10.39
CA ASP B 239 -16.22 -37.96 -10.15
C ASP B 239 -16.50 -37.08 -8.93
N PHE B 240 -15.64 -37.20 -7.93
CA PHE B 240 -15.78 -36.41 -6.71
C PHE B 240 -15.75 -34.92 -7.05
N VAL B 241 -14.82 -34.52 -7.90
CA VAL B 241 -14.68 -33.13 -8.31
C VAL B 241 -15.87 -32.69 -9.15
N LYS B 242 -16.40 -33.62 -9.93
CA LYS B 242 -17.51 -33.31 -10.84
C LYS B 242 -18.76 -32.99 -10.03
N LYS B 243 -18.96 -33.71 -8.93
CA LYS B 243 -20.11 -33.50 -8.07
C LYS B 243 -19.96 -32.28 -7.17
N CYS B 244 -18.71 -31.86 -6.91
CA CYS B 244 -18.45 -30.63 -6.20
C CYS B 244 -18.70 -29.42 -7.09
N LEU B 245 -18.18 -29.48 -8.31
CA LEU B 245 -18.14 -28.32 -9.19
C LEU B 245 -19.37 -28.25 -10.09
N VAL B 246 -20.54 -28.21 -9.46
CA VAL B 246 -21.80 -28.08 -10.17
C VAL B 246 -22.27 -26.63 -10.05
N LYS B 247 -22.45 -25.96 -11.18
CA LYS B 247 -22.78 -24.53 -11.18
C LYS B 247 -24.10 -24.23 -10.48
N ASN B 248 -25.12 -25.03 -10.74
CA ASN B 248 -26.40 -24.86 -10.07
C ASN B 248 -26.29 -25.41 -8.64
N PRO B 249 -26.33 -24.52 -7.63
CA PRO B 249 -26.07 -25.01 -6.27
C PRO B 249 -27.19 -25.91 -5.74
N GLU B 250 -28.34 -25.88 -6.40
CA GLU B 250 -29.46 -26.74 -6.03
C GLU B 250 -29.20 -28.20 -6.44
N GLN B 251 -28.23 -28.41 -7.32
CA GLN B 251 -27.87 -29.74 -7.78
C GLN B 251 -26.47 -30.11 -7.28
N ARG B 252 -25.91 -29.28 -6.41
CA ARG B 252 -24.56 -29.52 -5.90
C ARG B 252 -24.63 -30.42 -4.68
N ALA B 253 -23.66 -31.32 -4.56
CA ALA B 253 -23.62 -32.25 -3.45
C ALA B 253 -23.42 -31.51 -2.13
N THR B 254 -23.85 -32.14 -1.04
CA THR B 254 -23.63 -31.60 0.30
C THR B 254 -22.47 -32.34 0.94
N ALA B 255 -21.96 -31.82 2.04
CA ALA B 255 -20.85 -32.45 2.73
C ALA B 255 -21.21 -33.88 3.14
N THR B 256 -22.40 -34.04 3.70
CA THR B 256 -22.86 -35.35 4.17
C THR B 256 -22.86 -36.38 3.03
N GLN B 257 -23.33 -35.97 1.85
CA GLN B 257 -23.38 -36.88 0.70
C GLN B 257 -21.98 -37.33 0.30
N LEU B 258 -21.05 -36.38 0.24
CA LEU B 258 -19.72 -36.64 -0.28
C LEU B 258 -18.89 -37.52 0.66
N LEU B 259 -19.33 -37.63 1.91
CA LEU B 259 -18.68 -38.53 2.85
C LEU B 259 -19.00 -39.99 2.49
N GLN B 260 -20.06 -40.18 1.71
CA GLN B 260 -20.45 -41.51 1.22
C GLN B 260 -19.97 -41.73 -0.22
N HIS B 261 -19.30 -40.75 -0.78
CA HIS B 261 -18.77 -40.87 -2.13
C HIS B 261 -17.55 -41.80 -2.10
N PRO B 262 -17.45 -42.73 -3.07
CA PRO B 262 -16.40 -43.77 -3.07
C PRO B 262 -14.99 -43.22 -2.83
N PHE B 263 -14.72 -42.02 -3.34
CA PHE B 263 -13.41 -41.40 -3.16
C PHE B 263 -13.07 -41.15 -1.70
N ILE B 264 -14.07 -40.74 -0.92
CA ILE B 264 -13.85 -40.40 0.49
C ILE B 264 -13.95 -41.61 1.41
N LYS B 265 -14.99 -42.43 1.24
CA LYS B 265 -15.18 -43.57 2.14
C LYS B 265 -14.16 -44.68 1.93
N ASN B 266 -13.36 -44.58 0.88
CA ASN B 266 -12.24 -45.49 0.67
C ASN B 266 -10.92 -44.86 1.10
N ALA B 267 -10.99 -43.71 1.76
CA ALA B 267 -9.79 -42.98 2.15
C ALA B 267 -9.03 -43.71 3.26
N LYS B 268 -7.71 -43.71 3.15
CA LYS B 268 -6.86 -44.42 4.08
C LYS B 268 -6.69 -43.61 5.38
N PRO B 269 -6.23 -44.28 6.45
CA PRO B 269 -6.00 -43.62 7.74
C PRO B 269 -5.00 -42.45 7.63
N VAL B 270 -5.03 -41.52 8.59
CA VAL B 270 -4.12 -40.38 8.56
C VAL B 270 -2.66 -40.80 8.65
N SER B 271 -2.42 -42.08 8.90
CA SER B 271 -1.06 -42.61 8.98
C SER B 271 -0.30 -42.46 7.66
N ILE B 272 -1.02 -42.34 6.54
CA ILE B 272 -0.35 -42.19 5.25
C ILE B 272 0.20 -40.78 5.04
N LEU B 273 -0.04 -39.89 6.00
CA LEU B 273 0.47 -38.53 5.96
C LEU B 273 1.73 -38.37 6.79
N ARG B 274 2.14 -39.44 7.47
CA ARG B 274 3.30 -39.39 8.36
C ARG B 274 4.55 -38.88 7.66
N ASP B 275 4.92 -39.54 6.56
CA ASP B 275 6.09 -39.13 5.80
C ASP B 275 5.91 -37.69 5.31
N LEU B 276 4.71 -37.39 4.83
CA LEU B 276 4.40 -36.06 4.31
C LEU B 276 4.66 -34.97 5.35
N ILE B 277 4.10 -35.12 6.54
CA ILE B 277 4.23 -34.09 7.56
C ILE B 277 5.66 -34.02 8.08
N THR B 278 6.31 -35.19 8.16
CA THR B 278 7.68 -35.28 8.63
C THR B 278 8.62 -34.52 7.70
N GLU B 279 8.40 -34.67 6.39
CA GLU B 279 9.20 -33.96 5.41
C GLU B 279 8.98 -32.46 5.54
N ALA B 280 7.73 -32.06 5.76
CA ALA B 280 7.35 -30.65 5.84
C ALA B 280 7.88 -29.97 7.11
N MET B 281 7.97 -30.73 8.19
CA MET B 281 8.44 -30.21 9.46
C MET B 281 9.96 -30.07 9.46
N GLU B 282 10.65 -31.02 8.85
CA GLU B 282 12.10 -30.98 8.77
C GLU B 282 12.56 -29.75 8.00
N ILE B 283 11.97 -29.54 6.83
CA ILE B 283 12.36 -28.45 5.96
C ILE B 283 11.94 -27.09 6.53
N LYS B 284 11.01 -27.12 7.48
CA LYS B 284 10.58 -25.90 8.16
C LYS B 284 11.51 -25.62 9.35
N ALA B 285 12.04 -26.67 9.94
CA ALA B 285 12.97 -26.54 11.06
C ALA B 285 14.36 -26.13 10.56
N LYS B 286 14.76 -26.69 9.42
CA LYS B 286 16.06 -26.38 8.84
C LYS B 286 16.09 -24.92 8.35
N ARG B 287 14.99 -24.47 7.76
CA ARG B 287 14.90 -23.10 7.26
C ARG B 287 14.80 -22.09 8.40
N HIS B 288 14.39 -22.54 9.58
CA HIS B 288 14.31 -21.65 10.74
C HIS B 288 15.69 -21.36 11.29
N GLU B 289 16.49 -22.40 11.51
CA GLU B 289 17.85 -22.25 12.00
C GLU B 289 18.66 -21.39 11.04
N GLU B 290 18.45 -21.60 9.74
CA GLU B 290 19.14 -20.83 8.71
C GLU B 290 18.85 -19.34 8.81
N GLN B 291 17.61 -19.01 9.19
CA GLN B 291 17.20 -17.61 9.32
C GLN B 291 17.71 -17.01 10.63
N GLN B 292 17.80 -17.83 11.67
CA GLN B 292 18.26 -17.37 12.98
C GLN B 292 19.78 -17.16 12.99
N ARG B 293 20.51 -18.08 12.35
CA ARG B 293 21.96 -17.96 12.28
C ARG B 293 22.36 -16.70 11.51
N GLU B 294 21.72 -16.48 10.36
CA GLU B 294 21.98 -15.28 9.56
C GLU B 294 21.38 -14.05 10.23
N SER C 4 -7.77 -22.71 33.29
CA SER C 4 -7.35 -23.56 32.19
C SER C 4 -7.36 -22.78 30.88
N LEU C 5 -7.34 -23.50 29.77
CA LEU C 5 -7.18 -22.91 28.45
C LEU C 5 -8.48 -22.97 27.65
N THR C 6 -9.14 -24.14 27.68
CA THR C 6 -10.33 -24.38 26.88
C THR C 6 -11.62 -23.86 27.55
N LYS C 7 -11.49 -23.27 28.73
CA LYS C 7 -12.67 -22.89 29.51
C LYS C 7 -13.35 -21.61 29.05
N GLN C 8 -14.68 -21.64 29.00
CA GLN C 8 -15.48 -20.50 28.57
C GLN C 8 -15.53 -19.41 29.64
N PRO C 9 -15.85 -18.17 29.23
CA PRO C 9 -15.99 -17.08 30.21
C PRO C 9 -16.99 -17.39 31.33
N GLU C 10 -18.04 -18.11 31.02
CA GLU C 10 -19.12 -18.38 31.96
C GLU C 10 -18.69 -19.27 33.14
N GLU C 11 -17.58 -20.00 32.98
CA GLU C 11 -17.08 -20.86 34.04
C GLU C 11 -15.83 -20.28 34.70
N VAL C 12 -15.36 -19.15 34.18
CA VAL C 12 -14.27 -18.42 34.82
C VAL C 12 -14.85 -17.45 35.85
N PHE C 13 -15.92 -16.77 35.46
CA PHE C 13 -16.59 -15.82 36.34
C PHE C 13 -17.99 -16.29 36.68
N ASP C 14 -18.37 -16.11 37.94
CA ASP C 14 -19.75 -16.32 38.37
C ASP C 14 -20.47 -14.98 38.33
N VAL C 15 -21.18 -14.72 37.24
CA VAL C 15 -21.86 -13.44 37.05
C VAL C 15 -23.03 -13.30 38.02
N LEU C 16 -23.20 -12.10 38.55
CA LEU C 16 -24.24 -11.81 39.53
C LEU C 16 -25.17 -10.69 39.01
N GLU C 17 -25.64 -9.85 39.92
CA GLU C 17 -26.66 -8.85 39.57
C GLU C 17 -26.12 -7.74 38.66
N LYS C 18 -27.01 -7.18 37.85
CA LYS C 18 -26.69 -6.02 37.02
C LYS C 18 -26.49 -4.80 37.91
N LEU C 19 -25.66 -3.87 37.47
CA LEU C 19 -25.31 -2.71 38.30
C LEU C 19 -25.70 -1.38 37.67
N GLY C 20 -25.70 -1.31 36.34
CA GLY C 20 -26.06 -0.07 35.66
C GLY C 20 -25.88 -0.11 34.15
N GLU C 21 -25.52 1.04 33.57
CA GLU C 21 -25.35 1.17 32.12
C GLU C 21 -24.11 2.02 31.82
N GLY C 22 -23.63 1.96 30.57
CA GLY C 22 -22.44 2.71 30.19
C GLY C 22 -22.07 2.60 28.72
N GLY C 25 -22.79 -0.11 26.64
CA GLY C 25 -23.25 -1.40 27.13
C GLY C 25 -23.48 -1.42 28.63
N SER C 26 -24.11 -2.49 29.13
CA SER C 26 -24.44 -2.62 30.55
C SER C 26 -23.30 -3.23 31.37
N VAL C 27 -23.43 -3.16 32.70
CA VAL C 27 -22.37 -3.61 33.61
C VAL C 27 -22.93 -4.53 34.69
N PHE C 28 -22.15 -5.54 35.06
CA PHE C 28 -22.58 -6.56 36.02
C PHE C 28 -21.53 -6.78 37.11
N LYS C 29 -21.96 -7.33 38.24
CA LYS C 29 -21.06 -7.75 39.30
C LYS C 29 -20.73 -9.22 39.06
N ALA C 30 -19.54 -9.64 39.49
CA ALA C 30 -19.12 -11.01 39.25
C ALA C 30 -17.99 -11.43 40.19
N ILE C 31 -17.86 -12.75 40.34
CA ILE C 31 -16.79 -13.34 41.15
C ILE C 31 -15.86 -14.12 40.24
N HIS C 32 -14.58 -13.73 40.23
CA HIS C 32 -13.56 -14.54 39.60
C HIS C 32 -13.43 -15.81 40.46
N LYS C 33 -13.85 -16.94 39.89
CA LYS C 33 -13.98 -18.18 40.65
C LYS C 33 -12.68 -18.66 41.29
N GLU C 34 -11.57 -18.56 40.56
CA GLU C 34 -10.27 -19.03 41.06
C GLU C 34 -9.86 -18.32 42.35
N SER C 35 -9.77 -16.98 42.28
CA SER C 35 -9.28 -16.19 43.40
C SER C 35 -10.39 -15.78 44.37
N GLY C 36 -11.60 -15.65 43.85
CA GLY C 36 -12.74 -15.22 44.67
C GLY C 36 -12.96 -13.72 44.65
N GLN C 37 -12.05 -13.00 43.99
CA GLN C 37 -12.17 -11.54 43.89
C GLN C 37 -13.47 -11.14 43.21
N VAL C 38 -14.10 -10.09 43.73
CA VAL C 38 -15.25 -9.52 43.06
C VAL C 38 -14.75 -8.60 41.96
N VAL C 39 -15.43 -8.60 40.82
CA VAL C 39 -15.06 -7.74 39.71
C VAL C 39 -16.30 -7.16 39.06
N ALA C 40 -16.09 -6.20 38.16
CA ALA C 40 -17.16 -5.62 37.36
C ALA C 40 -16.96 -6.03 35.92
N ILE C 41 -18.04 -6.47 35.26
CA ILE C 41 -17.94 -6.89 33.87
C ILE C 41 -18.96 -6.15 33.01
N LYS C 42 -18.45 -5.29 32.13
CA LYS C 42 -19.30 -4.58 31.19
C LYS C 42 -19.50 -5.45 29.96
N GLN C 43 -20.74 -5.78 29.66
CA GLN C 43 -21.08 -6.55 28.48
C GLN C 43 -21.44 -5.61 27.33
N VAL C 44 -20.68 -5.68 26.25
CA VAL C 44 -20.87 -4.81 25.10
C VAL C 44 -21.22 -5.65 23.88
N PRO C 45 -22.29 -5.26 23.15
CA PRO C 45 -22.64 -6.01 21.93
C PRO C 45 -21.74 -5.68 20.74
N VAL C 46 -21.70 -6.56 19.75
CA VAL C 46 -20.86 -6.36 18.57
C VAL C 46 -21.29 -5.11 17.80
N GLU C 47 -22.56 -4.77 17.89
CA GLU C 47 -23.12 -3.66 17.13
C GLU C 47 -22.45 -2.33 17.46
N SER C 48 -22.05 -2.18 18.71
CA SER C 48 -21.49 -0.92 19.22
C SER C 48 -20.27 -0.44 18.45
N ASP C 49 -19.86 0.78 18.74
CA ASP C 49 -18.68 1.37 18.12
C ASP C 49 -17.43 0.73 18.73
N LEU C 50 -17.16 -0.52 18.33
CA LEU C 50 -16.10 -1.30 18.94
C LEU C 50 -14.75 -0.61 18.84
N GLN C 51 -14.51 0.07 17.73
CA GLN C 51 -13.29 0.84 17.55
C GLN C 51 -13.09 1.79 18.73
N GLU C 52 -14.18 2.43 19.14
CA GLU C 52 -14.16 3.39 20.24
C GLU C 52 -13.89 2.69 21.57
N ILE C 53 -14.47 1.51 21.76
CA ILE C 53 -14.29 0.77 23.01
C ILE C 53 -12.85 0.31 23.18
N ILE C 54 -12.20 -0.11 22.09
CA ILE C 54 -10.81 -0.53 22.14
C ILE C 54 -9.92 0.63 22.59
N LYS C 55 -10.23 1.83 22.10
CA LYS C 55 -9.50 3.02 22.54
C LYS C 55 -9.56 3.12 24.05
N GLU C 56 -10.77 3.04 24.61
CA GLU C 56 -10.95 3.15 26.05
C GLU C 56 -10.21 2.04 26.81
N ILE C 57 -10.22 0.83 26.25
CA ILE C 57 -9.54 -0.31 26.86
C ILE C 57 -8.03 -0.07 26.92
N SER C 58 -7.47 0.41 25.81
CA SER C 58 -6.04 0.67 25.73
C SER C 58 -5.60 1.70 26.75
N ILE C 59 -6.43 2.72 26.97
CA ILE C 59 -6.13 3.75 27.97
C ILE C 59 -6.03 3.13 29.36
N MET C 60 -7.03 2.37 29.78
CA MET C 60 -7.01 1.71 31.08
C MET C 60 -5.80 0.83 31.23
N GLN C 61 -5.52 0.05 30.19
CA GLN C 61 -4.44 -0.93 30.21
C GLN C 61 -3.09 -0.27 30.45
N GLN C 62 -2.92 0.95 29.93
CA GLN C 62 -1.68 1.70 30.11
C GLN C 62 -1.62 2.48 31.43
N CYS C 63 -2.67 2.35 32.25
CA CYS C 63 -2.69 2.97 33.58
C CYS C 63 -2.48 1.93 34.66
N ASP C 64 -1.58 2.23 35.59
CA ASP C 64 -1.31 1.35 36.72
C ASP C 64 -1.23 2.17 38.00
N SER C 65 -2.39 2.61 38.50
CA SER C 65 -2.44 3.44 39.70
C SER C 65 -3.59 3.05 40.62
N PRO C 66 -3.39 3.22 41.94
CA PRO C 66 -4.51 2.98 42.86
C PRO C 66 -5.68 3.95 42.62
N TYR C 67 -5.41 5.05 41.93
CA TYR C 67 -6.40 6.10 41.76
C TYR C 67 -7.05 6.07 40.38
N VAL C 68 -6.84 4.98 39.64
CA VAL C 68 -7.46 4.77 38.34
C VAL C 68 -8.04 3.35 38.28
N VAL C 69 -9.32 3.24 37.92
CA VAL C 69 -9.95 1.92 37.78
C VAL C 69 -9.10 1.04 36.89
N LYS C 70 -8.80 -0.17 37.36
CA LYS C 70 -7.89 -1.06 36.67
C LYS C 70 -8.61 -2.05 35.75
N TYR C 71 -7.91 -2.41 34.68
CA TYR C 71 -8.44 -3.31 33.66
C TYR C 71 -7.85 -4.70 33.84
N TYR C 72 -8.70 -5.72 33.87
CA TYR C 72 -8.24 -7.08 34.15
C TYR C 72 -8.12 -7.94 32.89
N GLY C 73 -9.05 -7.79 31.96
CA GLY C 73 -8.99 -8.55 30.71
C GLY C 73 -10.28 -8.49 29.92
N SER C 74 -10.29 -9.20 28.78
CA SER C 74 -11.45 -9.23 27.91
C SER C 74 -11.77 -10.65 27.48
N TYR C 75 -13.05 -10.93 27.31
CA TYR C 75 -13.53 -12.24 26.87
C TYR C 75 -14.66 -12.04 25.89
N PHE C 76 -14.92 -13.04 25.05
CA PHE C 76 -16.03 -12.99 24.11
C PHE C 76 -17.09 -14.05 24.46
N LYS C 77 -18.35 -13.70 24.28
CA LYS C 77 -19.47 -14.59 24.60
C LYS C 77 -20.70 -14.20 23.78
N ASN C 78 -21.02 -15.01 22.77
CA ASN C 78 -22.18 -14.77 21.90
C ASN C 78 -22.12 -13.40 21.24
N THR C 79 -21.02 -13.12 20.54
CA THR C 79 -20.82 -11.85 19.85
C THR C 79 -20.79 -10.64 20.78
N ASP C 80 -20.79 -10.88 22.09
CA ASP C 80 -20.64 -9.79 23.06
C ASP C 80 -19.21 -9.75 23.58
N LEU C 81 -18.77 -8.56 23.95
CA LEU C 81 -17.45 -8.36 24.52
C LEU C 81 -17.55 -8.10 26.03
N TRP C 82 -17.04 -9.03 26.82
CA TRP C 82 -16.96 -8.87 28.27
C TRP C 82 -15.69 -8.13 28.66
N ILE C 83 -15.84 -6.93 29.20
CA ILE C 83 -14.70 -6.17 29.71
C ILE C 83 -14.66 -6.27 31.24
N VAL C 84 -13.67 -6.97 31.76
CA VAL C 84 -13.55 -7.22 33.18
C VAL C 84 -12.68 -6.14 33.84
N MET C 85 -13.22 -5.48 34.86
CA MET C 85 -12.57 -4.32 35.47
C MET C 85 -12.61 -4.36 37.01
N GLU C 86 -11.92 -3.40 37.63
CA GLU C 86 -11.89 -3.28 39.07
C GLU C 86 -13.29 -3.00 39.59
N TYR C 87 -13.70 -3.72 40.62
CA TYR C 87 -15.02 -3.55 41.21
C TYR C 87 -15.02 -2.44 42.24
N CYS C 88 -15.93 -1.47 42.07
CA CYS C 88 -16.08 -0.37 43.01
C CYS C 88 -17.52 -0.35 43.52
N GLY C 89 -17.73 -0.99 44.66
CA GLY C 89 -19.06 -1.28 45.18
C GLY C 89 -19.96 -0.10 45.45
N ALA C 90 -19.42 0.98 46.00
CA ALA C 90 -20.23 2.16 46.33
C ALA C 90 -20.81 2.82 45.09
N GLY C 91 -20.13 2.67 43.96
CA GLY C 91 -20.58 3.25 42.69
C GLY C 91 -19.93 4.60 42.43
N SER C 92 -20.54 5.40 41.56
CA SER C 92 -20.03 6.74 41.29
C SER C 92 -20.47 7.72 42.37
N VAL C 93 -19.72 8.81 42.53
CA VAL C 93 -20.07 9.87 43.47
C VAL C 93 -21.45 10.40 43.12
N SER C 94 -21.70 10.54 41.83
CA SER C 94 -23.01 10.96 41.33
C SER C 94 -24.12 9.98 41.71
N ASP C 95 -23.84 8.67 41.71
CA ASP C 95 -24.85 7.68 42.09
C ASP C 95 -25.13 7.75 43.60
N ILE C 96 -24.09 7.97 44.37
CA ILE C 96 -24.20 8.03 45.81
C ILE C 96 -25.03 9.25 46.22
N ILE C 97 -24.82 10.36 45.54
CA ILE C 97 -25.55 11.59 45.83
C ILE C 97 -27.06 11.42 45.60
N ARG C 98 -27.44 10.82 44.47
CA ARG C 98 -28.86 10.63 44.16
C ARG C 98 -29.49 9.55 45.05
N LEU C 99 -28.76 8.44 45.25
CA LEU C 99 -29.25 7.34 46.06
C LEU C 99 -29.64 7.80 47.47
N ARG C 100 -28.73 8.50 48.13
CA ARG C 100 -28.99 9.08 49.45
C ARG C 100 -29.85 10.33 49.32
N ASN C 101 -30.00 10.84 48.10
CA ASN C 101 -30.67 12.11 47.85
C ASN C 101 -30.08 13.20 48.74
N LYS C 102 -28.76 13.25 48.78
CA LYS C 102 -28.03 14.09 49.72
C LYS C 102 -26.72 14.53 49.09
N THR C 103 -26.46 15.82 49.09
CA THR C 103 -25.19 16.33 48.61
C THR C 103 -24.13 16.00 49.64
N LEU C 104 -22.87 16.16 49.26
CA LEU C 104 -21.77 15.84 50.14
C LEU C 104 -21.35 17.04 50.97
N ILE C 105 -20.82 16.77 52.16
CA ILE C 105 -20.27 17.82 53.01
C ILE C 105 -18.79 18.00 52.69
N GLU C 106 -18.24 19.15 53.05
CA GLU C 106 -16.85 19.49 52.75
C GLU C 106 -15.86 18.37 53.06
N ASP C 107 -15.99 17.75 54.23
CA ASP C 107 -15.07 16.72 54.67
C ASP C 107 -15.05 15.56 53.69
N GLU C 108 -16.24 15.17 53.21
CA GLU C 108 -16.35 14.05 52.29
C GLU C 108 -15.71 14.43 50.94
N ILE C 109 -15.93 15.67 50.52
CA ILE C 109 -15.48 16.16 49.24
C ILE C 109 -13.96 16.30 49.20
N ALA C 110 -13.38 16.89 50.24
CA ALA C 110 -11.94 17.04 50.34
C ALA C 110 -11.23 15.69 50.25
N THR C 111 -11.76 14.70 50.98
CA THR C 111 -11.19 13.36 51.00
C THR C 111 -11.26 12.70 49.63
N ILE C 112 -12.45 12.74 49.02
CA ILE C 112 -12.65 12.18 47.69
C ILE C 112 -11.74 12.85 46.66
N LEU C 113 -11.69 14.18 46.68
CA LEU C 113 -10.92 14.91 45.69
C LEU C 113 -9.41 14.81 45.92
N LYS C 114 -8.99 14.45 47.13
CA LYS C 114 -7.58 14.16 47.36
C LYS C 114 -7.15 12.97 46.48
N SER C 115 -7.92 11.89 46.52
CA SER C 115 -7.67 10.73 45.67
C SER C 115 -7.81 11.08 44.18
N THR C 116 -8.88 11.78 43.82
CA THR C 116 -9.07 12.24 42.45
C THR C 116 -7.84 13.02 41.96
N LEU C 117 -7.39 13.97 42.77
CA LEU C 117 -6.21 14.76 42.40
C LEU C 117 -4.97 13.91 42.23
N LYS C 118 -4.83 12.85 43.02
CA LYS C 118 -3.69 11.94 42.87
C LYS C 118 -3.78 11.17 41.55
N GLY C 119 -5.00 10.80 41.16
CA GLY C 119 -5.23 10.19 39.87
C GLY C 119 -4.86 11.14 38.76
N LEU C 120 -5.26 12.40 38.89
CA LEU C 120 -4.96 13.40 37.87
C LEU C 120 -3.48 13.70 37.83
N GLU C 121 -2.86 13.76 39.01
CA GLU C 121 -1.42 13.98 39.09
C GLU C 121 -0.67 12.93 38.27
N TYR C 122 -1.05 11.67 38.49
CA TYR C 122 -0.46 10.53 37.81
C TYR C 122 -0.64 10.61 36.29
N LEU C 123 -1.90 10.71 35.87
CA LEU C 123 -2.23 10.88 34.45
C LEU C 123 -1.45 12.03 33.83
N HIS C 124 -1.53 13.20 34.44
CA HIS C 124 -0.94 14.40 33.86
C HIS C 124 0.57 14.34 33.80
N PHE C 125 1.17 13.54 34.67
CA PHE C 125 2.63 13.41 34.68
C PHE C 125 3.08 12.70 33.41
N MET C 126 2.25 11.77 32.94
CA MET C 126 2.51 11.08 31.68
C MET C 126 1.85 11.82 30.50
N ARG C 127 1.45 13.08 30.72
CA ARG C 127 0.82 13.91 29.70
C ARG C 127 -0.49 13.34 29.13
N LYS C 128 -1.11 12.41 29.86
CA LYS C 128 -2.44 11.92 29.54
C LYS C 128 -3.50 12.86 30.11
N ILE C 129 -4.68 12.83 29.51
CA ILE C 129 -5.79 13.70 29.89
C ILE C 129 -7.03 12.83 30.09
N HIS C 130 -7.79 13.08 31.14
CA HIS C 130 -9.00 12.30 31.37
C HIS C 130 -10.11 12.73 30.41
N ARG C 131 -10.35 14.04 30.32
CA ARG C 131 -11.29 14.65 29.36
C ARG C 131 -12.75 14.66 29.82
N ASN C 132 -13.10 13.80 30.77
CA ASN C 132 -14.48 13.69 31.26
C ASN C 132 -14.59 13.65 32.79
N ILE C 133 -13.84 14.50 33.47
CA ILE C 133 -13.95 14.59 34.92
C ILE C 133 -15.32 15.16 35.30
N LYS C 134 -16.04 14.40 36.12
CA LYS C 134 -17.35 14.77 36.64
C LYS C 134 -17.67 13.74 37.73
N ALA C 135 -18.62 14.06 38.60
CA ALA C 135 -18.95 13.16 39.70
C ALA C 135 -19.33 11.77 39.20
N GLY C 136 -20.00 11.72 38.05
CA GLY C 136 -20.45 10.45 37.52
C GLY C 136 -19.33 9.53 37.04
N ASN C 137 -18.10 10.04 37.01
CA ASN C 137 -16.95 9.28 36.53
C ASN C 137 -15.86 9.16 37.60
N ILE C 138 -16.22 9.50 38.83
CA ILE C 138 -15.38 9.22 39.98
C ILE C 138 -16.06 8.11 40.76
N LEU C 139 -15.39 6.97 40.87
CA LEU C 139 -15.96 5.78 41.51
C LEU C 139 -15.35 5.55 42.89
N LEU C 140 -16.13 4.98 43.79
CA LEU C 140 -15.66 4.65 45.14
C LEU C 140 -15.81 3.16 45.41
N ASN C 141 -14.73 2.52 45.86
CA ASN C 141 -14.80 1.12 46.25
C ASN C 141 -15.40 1.00 47.66
N THR C 142 -15.61 -0.23 48.11
CA THR C 142 -16.24 -0.49 49.40
C THR C 142 -15.45 0.05 50.58
N GLU C 143 -14.19 0.43 50.37
CA GLU C 143 -13.31 0.84 51.46
C GLU C 143 -13.02 2.34 51.51
N GLY C 144 -13.68 3.12 50.66
CA GLY C 144 -13.54 4.57 50.69
C GLY C 144 -12.63 5.18 49.65
N HIS C 145 -11.97 4.35 48.84
CA HIS C 145 -10.98 4.86 47.89
C HIS C 145 -11.61 5.24 46.55
N ALA C 146 -11.33 6.45 46.11
CA ALA C 146 -11.86 6.95 44.85
C ALA C 146 -10.95 6.60 43.68
N LYS C 147 -11.54 6.34 42.51
CA LYS C 147 -10.76 6.07 41.30
C LYS C 147 -11.41 6.72 40.08
N LEU C 148 -10.57 7.21 39.17
CA LEU C 148 -11.07 7.76 37.90
C LEU C 148 -11.52 6.63 37.00
N ALA C 149 -12.63 6.85 36.29
CA ALA C 149 -13.17 5.87 35.36
C ALA C 149 -13.80 6.57 34.16
N ASP C 150 -14.14 5.77 33.14
CA ASP C 150 -14.77 6.26 31.91
C ASP C 150 -14.02 7.42 31.29
N PHE C 151 -12.75 7.20 31.00
CA PHE C 151 -11.91 8.20 30.37
C PHE C 151 -12.51 8.61 29.04
N GLY C 152 -12.26 9.86 28.63
CA GLY C 152 -12.57 10.30 27.30
C GLY C 152 -11.40 9.97 26.38
N VAL C 153 -11.69 9.73 25.11
CA VAL C 153 -10.64 9.41 24.13
C VAL C 153 -10.26 10.67 23.34
N ALA C 154 -8.99 10.79 23.00
CA ALA C 154 -8.52 11.91 22.19
C ALA C 154 -9.34 11.97 20.90
N GLY C 155 -9.72 13.18 20.50
CA GLY C 155 -10.52 13.38 19.31
C GLY C 155 -12.00 13.10 19.46
N GLN C 156 -12.47 12.97 20.70
CA GLN C 156 -13.89 12.67 20.95
C GLN C 156 -14.80 13.83 20.55
N LEU C 157 -14.23 15.03 20.39
CA LEU C 157 -14.99 16.20 19.99
C LEU C 157 -15.16 16.30 18.48
N THR C 158 -14.43 15.48 17.73
CA THR C 158 -14.38 15.63 16.27
C THR C 158 -14.57 14.33 15.50
N ASP C 159 -13.87 13.28 15.91
CA ASP C 159 -13.75 12.07 15.11
C ASP C 159 -15.08 11.42 14.73
N THR C 160 -15.86 11.00 15.73
CA THR C 160 -17.13 10.33 15.47
C THR C 160 -18.29 11.30 15.58
N MET C 161 -19.30 11.12 14.73
CA MET C 161 -20.48 11.98 14.73
C MET C 161 -21.29 11.79 16.03
N ALA C 162 -21.54 10.54 16.40
CA ALA C 162 -22.34 10.23 17.57
C ALA C 162 -21.64 10.57 18.88
N LYS C 163 -20.37 10.18 18.99
CA LYS C 163 -19.58 10.46 20.20
C LYS C 163 -19.43 11.96 20.40
N ARG C 164 -19.31 12.68 19.29
CA ARG C 164 -19.19 14.14 19.29
C ARG C 164 -20.41 14.78 19.94
N ASN C 165 -21.59 14.42 19.42
CA ASN C 165 -22.85 14.94 19.95
C ASN C 165 -23.04 14.57 21.42
N THR C 166 -22.58 13.38 21.80
CA THR C 166 -22.68 12.92 23.18
C THR C 166 -21.94 13.86 24.13
N VAL C 167 -20.74 14.29 23.73
CA VAL C 167 -19.94 15.19 24.55
C VAL C 167 -20.49 16.61 24.54
N ILE C 168 -20.88 17.09 23.36
CA ILE C 168 -21.47 18.42 23.20
C ILE C 168 -22.78 18.52 23.97
N GLY C 169 -23.49 17.40 24.09
CA GLY C 169 -24.79 17.36 24.73
C GLY C 169 -24.77 17.65 26.23
N THR C 170 -23.63 17.42 26.88
CA THR C 170 -23.48 17.78 28.30
C THR C 170 -22.14 18.51 28.52
N PRO C 171 -22.08 19.79 28.13
CA PRO C 171 -20.82 20.53 28.10
C PRO C 171 -20.52 21.26 29.40
N PHE C 172 -21.31 21.03 30.44
CA PHE C 172 -21.24 21.82 31.66
C PHE C 172 -19.89 21.74 32.40
N TRP C 173 -19.17 20.63 32.23
CA TRP C 173 -17.87 20.48 32.90
C TRP C 173 -16.69 20.96 32.02
N MET C 174 -16.99 21.49 30.84
CA MET C 174 -15.95 21.84 29.86
C MET C 174 -15.24 23.16 30.17
N ALA C 175 -13.91 23.13 30.13
CA ALA C 175 -13.11 24.32 30.29
C ALA C 175 -13.36 25.28 29.12
N PRO C 176 -13.23 26.58 29.38
CA PRO C 176 -13.41 27.58 28.31
C PRO C 176 -12.45 27.40 27.11
N GLU C 177 -11.19 27.05 27.35
CA GLU C 177 -10.25 26.90 26.24
C GLU C 177 -10.58 25.67 25.39
N VAL C 178 -11.27 24.70 25.98
CA VAL C 178 -11.67 23.51 25.24
C VAL C 178 -12.73 23.86 24.20
N ILE C 179 -13.63 24.76 24.57
CA ILE C 179 -14.69 25.20 23.67
C ILE C 179 -14.09 26.03 22.54
N GLN C 180 -13.14 26.88 22.89
CA GLN C 180 -12.51 27.79 21.94
C GLN C 180 -11.57 27.09 20.95
N GLU C 181 -10.77 26.15 21.45
CA GLU C 181 -9.82 25.43 20.61
C GLU C 181 -10.39 24.12 20.08
N ILE C 182 -11.49 23.66 20.68
CA ILE C 182 -12.06 22.35 20.35
C ILE C 182 -10.98 21.28 20.48
N GLY C 183 -10.42 21.18 21.68
CA GLY C 183 -9.37 20.22 21.98
C GLY C 183 -8.97 20.35 23.44
N TYR C 184 -8.17 19.39 23.92
CA TYR C 184 -7.84 19.31 25.32
C TYR C 184 -6.34 19.38 25.59
N ASN C 185 -6.01 19.90 26.78
CA ASN C 185 -4.71 19.69 27.39
C ASN C 185 -4.97 19.25 28.84
N CYS C 186 -3.92 18.80 29.52
CA CYS C 186 -4.06 18.25 30.88
C CYS C 186 -4.81 19.20 31.80
N VAL C 187 -4.44 20.47 31.70
CA VAL C 187 -5.01 21.53 32.51
C VAL C 187 -6.56 21.58 32.46
N ALA C 188 -7.14 21.13 31.35
CA ALA C 188 -8.59 21.12 31.21
C ALA C 188 -9.26 20.32 32.31
N ASP C 189 -8.61 19.24 32.73
CA ASP C 189 -9.15 18.38 33.79
C ASP C 189 -9.31 19.17 35.10
N ILE C 190 -8.48 20.18 35.30
CA ILE C 190 -8.51 20.94 36.54
C ILE C 190 -9.75 21.84 36.62
N TRP C 191 -10.07 22.52 35.53
CA TRP C 191 -11.33 23.25 35.43
C TRP C 191 -12.51 22.32 35.76
N SER C 192 -12.58 21.19 35.05
CA SER C 192 -13.67 20.23 35.25
C SER C 192 -13.76 19.76 36.69
N LEU C 193 -12.62 19.76 37.38
CA LEU C 193 -12.55 19.35 38.77
C LEU C 193 -13.23 20.38 39.67
N GLY C 194 -12.99 21.65 39.38
CA GLY C 194 -13.64 22.73 40.10
C GLY C 194 -15.14 22.63 39.95
N ILE C 195 -15.59 22.44 38.71
CA ILE C 195 -17.01 22.26 38.44
C ILE C 195 -17.53 21.06 39.23
N THR C 196 -16.80 19.95 39.17
CA THR C 196 -17.19 18.73 39.90
C THR C 196 -17.31 18.97 41.41
N SER C 197 -16.46 19.83 41.96
CA SER C 197 -16.51 20.12 43.39
C SER C 197 -17.80 20.88 43.72
N ILE C 198 -18.17 21.84 42.87
CA ILE C 198 -19.45 22.51 43.00
C ILE C 198 -20.57 21.51 42.84
N GLU C 199 -20.38 20.56 41.92
CA GLU C 199 -21.40 19.54 41.66
C GLU C 199 -21.64 18.67 42.89
N MET C 200 -20.56 18.32 43.59
CA MET C 200 -20.68 17.46 44.76
C MET C 200 -21.31 18.20 45.95
N ALA C 201 -21.17 19.52 45.98
CA ALA C 201 -21.69 20.33 47.08
C ALA C 201 -23.15 20.72 46.87
N GLU C 202 -23.54 20.96 45.61
CA GLU C 202 -24.87 21.49 45.30
C GLU C 202 -25.76 20.50 44.56
N GLY C 203 -25.17 19.40 44.09
CA GLY C 203 -25.93 18.33 43.47
C GLY C 203 -25.94 18.35 41.95
N LYS C 204 -25.46 19.45 41.36
CA LYS C 204 -25.41 19.58 39.91
C LYS C 204 -24.50 20.75 39.56
N PRO C 205 -23.94 20.74 38.34
CA PRO C 205 -23.00 21.79 37.95
C PRO C 205 -23.72 23.09 37.64
N PRO C 206 -23.02 24.23 37.71
CA PRO C 206 -23.65 25.46 37.22
C PRO C 206 -24.08 25.29 35.77
N TYR C 207 -25.11 26.02 35.36
CA TYR C 207 -25.63 25.92 34.00
C TYR C 207 -26.35 24.59 33.70
N ALA C 208 -26.50 23.74 34.71
CA ALA C 208 -27.15 22.44 34.51
C ALA C 208 -28.53 22.58 33.84
N ASP C 209 -29.22 23.67 34.13
CA ASP C 209 -30.60 23.84 33.67
C ASP C 209 -30.72 24.62 32.35
N ILE C 210 -29.64 25.27 31.92
CA ILE C 210 -29.67 26.03 30.67
C ILE C 210 -29.38 25.13 29.47
N HIS C 211 -29.80 25.58 28.29
CA HIS C 211 -29.66 24.80 27.07
C HIS C 211 -28.18 24.61 26.72
N PRO C 212 -27.79 23.37 26.31
CA PRO C 212 -26.38 23.06 26.03
C PRO C 212 -25.68 24.07 25.13
N MET C 213 -26.33 24.46 24.03
CA MET C 213 -25.76 25.39 23.08
C MET C 213 -25.50 26.76 23.71
N ARG C 214 -26.42 27.18 24.57
CA ARG C 214 -26.31 28.44 25.29
C ARG C 214 -25.21 28.34 26.35
N ALA C 215 -25.15 27.21 27.04
CA ALA C 215 -24.11 26.98 28.04
C ALA C 215 -22.73 27.03 27.40
N ILE C 216 -22.61 26.42 26.22
CA ILE C 216 -21.34 26.42 25.51
C ILE C 216 -20.92 27.84 25.19
N PHE C 217 -21.88 28.69 24.81
CA PHE C 217 -21.58 30.07 24.48
C PHE C 217 -21.14 30.84 25.73
N MET C 218 -21.75 30.53 26.87
CA MET C 218 -21.53 31.28 28.10
C MET C 218 -20.17 31.01 28.74
N ILE C 219 -19.77 29.75 28.78
CA ILE C 219 -18.58 29.35 29.52
C ILE C 219 -17.32 30.16 29.15
N PRO C 220 -17.08 30.41 27.85
CA PRO C 220 -15.93 31.26 27.55
C PRO C 220 -16.21 32.73 27.85
N THR C 221 -17.46 33.15 27.66
CA THR C 221 -17.81 34.56 27.69
C THR C 221 -18.12 35.11 29.09
N ASN C 222 -18.42 34.22 30.04
CA ASN C 222 -18.83 34.61 31.39
C ASN C 222 -17.74 34.41 32.43
N PRO C 223 -17.85 35.08 33.58
CA PRO C 223 -16.85 34.85 34.63
C PRO C 223 -16.99 33.46 35.25
N PRO C 224 -15.95 32.98 35.93
CA PRO C 224 -15.99 31.64 36.54
C PRO C 224 -17.17 31.47 37.48
N PRO C 225 -17.78 30.27 37.50
CA PRO C 225 -18.84 30.04 38.48
C PRO C 225 -18.34 30.05 39.93
N THR C 226 -19.26 30.32 40.84
CA THR C 226 -19.00 30.21 42.27
C THR C 226 -20.15 29.44 42.89
N PHE C 227 -20.14 29.23 44.20
CA PHE C 227 -21.24 28.55 44.86
C PHE C 227 -22.50 29.43 44.80
N ARG C 228 -23.67 28.80 44.84
CA ARG C 228 -24.92 29.57 44.81
C ARG C 228 -25.12 30.28 46.15
N LYS C 229 -24.63 29.65 47.22
CA LYS C 229 -24.69 30.23 48.57
C LYS C 229 -23.31 30.15 49.24
N PRO C 230 -22.43 31.10 48.92
CA PRO C 230 -21.08 31.19 49.47
C PRO C 230 -21.02 31.07 51.01
N GLU C 231 -22.02 31.60 51.71
CA GLU C 231 -22.01 31.59 53.17
C GLU C 231 -21.93 30.18 53.76
N LEU C 232 -22.34 29.19 52.99
CA LEU C 232 -22.39 27.82 53.51
C LEU C 232 -21.03 27.12 53.50
N TRP C 233 -20.04 27.73 52.87
CA TRP C 233 -18.77 27.05 52.61
C TRP C 233 -17.54 27.75 53.20
N SER C 234 -16.64 26.94 53.74
CA SER C 234 -15.38 27.42 54.30
C SER C 234 -14.56 28.21 53.29
N ASP C 235 -13.59 28.96 53.79
CA ASP C 235 -12.76 29.78 52.94
C ASP C 235 -11.77 28.93 52.15
N ASP C 236 -11.37 27.80 52.73
CA ASP C 236 -10.45 26.88 52.07
C ASP C 236 -11.12 26.25 50.87
N PHE C 237 -12.40 25.91 51.02
CA PHE C 237 -13.15 25.29 49.95
C PHE C 237 -13.40 26.29 48.82
N THR C 238 -13.86 27.47 49.19
CA THR C 238 -14.09 28.56 48.25
C THR C 238 -12.85 28.88 47.42
N ASP C 239 -11.70 28.95 48.07
CA ASP C 239 -10.46 29.29 47.39
C ASP C 239 -9.97 28.13 46.51
N PHE C 240 -10.18 26.90 46.98
CA PHE C 240 -9.86 25.72 46.19
C PHE C 240 -10.60 25.76 44.86
N VAL C 241 -11.91 26.01 44.92
CA VAL C 241 -12.71 26.10 43.71
C VAL C 241 -12.23 27.24 42.82
N LYS C 242 -11.95 28.39 43.42
CA LYS C 242 -11.50 29.55 42.65
C LYS C 242 -10.20 29.24 41.91
N LYS C 243 -9.36 28.41 42.50
CA LYS C 243 -8.07 28.06 41.92
C LYS C 243 -8.25 27.15 40.71
N CYS C 244 -9.26 26.29 40.76
CA CYS C 244 -9.55 25.40 39.64
C CYS C 244 -10.18 26.16 38.48
N LEU C 245 -11.07 27.09 38.79
CA LEU C 245 -11.87 27.76 37.76
C LEU C 245 -11.25 29.07 37.26
N VAL C 246 -9.94 29.06 37.02
CA VAL C 246 -9.29 30.14 36.32
C VAL C 246 -9.53 29.97 34.82
N LYS C 247 -10.06 31.00 34.16
CA LYS C 247 -10.42 30.90 32.75
C LYS C 247 -9.17 30.77 31.87
N ASN C 248 -8.11 31.48 32.22
CA ASN C 248 -6.84 31.35 31.50
C ASN C 248 -6.10 30.11 31.99
N PRO C 249 -5.94 29.10 31.11
CA PRO C 249 -5.33 27.83 31.56
C PRO C 249 -3.88 28.01 31.98
N GLU C 250 -3.22 29.04 31.46
CA GLU C 250 -1.82 29.29 31.79
C GLU C 250 -1.64 29.59 33.28
N GLN C 251 -2.69 30.13 33.89
CA GLN C 251 -2.64 30.52 35.30
C GLN C 251 -3.37 29.53 36.21
N ARG C 252 -3.98 28.51 35.61
CA ARG C 252 -4.73 27.53 36.38
C ARG C 252 -3.77 26.59 37.12
N ALA C 253 -4.17 26.14 38.31
CA ALA C 253 -3.33 25.30 39.14
C ALA C 253 -3.17 23.89 38.58
N THR C 254 -1.99 23.28 38.81
CA THR C 254 -1.75 21.89 38.43
C THR C 254 -2.30 20.97 39.51
N ALA C 255 -2.44 19.69 39.18
CA ALA C 255 -2.92 18.71 40.16
C ALA C 255 -1.96 18.66 41.35
N THR C 256 -0.67 18.72 41.06
CA THR C 256 0.36 18.69 42.10
C THR C 256 0.25 19.87 43.05
N GLN C 257 -0.03 21.05 42.50
CA GLN C 257 -0.16 22.25 43.33
C GLN C 257 -1.35 22.15 44.28
N LEU C 258 -2.46 21.63 43.77
CA LEU C 258 -3.70 21.54 44.55
C LEU C 258 -3.61 20.52 45.68
N LEU C 259 -2.81 19.48 45.50
CA LEU C 259 -2.58 18.51 46.57
C LEU C 259 -1.96 19.16 47.81
N GLN C 260 -1.38 20.34 47.64
CA GLN C 260 -0.85 21.13 48.76
C GLN C 260 -1.83 22.21 49.23
N HIS C 261 -2.99 22.33 48.58
CA HIS C 261 -3.96 23.34 48.97
C HIS C 261 -4.55 23.00 50.34
N PRO C 262 -4.74 23.99 51.22
CA PRO C 262 -5.22 23.71 52.58
C PRO C 262 -6.47 22.83 52.60
N PHE C 263 -7.38 23.06 51.66
CA PHE C 263 -8.59 22.27 51.55
C PHE C 263 -8.30 20.79 51.32
N ILE C 264 -7.20 20.49 50.63
CA ILE C 264 -6.83 19.12 50.30
C ILE C 264 -5.84 18.53 51.32
N LYS C 265 -4.78 19.27 51.62
CA LYS C 265 -3.71 18.79 52.48
C LYS C 265 -4.26 18.32 53.83
N ASN C 266 -5.28 19.02 54.33
CA ASN C 266 -5.88 18.73 55.63
C ASN C 266 -7.06 17.75 55.57
N ALA C 267 -7.23 17.09 54.43
CA ALA C 267 -8.36 16.17 54.25
C ALA C 267 -8.30 15.00 55.23
N LYS C 268 -9.45 14.66 55.81
CA LYS C 268 -9.54 13.52 56.72
C LYS C 268 -9.27 12.21 56.00
N PRO C 269 -9.06 11.12 56.76
CA PRO C 269 -8.90 9.79 56.16
C PRO C 269 -10.19 9.33 55.50
N VAL C 270 -10.13 8.23 54.76
CA VAL C 270 -11.31 7.72 54.06
C VAL C 270 -12.33 7.11 55.03
N SER C 271 -11.94 6.96 56.29
CA SER C 271 -12.84 6.42 57.30
C SER C 271 -14.11 7.28 57.42
N ILE C 272 -14.01 8.58 57.15
CA ILE C 272 -15.16 9.47 57.27
C ILE C 272 -16.21 9.16 56.21
N LEU C 273 -15.78 8.44 55.16
CA LEU C 273 -16.68 8.03 54.10
C LEU C 273 -17.44 6.77 54.48
N ARG C 274 -17.13 6.21 55.65
CA ARG C 274 -17.68 4.93 56.05
C ARG C 274 -19.21 4.95 56.09
N ASP C 275 -19.76 6.12 56.40
CA ASP C 275 -21.21 6.27 56.54
C ASP C 275 -21.91 6.38 55.18
N LEU C 276 -21.30 7.12 54.26
CA LEU C 276 -21.87 7.28 52.92
C LEU C 276 -21.93 5.93 52.25
N ILE C 277 -20.78 5.26 52.28
CA ILE C 277 -20.59 4.02 51.57
C ILE C 277 -21.46 2.91 52.13
N THR C 278 -21.54 2.80 53.45
CA THR C 278 -22.40 1.80 54.06
C THR C 278 -23.85 2.12 53.71
N GLU C 279 -24.20 3.40 53.74
CA GLU C 279 -25.57 3.81 53.45
C GLU C 279 -25.92 3.70 51.98
N ALA C 280 -24.95 3.93 51.11
CA ALA C 280 -25.17 3.87 49.67
C ALA C 280 -25.46 2.45 49.22
N MET C 281 -24.64 1.51 49.68
CA MET C 281 -24.78 0.11 49.28
C MET C 281 -25.95 -0.55 50.01
N GLU C 282 -26.28 -0.08 51.20
CA GLU C 282 -27.46 -0.56 51.91
C GLU C 282 -28.71 -0.28 51.09
N ILE C 283 -28.73 0.89 50.44
CA ILE C 283 -29.86 1.29 49.61
C ILE C 283 -29.85 0.51 48.29
N LYS C 284 -28.69 0.40 47.65
CA LYS C 284 -28.57 -0.34 46.39
C LYS C 284 -29.04 -1.78 46.55
N ALA C 285 -28.60 -2.41 47.64
CA ALA C 285 -28.94 -3.81 47.91
C ALA C 285 -30.46 -3.99 48.01
N LYS C 286 -31.12 -3.04 48.67
CA LYS C 286 -32.56 -3.12 48.88
C LYS C 286 -33.33 -2.75 47.62
N ARG C 287 -32.85 -1.76 46.87
CA ARG C 287 -33.52 -1.33 45.65
C ARG C 287 -33.45 -2.42 44.58
N HIS C 288 -32.42 -3.26 44.65
CA HIS C 288 -32.23 -4.33 43.67
C HIS C 288 -33.27 -5.43 43.82
N GLU C 289 -33.49 -5.86 45.06
CA GLU C 289 -34.43 -6.96 45.34
C GLU C 289 -35.87 -6.58 45.00
N GLU C 290 -36.20 -5.32 45.19
CA GLU C 290 -37.57 -4.86 44.96
C GLU C 290 -37.92 -4.84 43.48
N GLN C 291 -36.94 -4.60 42.63
CA GLN C 291 -37.17 -4.48 41.20
C GLN C 291 -37.41 -5.85 40.56
N GLN C 292 -36.64 -6.85 41.01
CA GLN C 292 -36.75 -8.19 40.46
C GLN C 292 -37.96 -8.94 41.01
N ARG C 293 -38.37 -8.56 42.22
CA ARG C 293 -39.55 -9.13 42.85
C ARG C 293 -40.78 -8.91 41.96
N VAL D 12 -54.06 -0.98 27.24
CA VAL D 12 -55.46 -0.74 27.55
C VAL D 12 -56.27 -0.64 26.26
N PHE D 13 -55.62 -0.19 25.18
CA PHE D 13 -56.26 -0.02 23.88
C PHE D 13 -55.42 -0.62 22.74
N ASP D 14 -55.88 -0.43 21.51
CA ASP D 14 -55.26 -1.04 20.35
C ASP D 14 -54.09 -0.23 19.80
N VAL D 15 -52.90 -0.54 20.30
CA VAL D 15 -51.66 0.09 19.82
C VAL D 15 -51.07 -0.77 18.70
N LEU D 16 -50.38 -0.12 17.76
CA LEU D 16 -49.86 -0.81 16.57
C LEU D 16 -48.35 -0.65 16.38
N GLU D 17 -47.95 0.26 15.51
CA GLU D 17 -46.56 0.35 15.05
C GLU D 17 -45.71 1.25 15.95
N LYS D 18 -44.43 1.38 15.61
CA LYS D 18 -43.49 2.20 16.37
C LYS D 18 -42.93 3.30 15.48
N LEU D 19 -42.13 4.19 16.05
CA LEU D 19 -41.51 5.27 15.27
C LEU D 19 -40.17 5.71 15.88
N GLY D 20 -40.10 6.95 16.36
CA GLY D 20 -38.86 7.53 16.85
C GLY D 20 -38.76 7.49 18.36
N GLU D 21 -37.69 8.09 18.89
CA GLU D 21 -37.44 8.08 20.33
C GLU D 21 -36.69 9.34 20.76
N GLY D 22 -37.19 9.98 21.82
CA GLY D 22 -36.56 11.18 22.33
C GLY D 22 -37.46 11.95 23.28
N GLY D 25 -38.76 9.26 24.68
CA GLY D 25 -40.10 8.71 24.67
C GLY D 25 -40.48 8.17 23.32
N SER D 26 -40.74 6.86 23.24
CA SER D 26 -41.09 6.22 21.98
C SER D 26 -42.49 6.65 21.51
N VAL D 27 -42.70 6.63 20.20
CA VAL D 27 -43.97 7.02 19.60
C VAL D 27 -44.62 5.82 18.90
N PHE D 28 -45.89 5.60 19.19
CA PHE D 28 -46.63 4.48 18.62
C PHE D 28 -47.90 4.96 17.91
N LYS D 29 -48.38 4.14 16.99
CA LYS D 29 -49.66 4.39 16.33
C LYS D 29 -50.74 3.70 17.15
N ALA D 30 -52.00 4.06 16.91
CA ALA D 30 -53.11 3.44 17.62
C ALA D 30 -54.43 3.82 16.98
N ILE D 31 -55.46 3.03 17.28
CA ILE D 31 -56.81 3.32 16.82
C ILE D 31 -57.74 3.44 18.00
N HIS D 32 -58.98 3.85 17.76
CA HIS D 32 -59.98 3.95 18.81
C HIS D 32 -61.37 4.20 18.23
N LYS D 33 -62.29 3.28 18.50
CA LYS D 33 -63.66 3.35 18.00
C LYS D 33 -63.68 3.45 16.47
N VAL D 38 -55.46 6.00 13.86
CA VAL D 38 -56.05 7.33 13.76
C VAL D 38 -55.35 8.31 14.72
N VAL D 39 -54.60 7.77 15.68
CA VAL D 39 -53.86 8.60 16.63
C VAL D 39 -52.43 8.12 16.81
N ALA D 40 -51.59 9.00 17.35
CA ALA D 40 -50.22 8.65 17.74
C ALA D 40 -50.16 8.65 19.26
N ILE D 41 -49.19 7.94 19.82
CA ILE D 41 -49.07 7.81 21.28
C ILE D 41 -47.60 7.86 21.71
N LYS D 42 -47.27 8.85 22.55
CA LYS D 42 -45.91 9.00 23.05
C LYS D 42 -45.70 8.22 24.36
N GLN D 43 -46.03 6.93 24.32
CA GLN D 43 -45.80 6.04 25.47
C GLN D 43 -44.39 5.44 25.43
N ASP D 49 -38.31 14.30 33.90
CA ASP D 49 -38.79 15.60 34.33
C ASP D 49 -40.24 15.79 33.91
N LEU D 50 -41.17 15.49 34.83
CA LEU D 50 -42.59 15.52 34.51
C LEU D 50 -43.20 16.93 34.55
N GLN D 51 -42.72 17.77 35.47
CA GLN D 51 -43.23 19.14 35.58
C GLN D 51 -43.00 19.92 34.28
N GLU D 52 -42.07 19.44 33.46
CA GLU D 52 -41.80 20.04 32.14
C GLU D 52 -42.79 19.51 31.12
N ILE D 53 -43.07 18.22 31.18
CA ILE D 53 -44.08 17.59 30.32
C ILE D 53 -45.45 18.21 30.56
N ILE D 54 -45.83 18.30 31.83
CA ILE D 54 -47.12 18.87 32.21
C ILE D 54 -47.23 20.30 31.68
N LYS D 55 -46.13 21.03 31.73
CA LYS D 55 -46.09 22.39 31.20
C LYS D 55 -46.38 22.38 29.70
N GLU D 56 -45.89 21.35 29.02
CA GLU D 56 -46.13 21.22 27.58
C GLU D 56 -47.60 20.91 27.33
N ILE D 57 -48.15 19.97 28.09
CA ILE D 57 -49.57 19.64 28.02
C ILE D 57 -50.41 20.84 28.46
N SER D 58 -49.96 21.51 29.52
CA SER D 58 -50.76 22.54 30.19
C SER D 58 -51.26 23.64 29.25
N ILE D 59 -50.55 23.86 28.16
CA ILE D 59 -50.91 24.90 27.20
C ILE D 59 -51.11 24.35 25.79
N MET D 60 -50.61 23.14 25.53
CA MET D 60 -50.84 22.49 24.24
C MET D 60 -52.29 22.03 24.13
N GLN D 61 -52.92 21.77 25.26
CA GLN D 61 -54.33 21.39 25.28
C GLN D 61 -55.20 22.63 25.10
N GLN D 62 -54.64 23.79 25.45
CA GLN D 62 -55.34 25.06 25.28
C GLN D 62 -55.27 25.54 23.83
N CYS D 63 -54.44 24.88 23.02
CA CYS D 63 -54.35 25.21 21.60
C CYS D 63 -55.46 24.52 20.81
N ASP D 64 -56.07 25.30 19.92
CA ASP D 64 -57.13 24.81 19.06
C ASP D 64 -56.91 25.42 17.68
N SER D 65 -56.01 24.81 16.93
CA SER D 65 -55.67 25.29 15.59
C SER D 65 -55.40 24.10 14.68
N PRO D 66 -55.90 24.14 13.44
CA PRO D 66 -55.55 23.06 12.51
C PRO D 66 -54.13 23.16 11.98
N TYR D 67 -53.37 24.17 12.42
CA TYR D 67 -51.97 24.34 12.03
C TYR D 67 -51.02 23.98 13.18
N VAL D 68 -51.51 23.18 14.12
CA VAL D 68 -50.73 22.78 15.29
C VAL D 68 -51.20 21.41 15.76
N VAL D 69 -50.26 20.49 15.94
CA VAL D 69 -50.60 19.11 16.32
C VAL D 69 -51.42 19.11 17.61
N LYS D 70 -52.53 18.39 17.58
CA LYS D 70 -53.54 18.46 18.63
C LYS D 70 -53.29 17.43 19.72
N TYR D 71 -53.58 17.84 20.96
CA TYR D 71 -53.45 16.97 22.13
C TYR D 71 -54.81 16.38 22.50
N TYR D 72 -54.82 15.13 22.95
CA TYR D 72 -56.06 14.42 23.26
C TYR D 72 -56.18 14.00 24.73
N GLY D 73 -55.11 13.45 25.30
CA GLY D 73 -55.14 12.98 26.67
C GLY D 73 -53.85 12.33 27.12
N SER D 74 -53.94 11.48 28.14
CA SER D 74 -52.74 10.84 28.70
C SER D 74 -53.09 9.69 29.66
N TYR D 75 -52.12 8.81 29.86
CA TYR D 75 -52.28 7.64 30.72
C TYR D 75 -51.01 7.40 31.52
N PHE D 76 -51.00 6.38 32.38
CA PHE D 76 -49.90 6.14 33.31
C PHE D 76 -49.36 4.71 33.33
N LYS D 77 -48.04 4.61 33.46
CA LYS D 77 -47.37 3.32 33.62
C LYS D 77 -46.09 3.49 34.42
N TRP D 82 -47.85 9.10 30.37
CA TRP D 82 -47.58 9.01 28.95
C TRP D 82 -48.75 9.58 28.13
N ILE D 83 -48.44 10.11 26.95
CA ILE D 83 -49.37 10.97 26.22
C ILE D 83 -49.90 10.38 24.91
N VAL D 84 -51.13 10.77 24.56
CA VAL D 84 -51.74 10.45 23.27
C VAL D 84 -51.89 11.72 22.46
N MET D 85 -51.50 11.67 21.18
CA MET D 85 -51.57 12.86 20.33
C MET D 85 -52.04 12.55 18.90
N GLU D 86 -52.26 13.62 18.14
CA GLU D 86 -52.67 13.54 16.75
C GLU D 86 -51.58 12.87 15.91
N TYR D 87 -52.01 12.10 14.92
CA TYR D 87 -51.10 11.35 14.06
C TYR D 87 -51.01 11.97 12.66
N CYS D 88 -49.79 12.23 12.21
CA CYS D 88 -49.54 12.81 10.89
C CYS D 88 -48.85 11.79 9.98
N GLY D 89 -49.61 11.27 9.02
CA GLY D 89 -49.22 10.09 8.28
C GLY D 89 -48.04 10.23 7.33
N ALA D 90 -47.83 11.42 6.81
CA ALA D 90 -46.77 11.65 5.83
C ALA D 90 -45.44 12.02 6.48
N GLY D 91 -45.33 11.84 7.79
CA GLY D 91 -44.11 12.18 8.51
C GLY D 91 -43.75 13.65 8.41
N SER D 92 -42.50 13.98 8.72
CA SER D 92 -42.07 15.38 8.71
C SER D 92 -41.57 15.79 7.32
N VAL D 93 -41.50 17.10 7.09
CA VAL D 93 -40.97 17.62 5.83
C VAL D 93 -39.56 17.09 5.63
N SER D 94 -38.82 16.98 6.73
CA SER D 94 -37.48 16.45 6.70
C SER D 94 -37.46 15.02 6.16
N ASP D 95 -38.41 14.20 6.62
CA ASP D 95 -38.54 12.83 6.12
C ASP D 95 -38.83 12.78 4.63
N ILE D 96 -39.74 13.65 4.18
CA ILE D 96 -40.16 13.66 2.78
C ILE D 96 -39.00 14.02 1.86
N ILE D 97 -38.11 14.88 2.34
CA ILE D 97 -36.92 15.24 1.59
C ILE D 97 -35.99 14.04 1.54
N ARG D 98 -35.76 13.41 2.70
CA ARG D 98 -34.86 12.26 2.78
C ARG D 98 -35.37 11.06 2.00
N LEU D 99 -36.68 10.83 2.05
CA LEU D 99 -37.30 9.68 1.39
C LEU D 99 -37.21 9.79 -0.13
N ARG D 100 -37.60 10.94 -0.66
CA ARG D 100 -37.55 11.16 -2.11
C ARG D 100 -36.15 11.50 -2.61
N ASN D 101 -35.22 11.77 -1.69
CA ASN D 101 -33.88 12.27 -2.04
C ASN D 101 -33.94 13.53 -2.90
N LYS D 102 -34.94 14.38 -2.65
CA LYS D 102 -35.07 15.64 -3.35
C LYS D 102 -35.41 16.76 -2.38
N THR D 103 -34.84 17.92 -2.62
CA THR D 103 -35.22 19.12 -1.90
C THR D 103 -36.53 19.60 -2.53
N LEU D 104 -37.19 20.54 -1.88
CA LEU D 104 -38.46 21.04 -2.36
C LEU D 104 -38.26 22.26 -3.26
N ILE D 105 -39.06 22.35 -4.32
CA ILE D 105 -39.05 23.53 -5.19
C ILE D 105 -39.76 24.69 -4.49
N GLU D 106 -39.56 25.90 -4.99
CA GLU D 106 -40.12 27.12 -4.39
C GLU D 106 -41.61 27.03 -4.05
N ASP D 107 -42.43 26.69 -5.04
CA ASP D 107 -43.87 26.59 -4.85
C ASP D 107 -44.24 25.67 -3.68
N GLU D 108 -43.54 24.55 -3.57
CA GLU D 108 -43.80 23.61 -2.48
C GLU D 108 -43.44 24.24 -1.14
N ILE D 109 -42.33 24.97 -1.12
CA ILE D 109 -41.85 25.64 0.08
C ILE D 109 -42.81 26.77 0.48
N ALA D 110 -43.12 27.63 -0.48
CA ALA D 110 -44.06 28.74 -0.26
C ALA D 110 -45.38 28.26 0.33
N THR D 111 -45.93 27.19 -0.24
CA THR D 111 -47.20 26.65 0.24
C THR D 111 -47.08 26.11 1.67
N ILE D 112 -46.04 25.32 1.92
CA ILE D 112 -45.83 24.73 3.24
C ILE D 112 -45.58 25.80 4.31
N LEU D 113 -44.82 26.83 3.97
CA LEU D 113 -44.47 27.87 4.93
C LEU D 113 -45.65 28.76 5.26
N LYS D 114 -46.56 28.95 4.31
CA LYS D 114 -47.78 29.71 4.55
C LYS D 114 -48.52 29.05 5.71
N SER D 115 -48.69 27.74 5.62
CA SER D 115 -49.32 26.96 6.66
C SER D 115 -48.52 27.05 7.96
N THR D 116 -47.20 26.86 7.85
CA THR D 116 -46.30 26.96 8.99
C THR D 116 -46.47 28.30 9.71
N LEU D 117 -46.57 29.37 8.93
CA LEU D 117 -46.65 30.72 9.47
C LEU D 117 -47.94 30.99 10.23
N LYS D 118 -49.05 30.42 9.75
CA LYS D 118 -50.33 30.57 10.44
C LYS D 118 -50.30 29.82 11.77
N GLY D 119 -49.57 28.72 11.80
CA GLY D 119 -49.37 27.96 13.02
C GLY D 119 -48.58 28.77 14.03
N LEU D 120 -47.60 29.53 13.54
CA LEU D 120 -46.76 30.36 14.39
C LEU D 120 -47.51 31.60 14.86
N GLU D 121 -48.25 32.22 13.94
CA GLU D 121 -49.07 33.39 14.26
C GLU D 121 -50.01 33.06 15.41
N TYR D 122 -50.59 31.86 15.35
CA TYR D 122 -51.49 31.39 16.39
C TYR D 122 -50.80 31.24 17.74
N LEU D 123 -49.64 30.57 17.75
CA LEU D 123 -48.88 30.38 18.99
C LEU D 123 -48.38 31.72 19.53
N HIS D 124 -48.07 32.66 18.64
CA HIS D 124 -47.58 33.97 19.03
C HIS D 124 -48.71 34.87 19.56
N PHE D 125 -49.94 34.63 19.11
CA PHE D 125 -51.09 35.30 19.70
C PHE D 125 -51.13 34.95 21.19
N MET D 126 -50.89 33.67 21.49
CA MET D 126 -50.91 33.16 22.86
C MET D 126 -49.59 33.37 23.59
N ARG D 127 -48.72 34.21 23.03
CA ARG D 127 -47.41 34.50 23.65
C ARG D 127 -46.54 33.24 23.85
N LYS D 128 -46.83 32.16 23.13
CA LYS D 128 -46.02 30.95 23.24
C LYS D 128 -44.94 30.90 22.16
N ILE D 129 -43.74 30.45 22.56
CA ILE D 129 -42.62 30.30 21.64
C ILE D 129 -42.37 28.83 21.37
N HIS D 130 -42.21 28.50 20.09
CA HIS D 130 -42.00 27.11 19.69
C HIS D 130 -40.60 26.65 20.04
N ARG D 131 -39.60 27.47 19.72
CA ARG D 131 -38.19 27.26 20.07
C ARG D 131 -37.44 26.26 19.18
N ASN D 132 -38.17 25.42 18.44
CA ASN D 132 -37.56 24.36 17.64
C ASN D 132 -38.16 24.23 16.24
N ILE D 133 -38.30 25.36 15.55
CA ILE D 133 -38.77 25.36 14.17
C ILE D 133 -37.68 24.85 13.24
N LYS D 134 -37.93 23.70 12.61
CA LYS D 134 -37.04 23.12 11.61
C LYS D 134 -37.88 22.13 10.80
N ALA D 135 -37.35 21.68 9.67
CA ALA D 135 -38.14 20.85 8.75
C ALA D 135 -38.61 19.54 9.39
N GLY D 136 -37.81 19.04 10.35
CA GLY D 136 -38.14 17.80 11.03
C GLY D 136 -39.32 17.93 11.99
N ASN D 137 -39.66 19.16 12.36
CA ASN D 137 -40.79 19.43 13.26
C ASN D 137 -42.02 19.97 12.52
N ILE D 138 -41.95 20.05 11.20
CA ILE D 138 -43.12 20.38 10.40
C ILE D 138 -43.69 19.06 9.88
N LEU D 139 -44.81 18.63 10.46
CA LEU D 139 -45.41 17.35 10.11
C LEU D 139 -46.48 17.53 9.04
N LEU D 140 -46.80 16.45 8.34
CA LEU D 140 -47.75 16.51 7.23
C LEU D 140 -48.73 15.35 7.26
N ASN D 141 -49.99 15.68 7.03
CA ASN D 141 -51.05 14.68 6.88
C ASN D 141 -50.93 13.99 5.53
N THR D 142 -51.66 12.89 5.38
CA THR D 142 -51.77 12.23 4.09
C THR D 142 -52.42 13.20 3.11
N GLU D 143 -53.29 14.06 3.63
CA GLU D 143 -53.96 15.08 2.83
C GLU D 143 -52.97 16.17 2.39
N GLY D 144 -51.79 16.18 3.00
CA GLY D 144 -50.78 17.18 2.69
C GLY D 144 -50.92 18.42 3.56
N HIS D 145 -51.68 18.31 4.64
CA HIS D 145 -51.85 19.43 5.57
C HIS D 145 -50.66 19.54 6.54
N ALA D 146 -50.07 20.73 6.61
CA ALA D 146 -48.90 20.96 7.47
C ALA D 146 -49.26 21.45 8.86
N LYS D 147 -48.61 20.89 9.87
CA LYS D 147 -48.83 21.28 11.26
C LYS D 147 -47.50 21.38 12.01
N LEU D 148 -47.44 22.29 12.98
CA LEU D 148 -46.27 22.40 13.84
C LEU D 148 -46.32 21.32 14.90
N ALA D 149 -45.17 20.75 15.23
CA ALA D 149 -45.09 19.67 16.20
C ALA D 149 -43.90 19.84 17.13
N ASP D 150 -43.75 18.90 18.05
CA ASP D 150 -42.61 18.87 18.97
C ASP D 150 -41.52 17.94 18.43
N GLY D 169 -28.76 20.62 21.35
CA GLY D 169 -28.19 19.58 20.51
C GLY D 169 -27.49 20.16 19.29
N THR D 170 -28.11 21.15 18.68
CA THR D 170 -27.56 21.78 17.47
C THR D 170 -27.93 23.27 17.44
N PRO D 171 -27.03 24.12 16.90
CA PRO D 171 -27.27 25.58 16.93
C PRO D 171 -27.77 26.19 15.62
N PHE D 172 -27.81 25.40 14.56
CA PHE D 172 -27.99 25.94 13.20
C PHE D 172 -29.32 26.65 12.98
N TRP D 173 -30.34 26.32 13.78
CA TRP D 173 -31.65 26.98 13.65
C TRP D 173 -31.91 28.03 14.74
N MET D 174 -30.92 28.29 15.59
CA MET D 174 -31.09 29.28 16.66
C MET D 174 -30.79 30.69 16.21
N ALA D 175 -31.67 31.61 16.58
CA ALA D 175 -31.43 33.03 16.34
C ALA D 175 -30.26 33.52 17.20
N PRO D 176 -29.62 34.63 16.80
CA PRO D 176 -28.50 35.19 17.55
C PRO D 176 -28.84 35.48 19.02
N GLU D 177 -30.00 36.06 19.30
CA GLU D 177 -30.36 36.39 20.68
C GLU D 177 -30.59 35.14 21.52
N VAL D 178 -31.03 34.06 20.89
CA VAL D 178 -31.23 32.79 21.58
C VAL D 178 -29.90 32.23 22.08
N ILE D 179 -28.81 32.59 21.39
CA ILE D 179 -27.47 32.15 21.78
C ILE D 179 -26.83 33.16 22.73
N GLN D 180 -26.93 34.44 22.39
CA GLN D 180 -26.22 35.51 23.10
C GLN D 180 -26.93 35.99 24.36
N GLU D 181 -28.22 36.31 24.24
CA GLU D 181 -28.93 37.00 25.31
C GLU D 181 -29.40 36.03 26.39
N ILE D 182 -29.82 36.60 27.51
CA ILE D 182 -30.36 35.83 28.61
C ILE D 182 -31.73 35.29 28.21
N GLY D 183 -32.44 36.04 27.38
CA GLY D 183 -33.77 35.66 26.97
C GLY D 183 -34.15 36.19 25.61
N TYR D 184 -35.29 35.74 25.10
CA TYR D 184 -35.72 36.06 23.75
C TYR D 184 -37.22 35.97 23.63
N ASN D 185 -37.72 36.39 22.47
CA ASN D 185 -39.16 36.47 22.22
C ASN D 185 -39.60 35.53 21.12
N CYS D 186 -40.88 35.61 20.80
CA CYS D 186 -41.50 34.81 19.75
C CYS D 186 -40.77 34.90 18.41
N VAL D 187 -40.31 36.10 18.07
CA VAL D 187 -39.67 36.34 16.78
C VAL D 187 -38.43 35.47 16.57
N ALA D 188 -37.93 34.87 17.65
CA ALA D 188 -36.86 33.89 17.53
C ALA D 188 -37.29 32.76 16.60
N ASP D 189 -38.56 32.39 16.67
CA ASP D 189 -39.11 31.38 15.77
C ASP D 189 -38.99 31.82 14.32
N ILE D 190 -39.17 33.11 14.07
CA ILE D 190 -39.14 33.61 12.70
C ILE D 190 -37.75 33.41 12.09
N TRP D 191 -36.71 33.66 12.88
CA TRP D 191 -35.35 33.43 12.43
C TRP D 191 -35.21 31.97 12.00
N SER D 192 -35.65 31.07 12.87
CA SER D 192 -35.57 29.64 12.60
C SER D 192 -36.32 29.28 11.32
N LEU D 193 -37.45 29.95 11.09
CA LEU D 193 -38.26 29.72 9.91
C LEU D 193 -37.45 30.03 8.65
N GLY D 194 -36.68 31.13 8.69
CA GLY D 194 -35.81 31.49 7.57
C GLY D 194 -34.76 30.42 7.31
N ILE D 195 -34.14 29.94 8.37
CA ILE D 195 -33.17 28.85 8.28
C ILE D 195 -33.85 27.62 7.71
N THR D 196 -35.05 27.35 8.21
CA THR D 196 -35.83 26.20 7.79
C THR D 196 -36.19 26.24 6.30
N SER D 197 -36.38 27.44 5.75
CA SER D 197 -36.72 27.58 4.35
C SER D 197 -35.48 27.32 3.48
N ILE D 198 -34.31 27.66 4.00
CA ILE D 198 -33.06 27.34 3.31
C ILE D 198 -32.83 25.83 3.36
N GLU D 199 -33.14 25.23 4.52
CA GLU D 199 -33.01 23.79 4.70
C GLU D 199 -33.86 23.03 3.68
N MET D 200 -35.07 23.51 3.46
CA MET D 200 -36.03 22.86 2.57
C MET D 200 -35.58 22.97 1.12
N ALA D 201 -34.81 24.01 0.81
CA ALA D 201 -34.41 24.31 -0.57
C ALA D 201 -33.07 23.67 -0.93
N GLU D 202 -32.14 23.65 0.01
CA GLU D 202 -30.77 23.19 -0.25
C GLU D 202 -30.47 21.87 0.47
N GLY D 203 -31.38 21.44 1.34
CA GLY D 203 -31.26 20.15 1.96
C GLY D 203 -30.51 20.17 3.26
N LYS D 204 -30.04 21.35 3.66
CA LYS D 204 -29.29 21.49 4.90
C LYS D 204 -29.21 22.97 5.27
N PRO D 205 -29.19 23.28 6.58
CA PRO D 205 -29.08 24.67 7.01
C PRO D 205 -27.71 25.27 6.74
N PRO D 206 -27.60 26.61 6.75
CA PRO D 206 -26.27 27.19 6.62
C PRO D 206 -25.33 26.70 7.72
N TYR D 207 -24.04 26.58 7.43
CA TYR D 207 -23.04 26.15 8.41
C TYR D 207 -23.18 24.67 8.79
N ALA D 208 -24.02 23.92 8.09
CA ALA D 208 -24.24 22.50 8.39
C ALA D 208 -22.96 21.69 8.46
N ASP D 209 -21.93 22.14 7.73
CA ASP D 209 -20.67 21.43 7.66
C ASP D 209 -19.72 21.87 8.76
N ILE D 210 -20.03 23.00 9.41
CA ILE D 210 -19.17 23.55 10.46
C ILE D 210 -19.40 22.81 11.78
N HIS D 211 -18.31 22.61 12.52
CA HIS D 211 -18.39 22.02 13.84
C HIS D 211 -19.28 22.88 14.75
N PRO D 212 -20.21 22.27 15.49
CA PRO D 212 -21.19 23.03 16.29
C PRO D 212 -20.56 24.05 17.28
N MET D 213 -19.46 23.69 17.93
CA MET D 213 -18.79 24.62 18.83
C MET D 213 -18.13 25.79 18.13
N ARG D 214 -18.08 25.75 16.79
CA ARG D 214 -17.65 26.91 16.02
C ARG D 214 -18.86 27.72 15.57
N ALA D 215 -19.90 27.03 15.09
CA ALA D 215 -21.10 27.69 14.61
C ALA D 215 -21.78 28.52 15.70
N ILE D 216 -21.71 28.06 16.95
CA ILE D 216 -22.29 28.76 18.08
C ILE D 216 -21.85 30.22 18.12
N PHE D 217 -20.57 30.44 17.85
CA PHE D 217 -20.00 31.79 17.94
C PHE D 217 -20.04 32.51 16.60
N MET D 218 -20.26 31.76 15.52
CA MET D 218 -20.33 32.37 14.19
C MET D 218 -21.68 33.03 13.96
N ILE D 219 -22.74 32.40 14.45
CA ILE D 219 -24.10 32.87 14.22
C ILE D 219 -24.32 34.31 14.72
N PRO D 220 -23.93 34.61 15.98
CA PRO D 220 -24.08 35.99 16.45
C PRO D 220 -23.12 36.97 15.75
N THR D 221 -21.96 36.49 15.34
CA THR D 221 -20.93 37.34 14.74
C THR D 221 -21.18 37.64 13.27
N ASN D 222 -21.32 36.59 12.47
CA ASN D 222 -21.40 36.72 11.01
C ASN D 222 -22.67 37.43 10.56
N PRO D 223 -22.65 37.98 9.33
CA PRO D 223 -23.88 38.54 8.77
C PRO D 223 -24.88 37.44 8.48
N PRO D 224 -26.15 37.80 8.20
CA PRO D 224 -27.19 36.79 7.97
C PRO D 224 -26.85 35.83 6.82
N PRO D 225 -27.15 34.54 6.98
CA PRO D 225 -26.93 33.62 5.86
C PRO D 225 -27.84 33.93 4.67
N THR D 226 -27.39 33.56 3.47
CA THR D 226 -28.20 33.60 2.26
C THR D 226 -28.10 32.25 1.56
N PHE D 227 -28.73 32.14 0.40
CA PHE D 227 -28.65 30.91 -0.38
C PHE D 227 -27.23 30.67 -0.90
N ARG D 228 -26.83 29.41 -0.95
CA ARG D 228 -25.57 29.01 -1.54
C ARG D 228 -25.53 29.38 -3.03
N LYS D 229 -26.65 29.21 -3.73
CA LYS D 229 -26.74 29.55 -5.15
C LYS D 229 -27.88 30.52 -5.41
N PRO D 230 -27.65 31.82 -5.15
CA PRO D 230 -28.70 32.86 -5.24
C PRO D 230 -29.41 32.92 -6.58
N GLU D 231 -28.74 32.56 -7.67
CA GLU D 231 -29.34 32.68 -9.00
C GLU D 231 -30.48 31.68 -9.21
N LEU D 232 -30.55 30.67 -8.36
CA LEU D 232 -31.57 29.62 -8.48
C LEU D 232 -32.94 30.07 -7.96
N TRP D 233 -32.95 31.12 -7.15
CA TRP D 233 -34.14 31.48 -6.39
C TRP D 233 -34.67 32.86 -6.76
N SER D 234 -35.99 32.99 -6.74
CA SER D 234 -36.66 34.20 -7.17
C SER D 234 -36.40 35.36 -6.21
N ASP D 235 -36.86 36.55 -6.61
CA ASP D 235 -36.71 37.73 -5.79
C ASP D 235 -37.62 37.66 -4.57
N ASP D 236 -38.84 37.13 -4.77
CA ASP D 236 -39.79 37.00 -3.68
C ASP D 236 -39.27 36.07 -2.60
N PHE D 237 -38.69 34.95 -3.01
CA PHE D 237 -38.17 33.97 -2.07
C PHE D 237 -36.96 34.54 -1.36
N THR D 238 -36.09 35.18 -2.13
CA THR D 238 -34.84 35.72 -1.60
C THR D 238 -35.10 36.83 -0.59
N ASP D 239 -36.09 37.67 -0.87
CA ASP D 239 -36.42 38.77 0.04
C ASP D 239 -37.11 38.27 1.29
N PHE D 240 -37.97 37.27 1.13
CA PHE D 240 -38.66 36.67 2.26
C PHE D 240 -37.66 36.15 3.29
N VAL D 241 -36.66 35.41 2.82
CA VAL D 241 -35.62 34.86 3.69
C VAL D 241 -34.82 35.98 4.33
N LYS D 242 -34.60 37.07 3.58
CA LYS D 242 -33.83 38.21 4.06
C LYS D 242 -34.50 38.84 5.29
N LYS D 243 -35.83 38.92 5.26
CA LYS D 243 -36.57 39.51 6.35
C LYS D 243 -36.74 38.58 7.55
N CYS D 244 -36.66 37.27 7.30
CA CYS D 244 -36.68 36.30 8.39
C CYS D 244 -35.38 36.37 9.17
N LEU D 245 -34.29 36.48 8.45
CA LEU D 245 -32.96 36.39 9.03
C LEU D 245 -32.38 37.77 9.33
N VAL D 246 -33.13 38.56 10.09
CA VAL D 246 -32.66 39.83 10.62
C VAL D 246 -32.15 39.59 12.03
N LYS D 247 -30.87 39.89 12.26
CA LYS D 247 -30.20 39.56 13.52
C LYS D 247 -30.84 40.25 14.74
N ASN D 248 -31.11 41.55 14.63
CA ASN D 248 -31.77 42.26 15.72
C ASN D 248 -33.22 41.81 15.80
N PRO D 249 -33.63 41.17 16.91
CA PRO D 249 -35.00 40.61 16.98
C PRO D 249 -36.10 41.66 16.97
N GLU D 250 -35.85 42.84 17.54
CA GLU D 250 -36.85 43.90 17.61
C GLU D 250 -37.14 44.51 16.23
N GLN D 251 -36.27 44.26 15.26
CA GLN D 251 -36.48 44.71 13.88
C GLN D 251 -36.71 43.52 12.93
N ARG D 252 -37.09 42.38 13.50
CA ARG D 252 -37.36 41.18 12.72
C ARG D 252 -38.86 41.05 12.47
N ALA D 253 -39.24 40.75 11.23
CA ALA D 253 -40.63 40.60 10.84
C ALA D 253 -41.34 39.54 11.66
N THR D 254 -42.61 39.79 11.97
CA THR D 254 -43.44 38.86 12.72
C THR D 254 -44.16 37.90 11.77
N ALA D 255 -44.77 36.87 12.33
CA ALA D 255 -45.55 35.91 11.54
C ALA D 255 -46.68 36.60 10.77
N THR D 256 -47.42 37.48 11.43
CA THR D 256 -48.53 38.19 10.77
C THR D 256 -48.02 39.02 9.59
N GLN D 257 -46.91 39.73 9.80
CA GLN D 257 -46.34 40.58 8.75
C GLN D 257 -45.83 39.77 7.55
N LEU D 258 -45.28 38.58 7.81
CA LEU D 258 -44.75 37.75 6.74
C LEU D 258 -45.87 37.07 5.96
N LEU D 259 -47.01 36.86 6.62
CA LEU D 259 -48.17 36.28 5.95
C LEU D 259 -48.68 37.17 4.83
N GLN D 260 -48.23 38.43 4.82
CA GLN D 260 -48.59 39.39 3.79
C GLN D 260 -47.42 39.66 2.86
N HIS D 261 -46.41 38.78 2.89
CA HIS D 261 -45.28 38.88 1.99
C HIS D 261 -45.67 38.23 0.67
N PRO D 262 -45.20 38.78 -0.47
CA PRO D 262 -45.57 38.25 -1.79
C PRO D 262 -45.34 36.74 -1.91
N PHE D 263 -44.19 36.27 -1.44
CA PHE D 263 -43.83 34.87 -1.49
C PHE D 263 -44.88 33.97 -0.84
N ILE D 264 -45.54 34.48 0.20
CA ILE D 264 -46.52 33.69 0.96
C ILE D 264 -47.97 33.84 0.47
N LYS D 265 -48.36 35.04 0.05
CA LYS D 265 -49.75 35.24 -0.39
C LYS D 265 -49.95 34.77 -1.84
N ASN D 266 -48.90 34.91 -2.66
CA ASN D 266 -48.93 34.35 -4.01
C ASN D 266 -48.65 32.86 -4.00
N ALA D 267 -48.62 32.25 -2.81
CA ALA D 267 -48.43 30.82 -2.71
C ALA D 267 -49.62 30.10 -3.32
N LYS D 268 -49.38 28.87 -3.76
CA LYS D 268 -50.38 28.07 -4.46
C LYS D 268 -51.11 27.18 -3.46
N PRO D 269 -52.26 26.61 -3.87
CA PRO D 269 -53.05 25.72 -3.02
C PRO D 269 -52.27 24.52 -2.48
N VAL D 270 -52.80 23.86 -1.46
CA VAL D 270 -52.15 22.71 -0.85
C VAL D 270 -52.16 21.50 -1.79
N SER D 271 -52.90 21.60 -2.89
CA SER D 271 -53.05 20.49 -3.82
C SER D 271 -51.74 20.17 -4.55
N ILE D 272 -50.85 21.14 -4.69
CA ILE D 272 -49.58 20.92 -5.39
C ILE D 272 -48.66 19.95 -4.65
N LEU D 273 -48.94 19.73 -3.37
CA LEU D 273 -48.15 18.81 -2.56
C LEU D 273 -48.65 17.38 -2.69
N ARG D 274 -49.68 17.16 -3.50
CA ARG D 274 -50.33 15.85 -3.58
C ARG D 274 -49.37 14.76 -4.07
N ASP D 275 -48.62 15.05 -5.13
CA ASP D 275 -47.78 14.04 -5.75
C ASP D 275 -46.56 13.69 -4.91
N LEU D 276 -45.89 14.70 -4.34
CA LEU D 276 -44.69 14.43 -3.55
C LEU D 276 -45.04 13.64 -2.29
N ILE D 277 -46.24 13.86 -1.76
CA ILE D 277 -46.67 13.14 -0.56
C ILE D 277 -46.83 11.65 -0.86
N THR D 278 -47.62 11.33 -1.88
CA THR D 278 -47.84 9.93 -2.24
C THR D 278 -46.55 9.27 -2.72
N GLU D 279 -45.66 10.05 -3.33
CA GLU D 279 -44.34 9.54 -3.70
C GLU D 279 -43.58 9.06 -2.46
N ALA D 280 -43.50 9.91 -1.45
CA ALA D 280 -42.74 9.61 -0.24
C ALA D 280 -43.37 8.44 0.52
N MET D 281 -44.69 8.45 0.63
CA MET D 281 -45.41 7.39 1.33
C MET D 281 -45.11 6.02 0.71
N GLU D 282 -45.15 5.96 -0.62
CA GLU D 282 -44.91 4.71 -1.34
C GLU D 282 -43.47 4.21 -1.19
N ILE D 283 -42.50 5.14 -1.21
CA ILE D 283 -41.11 4.80 -0.99
C ILE D 283 -40.92 4.25 0.43
N LYS D 284 -41.68 4.80 1.37
CA LYS D 284 -41.61 4.41 2.77
C LYS D 284 -41.95 2.93 2.96
N ALA D 285 -42.95 2.46 2.23
CA ALA D 285 -43.39 1.07 2.34
C ALA D 285 -42.35 0.09 1.81
N LYS D 286 -41.78 0.38 0.65
CA LYS D 286 -40.88 -0.54 -0.04
C LYS D 286 -39.66 -0.90 0.79
N ARG D 287 -39.12 0.08 1.52
CA ARG D 287 -37.95 -0.15 2.36
C ARG D 287 -38.30 -0.97 3.59
N HIS D 288 -39.56 -0.89 4.02
CA HIS D 288 -40.03 -1.65 5.17
C HIS D 288 -40.14 -3.13 4.81
N GLU D 289 -40.51 -3.41 3.56
CA GLU D 289 -40.61 -4.78 3.08
C GLU D 289 -39.24 -5.44 3.05
N GLU D 290 -38.26 -4.73 2.52
CA GLU D 290 -36.92 -5.27 2.34
C GLU D 290 -36.16 -5.45 3.64
N GLN D 291 -36.59 -4.72 4.68
CA GLN D 291 -35.90 -4.75 5.97
C GLN D 291 -36.30 -5.98 6.78
N GLN D 292 -37.60 -6.26 6.83
CA GLN D 292 -38.10 -7.41 7.56
C GLN D 292 -37.78 -8.71 6.82
N ARG D 293 -37.42 -8.58 5.54
CA ARG D 293 -37.09 -9.72 4.69
C ARG D 293 -35.89 -10.49 5.23
N GLU D 294 -35.11 -9.85 6.12
CA GLU D 294 -33.91 -10.45 6.66
C GLU D 294 -33.82 -10.22 8.16
N SER E 4 11.37 -21.73 -60.38
CA SER E 4 11.88 -21.13 -61.61
C SER E 4 13.39 -20.93 -61.51
N LEU E 5 13.95 -20.18 -62.46
CA LEU E 5 15.40 -20.00 -62.56
C LEU E 5 15.79 -18.53 -62.37
N THR E 6 15.11 -17.65 -63.10
CA THR E 6 15.43 -16.23 -63.08
C THR E 6 14.82 -15.53 -61.87
N LYS E 7 14.08 -16.28 -61.06
CA LYS E 7 13.34 -15.72 -59.94
C LYS E 7 14.28 -15.09 -58.91
N GLN E 8 13.72 -14.24 -58.04
CA GLN E 8 14.48 -13.53 -57.04
C GLN E 8 14.05 -13.96 -55.62
N PRO E 9 14.90 -13.72 -54.62
CA PRO E 9 14.64 -14.27 -53.28
C PRO E 9 13.41 -13.70 -52.59
N GLU E 10 13.10 -12.43 -52.84
CA GLU E 10 11.95 -11.79 -52.20
C GLU E 10 10.61 -12.19 -52.85
N GLU E 11 10.68 -12.96 -53.93
CA GLU E 11 9.48 -13.46 -54.61
C GLU E 11 9.09 -14.84 -54.10
N VAL E 12 10.09 -15.63 -53.71
CA VAL E 12 9.85 -16.98 -53.21
C VAL E 12 9.50 -16.96 -51.72
N PHE E 13 10.17 -16.08 -50.99
CA PHE E 13 10.03 -16.02 -49.53
C PHE E 13 9.34 -14.74 -49.08
N ASP E 14 8.26 -14.90 -48.32
CA ASP E 14 7.51 -13.78 -47.78
C ASP E 14 7.96 -13.50 -46.35
N VAL E 15 8.77 -12.46 -46.17
CA VAL E 15 9.28 -12.12 -44.84
C VAL E 15 8.15 -11.68 -43.90
N LEU E 16 8.22 -12.16 -42.66
CA LEU E 16 7.22 -11.83 -41.64
C LEU E 16 7.92 -11.15 -40.45
N GLU E 17 7.49 -11.45 -39.22
CA GLU E 17 8.00 -10.76 -38.04
C GLU E 17 9.48 -11.05 -37.79
N LYS E 18 10.15 -10.13 -37.10
CA LYS E 18 11.54 -10.33 -36.72
C LYS E 18 11.60 -11.11 -35.40
N LEU E 19 12.61 -11.97 -35.27
CA LEU E 19 12.79 -12.79 -34.09
C LEU E 19 14.00 -12.34 -33.29
N GLY E 25 24.31 -12.46 -37.09
CA GLY E 25 23.41 -11.41 -37.54
C GLY E 25 22.04 -11.52 -36.89
N SER E 26 21.04 -10.93 -37.54
CA SER E 26 19.66 -10.94 -37.05
C SER E 26 18.84 -11.99 -37.78
N VAL E 27 17.61 -12.22 -37.31
CA VAL E 27 16.76 -13.29 -37.83
C VAL E 27 15.34 -12.81 -38.16
N PHE E 28 14.83 -13.27 -39.29
CA PHE E 28 13.43 -13.06 -39.67
C PHE E 28 12.68 -14.38 -39.69
N LYS E 29 11.35 -14.30 -39.67
CA LYS E 29 10.49 -15.43 -39.97
C LYS E 29 9.94 -15.22 -41.37
N ALA E 30 9.61 -16.31 -42.06
CA ALA E 30 9.05 -16.21 -43.40
C ALA E 30 8.35 -17.49 -43.78
N ILE E 31 7.72 -17.49 -44.96
CA ILE E 31 7.04 -18.67 -45.48
C ILE E 31 7.51 -18.97 -46.91
N HIS E 32 7.71 -20.25 -47.19
CA HIS E 32 8.05 -20.69 -48.54
C HIS E 32 6.78 -20.84 -49.35
N LYS E 33 6.60 -19.98 -50.35
CA LYS E 33 5.33 -19.87 -51.05
C LYS E 33 4.97 -21.12 -51.88
N GLU E 34 5.97 -21.80 -52.42
CA GLU E 34 5.71 -22.97 -53.25
C GLU E 34 5.06 -24.10 -52.45
N SER E 35 5.60 -24.36 -51.26
CA SER E 35 5.09 -25.43 -50.40
C SER E 35 4.10 -24.89 -49.38
N GLY E 36 4.51 -23.83 -48.68
CA GLY E 36 3.70 -23.23 -47.64
C GLY E 36 4.20 -23.59 -46.26
N GLN E 37 5.52 -23.64 -46.11
CA GLN E 37 6.15 -23.98 -44.83
C GLN E 37 6.91 -22.80 -44.26
N VAL E 38 6.90 -22.69 -42.93
CA VAL E 38 7.58 -21.61 -42.23
C VAL E 38 9.07 -21.92 -42.08
N VAL E 39 9.89 -20.90 -42.26
CA VAL E 39 11.34 -21.04 -42.10
C VAL E 39 11.90 -19.82 -41.38
N ALA E 40 13.11 -19.96 -40.86
CA ALA E 40 13.85 -18.85 -40.29
C ALA E 40 14.95 -18.45 -41.26
N ILE E 41 15.11 -17.15 -41.47
CA ILE E 41 16.10 -16.63 -42.42
C ILE E 41 17.05 -15.64 -41.75
N LYS E 42 18.30 -16.05 -41.55
CA LYS E 42 19.33 -15.16 -41.02
C LYS E 42 19.72 -14.13 -42.09
N GLN E 43 20.60 -13.21 -41.73
CA GLN E 43 20.98 -12.14 -42.65
C GLN E 43 22.29 -11.46 -42.23
N VAL E 44 23.11 -11.09 -43.21
CA VAL E 44 24.37 -10.40 -42.96
C VAL E 44 24.54 -9.24 -43.93
N LEU E 50 32.68 -12.50 -41.28
CA LEU E 50 32.10 -12.87 -42.57
C LEU E 50 32.55 -14.26 -42.99
N GLN E 51 33.86 -14.50 -42.94
CA GLN E 51 34.41 -15.79 -43.33
C GLN E 51 33.91 -16.91 -42.43
N GLU E 52 33.84 -16.63 -41.13
CA GLU E 52 33.43 -17.64 -40.15
C GLU E 52 31.99 -18.08 -40.38
N ILE E 53 31.16 -17.17 -40.88
CA ILE E 53 29.77 -17.47 -41.15
C ILE E 53 29.66 -18.59 -42.19
N ILE E 54 30.50 -18.51 -43.22
CA ILE E 54 30.49 -19.51 -44.28
C ILE E 54 30.96 -20.87 -43.74
N LYS E 55 31.85 -20.85 -42.76
CA LYS E 55 32.35 -22.09 -42.17
C LYS E 55 31.22 -22.90 -41.54
N GLU E 56 30.34 -22.22 -40.80
CA GLU E 56 29.26 -22.89 -40.08
C GLU E 56 28.20 -23.44 -41.03
N ILE E 57 28.05 -22.82 -42.19
CA ILE E 57 27.09 -23.28 -43.19
C ILE E 57 27.54 -24.61 -43.79
N SER E 58 28.84 -24.79 -43.93
CA SER E 58 29.39 -25.96 -44.60
C SER E 58 29.33 -27.22 -43.75
N ILE E 59 29.23 -27.06 -42.43
CA ILE E 59 29.16 -28.21 -41.52
C ILE E 59 27.72 -28.66 -41.33
N MET E 60 26.79 -27.71 -41.42
CA MET E 60 25.37 -28.01 -41.24
C MET E 60 24.83 -28.78 -42.43
N GLN E 61 25.40 -28.54 -43.61
CA GLN E 61 25.01 -29.29 -44.81
C GLN E 61 25.32 -30.77 -44.60
N GLN E 62 26.45 -31.03 -43.94
CA GLN E 62 26.89 -32.40 -43.66
C GLN E 62 26.03 -33.04 -42.59
N CYS E 63 25.32 -32.20 -41.83
CA CYS E 63 24.42 -32.67 -40.79
C CYS E 63 23.01 -32.86 -41.36
N ASP E 64 22.52 -34.08 -41.30
CA ASP E 64 21.18 -34.41 -41.74
C ASP E 64 20.49 -35.27 -40.68
N SER E 65 19.85 -34.61 -39.72
CA SER E 65 19.20 -35.32 -38.62
C SER E 65 18.15 -34.42 -37.95
N PRO E 66 17.06 -35.03 -37.43
CA PRO E 66 16.03 -34.22 -36.78
C PRO E 66 16.49 -33.61 -35.45
N TYR E 67 17.72 -33.88 -35.05
CA TYR E 67 18.28 -33.34 -33.81
C TYR E 67 19.32 -32.28 -34.10
N VAL E 68 19.25 -31.71 -35.30
CA VAL E 68 20.11 -30.60 -35.70
C VAL E 68 19.31 -29.70 -36.63
N VAL E 69 19.36 -28.40 -36.37
CA VAL E 69 18.66 -27.43 -37.20
C VAL E 69 19.16 -27.54 -38.64
N LYS E 70 18.24 -27.78 -39.56
CA LYS E 70 18.59 -28.07 -40.94
C LYS E 70 18.80 -26.81 -41.76
N TYR E 71 19.79 -26.87 -42.64
CA TYR E 71 20.05 -25.81 -43.61
C TYR E 71 19.38 -26.17 -44.92
N TYR E 72 18.85 -25.16 -45.62
CA TYR E 72 18.14 -25.39 -46.87
C TYR E 72 18.85 -24.75 -48.07
N GLY E 73 19.13 -23.46 -47.98
CA GLY E 73 19.78 -22.75 -49.07
C GLY E 73 20.25 -21.36 -48.70
N SER E 74 20.83 -20.67 -49.66
CA SER E 74 21.34 -19.31 -49.46
C SER E 74 21.07 -18.45 -50.68
N TYR E 75 20.73 -17.19 -50.43
CA TYR E 75 20.44 -16.24 -51.50
C TYR E 75 21.06 -14.89 -51.15
N PHE E 76 21.20 -14.03 -52.16
CA PHE E 76 21.88 -12.75 -52.01
C PHE E 76 20.97 -11.58 -52.36
N LYS E 77 21.06 -10.52 -51.57
CA LYS E 77 20.30 -9.32 -51.84
C LYS E 77 21.03 -8.10 -51.29
N ASN E 78 21.80 -7.44 -52.15
CA ASN E 78 22.47 -6.19 -51.79
C ASN E 78 23.34 -6.32 -50.56
N THR E 79 24.49 -6.99 -50.70
CA THR E 79 25.47 -7.14 -49.62
C THR E 79 25.05 -8.16 -48.56
N ASP E 80 23.74 -8.36 -48.39
CA ASP E 80 23.23 -9.26 -47.38
C ASP E 80 23.10 -10.68 -47.91
N LEU E 81 23.36 -11.65 -47.04
CA LEU E 81 23.23 -13.07 -47.37
C LEU E 81 22.00 -13.65 -46.69
N TRP E 82 20.99 -14.02 -47.49
CA TRP E 82 19.78 -14.63 -46.97
C TRP E 82 19.98 -16.12 -46.70
N ILE E 83 20.40 -16.45 -45.47
CA ILE E 83 20.57 -17.84 -45.07
C ILE E 83 19.25 -18.40 -44.56
N VAL E 84 18.70 -19.38 -45.27
CA VAL E 84 17.44 -20.00 -44.90
C VAL E 84 17.69 -21.28 -44.11
N MET E 85 17.01 -21.39 -42.96
CA MET E 85 17.19 -22.52 -42.07
C MET E 85 15.85 -22.98 -41.53
N GLU E 86 15.85 -24.06 -40.76
CA GLU E 86 14.63 -24.58 -40.16
C GLU E 86 14.07 -23.58 -39.15
N TYR E 87 12.75 -23.52 -39.05
CA TYR E 87 12.08 -22.65 -38.09
C TYR E 87 11.85 -23.38 -36.78
N CYS E 88 12.15 -22.70 -35.68
CA CYS E 88 11.90 -23.23 -34.33
C CYS E 88 11.15 -22.18 -33.51
N GLY E 89 9.82 -22.29 -33.50
CA GLY E 89 8.96 -21.26 -32.95
C GLY E 89 9.14 -20.92 -31.48
N ALA E 90 9.36 -21.93 -30.65
CA ALA E 90 9.44 -21.73 -29.21
C ALA E 90 10.71 -20.97 -28.80
N GLY E 91 11.78 -21.17 -29.56
CA GLY E 91 13.04 -20.49 -29.30
C GLY E 91 14.01 -21.35 -28.49
N SER E 92 15.16 -20.79 -28.15
CA SER E 92 16.18 -21.51 -27.40
C SER E 92 15.72 -21.80 -25.98
N VAL E 93 16.46 -22.65 -25.28
CA VAL E 93 16.14 -22.97 -23.89
C VAL E 93 16.47 -21.81 -22.95
N SER E 94 17.55 -21.10 -23.26
CA SER E 94 17.93 -19.94 -22.47
C SER E 94 16.86 -18.86 -22.58
N ASP E 95 16.25 -18.77 -23.76
CA ASP E 95 15.23 -17.77 -24.02
C ASP E 95 13.95 -18.03 -23.22
N ILE E 96 13.40 -19.24 -23.34
CA ILE E 96 12.13 -19.57 -22.69
C ILE E 96 12.26 -19.49 -21.16
N ILE E 97 13.42 -19.84 -20.63
CA ILE E 97 13.68 -19.73 -19.20
C ILE E 97 13.66 -18.27 -18.79
N ARG E 98 14.28 -17.43 -19.61
CA ARG E 98 14.34 -16.00 -19.33
C ARG E 98 12.98 -15.35 -19.53
N LEU E 99 12.26 -15.80 -20.55
CA LEU E 99 10.94 -15.25 -20.85
C LEU E 99 9.91 -15.62 -19.78
N ARG E 100 10.20 -16.70 -19.05
CA ARG E 100 9.28 -17.22 -18.04
C ARG E 100 9.70 -16.81 -16.64
N ASN E 101 10.92 -16.30 -16.50
CA ASN E 101 11.48 -15.94 -15.19
C ASN E 101 11.49 -17.12 -14.21
N LYS E 102 11.42 -18.33 -14.76
CA LYS E 102 11.41 -19.54 -13.95
C LYS E 102 12.29 -20.60 -14.59
N THR E 103 13.03 -21.33 -13.76
CA THR E 103 13.86 -22.42 -14.23
C THR E 103 12.99 -23.61 -14.62
N LEU E 104 13.62 -24.70 -15.03
CA LEU E 104 12.90 -25.89 -15.45
C LEU E 104 12.90 -26.96 -14.36
N ILE E 105 11.84 -27.76 -14.34
CA ILE E 105 11.77 -28.92 -13.46
C ILE E 105 12.49 -30.07 -14.14
N GLU E 106 12.71 -31.16 -13.42
CA GLU E 106 13.53 -32.25 -13.91
C GLU E 106 12.95 -32.97 -15.13
N ASP E 107 11.63 -33.05 -15.20
CA ASP E 107 10.97 -33.70 -16.34
C ASP E 107 11.19 -32.93 -17.63
N GLU E 108 11.02 -31.61 -17.56
CA GLU E 108 11.22 -30.75 -18.73
C GLU E 108 12.67 -30.77 -19.19
N ILE E 109 13.58 -31.08 -18.28
CA ILE E 109 15.01 -31.11 -18.59
C ILE E 109 15.42 -32.49 -19.13
N ALA E 110 14.97 -33.54 -18.46
CA ALA E 110 15.30 -34.92 -18.86
C ALA E 110 14.89 -35.20 -20.29
N THR E 111 13.74 -34.65 -20.68
CA THR E 111 13.20 -34.85 -22.02
C THR E 111 14.00 -34.07 -23.06
N ILE E 112 14.45 -32.88 -22.69
CA ILE E 112 15.24 -32.05 -23.59
C ILE E 112 16.65 -32.62 -23.75
N LEU E 113 17.24 -33.06 -22.65
CA LEU E 113 18.58 -33.63 -22.68
C LEU E 113 18.61 -34.95 -23.44
N LYS E 114 17.44 -35.57 -23.61
CA LYS E 114 17.32 -36.78 -24.42
C LYS E 114 17.51 -36.45 -25.90
N SER E 115 16.66 -35.57 -26.41
CA SER E 115 16.73 -35.16 -27.81
C SER E 115 17.98 -34.32 -28.09
N THR E 116 18.61 -33.83 -27.02
CA THR E 116 19.88 -33.12 -27.12
C THR E 116 21.02 -34.14 -27.25
N LEU E 117 20.93 -35.23 -26.47
CA LEU E 117 21.96 -36.27 -26.48
C LEU E 117 21.94 -37.07 -27.77
N LYS E 118 20.74 -37.36 -28.28
CA LYS E 118 20.59 -38.05 -29.55
C LYS E 118 21.24 -37.24 -30.67
N GLY E 119 21.20 -35.92 -30.52
CA GLY E 119 21.85 -35.04 -31.46
C GLY E 119 23.35 -35.11 -31.32
N LEU E 120 23.83 -35.27 -30.08
CA LEU E 120 25.27 -35.31 -29.81
C LEU E 120 25.88 -36.65 -30.19
N GLU E 121 25.15 -37.75 -29.96
CA GLU E 121 25.64 -39.07 -30.35
C GLU E 121 25.82 -39.09 -31.86
N TYR E 122 24.88 -38.47 -32.57
CA TYR E 122 24.91 -38.41 -34.03
C TYR E 122 26.13 -37.65 -34.54
N LEU E 123 26.60 -36.68 -33.75
CA LEU E 123 27.75 -35.86 -34.13
C LEU E 123 29.07 -36.53 -33.76
N HIS E 124 29.08 -37.19 -32.60
CA HIS E 124 30.28 -37.86 -32.12
C HIS E 124 30.56 -39.12 -32.93
N PHE E 125 29.54 -39.62 -33.62
CA PHE E 125 29.70 -40.77 -34.50
C PHE E 125 30.56 -40.41 -35.70
N MET E 126 30.31 -39.21 -36.25
CA MET E 126 31.11 -38.69 -37.35
C MET E 126 32.33 -37.94 -36.82
N ARG E 127 32.53 -38.02 -35.50
CA ARG E 127 33.61 -37.31 -34.82
C ARG E 127 33.57 -35.80 -35.07
N LYS E 128 32.35 -35.27 -35.15
CA LYS E 128 32.14 -33.83 -35.24
C LYS E 128 31.98 -33.27 -33.82
N ILE E 129 32.33 -31.99 -33.64
CA ILE E 129 32.27 -31.35 -32.32
C ILE E 129 31.49 -30.04 -32.38
N HIS E 130 30.54 -29.88 -31.45
CA HIS E 130 29.75 -28.65 -31.37
C HIS E 130 30.61 -27.50 -30.86
N ARG E 131 31.33 -27.75 -29.76
CA ARG E 131 32.24 -26.79 -29.13
C ARG E 131 31.55 -25.67 -28.33
N ASN E 132 30.23 -25.57 -28.43
CA ASN E 132 29.50 -24.48 -27.77
C ASN E 132 28.13 -24.91 -27.24
N ILE E 133 28.13 -26.02 -26.51
CA ILE E 133 26.90 -26.53 -25.92
C ILE E 133 26.46 -25.64 -24.75
N LYS E 134 25.22 -25.14 -24.85
CA LYS E 134 24.64 -24.31 -23.81
C LYS E 134 23.14 -24.19 -24.06
N ALA E 135 22.40 -23.67 -23.08
CA ALA E 135 20.96 -23.56 -23.21
C ALA E 135 20.56 -22.65 -24.37
N GLY E 136 21.37 -21.63 -24.61
CA GLY E 136 21.11 -20.67 -25.67
C GLY E 136 21.23 -21.24 -27.08
N ASN E 137 21.90 -22.39 -27.19
CA ASN E 137 22.13 -23.03 -28.48
C ASN E 137 21.36 -24.35 -28.62
N ILE E 138 20.25 -24.46 -27.90
CA ILE E 138 19.34 -25.60 -28.03
C ILE E 138 17.95 -25.08 -28.38
N LEU E 139 17.64 -25.02 -29.67
CA LEU E 139 16.35 -24.51 -30.10
C LEU E 139 15.25 -25.53 -29.89
N LEU E 140 14.01 -25.05 -29.92
CA LEU E 140 12.83 -25.90 -29.80
C LEU E 140 11.75 -25.41 -30.75
N ASN E 141 11.26 -26.29 -31.60
CA ASN E 141 10.17 -25.94 -32.51
C ASN E 141 8.84 -25.90 -31.77
N THR E 142 7.78 -25.60 -32.49
CA THR E 142 6.45 -25.47 -31.89
C THR E 142 5.86 -26.81 -31.46
N GLU E 143 6.63 -27.89 -31.63
CA GLU E 143 6.18 -29.22 -31.26
C GLU E 143 6.85 -29.73 -29.98
N GLY E 144 8.07 -29.26 -29.72
CA GLY E 144 8.80 -29.61 -28.52
C GLY E 144 10.06 -30.42 -28.78
N HIS E 145 10.39 -30.61 -30.05
CA HIS E 145 11.60 -31.31 -30.43
C HIS E 145 12.81 -30.41 -30.27
N ALA E 146 13.84 -30.89 -29.58
CA ALA E 146 15.08 -30.12 -29.36
C ALA E 146 16.10 -30.39 -30.46
N LYS E 147 16.74 -29.32 -30.91
CA LYS E 147 17.69 -29.40 -32.02
C LYS E 147 18.87 -28.48 -31.75
N LEU E 148 20.08 -28.96 -32.06
CA LEU E 148 21.30 -28.20 -31.80
C LEU E 148 21.53 -27.15 -32.88
N ALA E 149 21.73 -25.91 -32.45
CA ALA E 149 21.89 -24.78 -33.37
C ALA E 149 23.12 -23.96 -33.01
N ASP E 150 23.43 -23.00 -33.86
CA ASP E 150 24.56 -22.09 -33.65
C ASP E 150 25.82 -22.86 -33.26
N PHE E 151 26.25 -23.74 -34.14
CA PHE E 151 27.44 -24.56 -33.91
C PHE E 151 28.67 -23.68 -33.71
N GLY E 152 29.63 -24.20 -32.94
CA GLY E 152 30.92 -23.55 -32.80
C GLY E 152 31.83 -23.95 -33.95
N VAL E 153 32.76 -23.07 -34.29
CA VAL E 153 33.69 -23.31 -35.39
C VAL E 153 35.05 -23.78 -34.87
N ALA E 154 35.70 -24.66 -35.63
CA ALA E 154 37.03 -25.13 -35.28
C ALA E 154 38.01 -23.96 -35.27
N GLY E 155 38.79 -23.84 -34.21
CA GLY E 155 39.76 -22.76 -34.09
C GLY E 155 39.10 -21.44 -33.74
N GLN E 156 37.93 -21.52 -33.12
CA GLN E 156 37.26 -20.33 -32.62
C GLN E 156 38.07 -19.70 -31.49
N LEU E 157 38.85 -20.53 -30.80
CA LEU E 157 39.68 -20.07 -29.69
C LEU E 157 40.86 -19.23 -30.18
N THR E 158 41.38 -19.58 -31.36
CA THR E 158 42.57 -18.91 -31.88
C THR E 158 42.21 -17.88 -32.96
N ASP E 159 41.94 -16.66 -32.53
CA ASP E 159 41.65 -15.57 -33.46
C ASP E 159 41.73 -14.23 -32.75
N THR E 166 35.45 -13.06 -27.55
CA THR E 166 34.15 -13.55 -27.98
C THR E 166 33.78 -14.84 -27.25
N VAL E 167 34.61 -15.88 -27.43
CA VAL E 167 34.37 -17.19 -26.84
C VAL E 167 35.04 -17.30 -25.47
N ILE E 168 36.17 -16.61 -25.34
CA ILE E 168 36.93 -16.63 -24.10
C ILE E 168 36.21 -15.84 -23.01
N GLY E 169 35.41 -14.86 -23.43
CA GLY E 169 34.69 -14.00 -22.51
C GLY E 169 33.60 -14.74 -21.74
N THR E 170 33.15 -15.86 -22.29
CA THR E 170 32.11 -16.68 -21.66
C THR E 170 32.58 -18.12 -21.55
N PRO E 171 33.56 -18.38 -20.67
CA PRO E 171 34.24 -19.68 -20.59
C PRO E 171 33.58 -20.66 -19.62
N PHE E 172 32.36 -20.36 -19.21
CA PHE E 172 31.69 -21.13 -18.15
C PHE E 172 31.30 -22.56 -18.56
N TRP E 173 30.93 -22.74 -19.83
CA TRP E 173 30.57 -24.07 -20.32
C TRP E 173 31.78 -24.83 -20.85
N MET E 174 32.95 -24.22 -20.83
CA MET E 174 34.15 -24.84 -21.36
C MET E 174 34.68 -25.92 -20.44
N ALA E 175 35.19 -27.00 -21.03
CA ALA E 175 35.76 -28.10 -20.27
C ALA E 175 37.17 -27.75 -19.80
N PRO E 176 37.68 -28.48 -18.79
CA PRO E 176 39.01 -28.21 -18.26
C PRO E 176 40.13 -28.48 -19.25
N GLU E 177 40.07 -29.60 -19.97
CA GLU E 177 41.14 -29.95 -20.92
C GLU E 177 41.16 -28.95 -22.08
N VAL E 178 40.00 -28.39 -22.40
CA VAL E 178 39.90 -27.38 -23.45
C VAL E 178 40.73 -26.15 -23.09
N ILE E 179 40.63 -25.73 -21.84
CA ILE E 179 41.36 -24.56 -21.35
C ILE E 179 42.87 -24.81 -21.38
N GLN E 180 43.28 -26.02 -21.05
CA GLN E 180 44.70 -26.37 -20.96
C GLN E 180 45.32 -26.64 -22.32
N GLU E 181 44.57 -27.29 -23.20
CA GLU E 181 45.06 -27.67 -24.52
C GLU E 181 44.78 -26.60 -25.56
N ILE E 182 43.76 -25.78 -25.30
CA ILE E 182 43.30 -24.76 -26.26
C ILE E 182 42.92 -25.44 -27.58
N GLY E 183 42.06 -26.45 -27.46
CA GLY E 183 41.52 -27.18 -28.59
C GLY E 183 40.40 -28.06 -28.09
N TYR E 184 39.59 -28.60 -29.00
CA TYR E 184 38.41 -29.37 -28.61
C TYR E 184 38.49 -30.84 -29.04
N ASN E 185 37.82 -31.69 -28.29
CA ASN E 185 37.53 -33.06 -28.71
C ASN E 185 36.06 -33.35 -28.43
N CYS E 186 35.55 -34.44 -28.98
CA CYS E 186 34.13 -34.79 -28.86
C CYS E 186 33.68 -34.82 -27.40
N VAL E 187 34.53 -35.32 -26.52
CA VAL E 187 34.19 -35.50 -25.11
C VAL E 187 33.93 -34.16 -24.41
N ALA E 188 34.51 -33.08 -24.91
CA ALA E 188 34.36 -31.76 -24.31
C ALA E 188 32.91 -31.29 -24.33
N ASP E 189 32.15 -31.74 -25.32
CA ASP E 189 30.74 -31.37 -25.43
C ASP E 189 29.92 -31.89 -24.25
N ILE E 190 30.35 -33.02 -23.70
CA ILE E 190 29.64 -33.65 -22.59
C ILE E 190 29.81 -32.85 -21.30
N TRP E 191 31.01 -32.31 -21.10
CA TRP E 191 31.25 -31.45 -19.95
C TRP E 191 30.33 -30.25 -20.03
N SER E 192 30.28 -29.64 -21.22
CA SER E 192 29.44 -28.48 -21.45
C SER E 192 27.97 -28.83 -21.20
N LEU E 193 27.59 -30.07 -21.51
CA LEU E 193 26.23 -30.53 -21.27
C LEU E 193 25.89 -30.56 -19.78
N GLY E 194 26.84 -30.99 -18.97
CA GLY E 194 26.67 -30.97 -17.52
C GLY E 194 26.40 -29.56 -17.02
N ILE E 195 27.21 -28.62 -17.51
CA ILE E 195 27.03 -27.22 -17.14
C ILE E 195 25.67 -26.72 -17.62
N THR E 196 25.28 -27.14 -18.82
CA THR E 196 24.02 -26.71 -19.40
C THR E 196 22.81 -27.20 -18.60
N SER E 197 22.93 -28.37 -17.98
CA SER E 197 21.82 -28.92 -17.20
C SER E 197 21.71 -28.22 -15.84
N ILE E 198 22.85 -27.79 -15.30
CA ILE E 198 22.86 -26.99 -14.09
C ILE E 198 22.32 -25.60 -14.40
N GLU E 199 22.61 -25.11 -15.60
CA GLU E 199 22.09 -23.82 -16.07
C GLU E 199 20.56 -23.86 -16.19
N MET E 200 20.03 -24.95 -16.74
CA MET E 200 18.59 -25.10 -16.88
C MET E 200 17.94 -25.35 -15.52
N ALA E 201 18.73 -25.81 -14.56
CA ALA E 201 18.24 -26.13 -13.23
C ALA E 201 18.23 -24.91 -12.30
N GLU E 202 19.23 -24.05 -12.45
CA GLU E 202 19.42 -22.92 -11.53
C GLU E 202 19.31 -21.57 -12.24
N GLY E 203 19.27 -21.60 -13.57
CA GLY E 203 19.15 -20.38 -14.36
C GLY E 203 20.49 -19.85 -14.82
N LYS E 204 21.56 -20.27 -14.16
CA LYS E 204 22.91 -19.87 -14.53
C LYS E 204 23.89 -21.00 -14.25
N PRO E 205 25.01 -21.05 -15.00
CA PRO E 205 26.03 -22.06 -14.75
C PRO E 205 26.90 -21.71 -13.53
N PRO E 206 27.70 -22.65 -13.05
CA PRO E 206 28.67 -22.35 -11.99
C PRO E 206 29.64 -21.25 -12.44
N TYR E 207 30.18 -20.50 -11.49
CA TYR E 207 31.15 -19.45 -11.76
C TYR E 207 30.59 -18.32 -12.63
N ALA E 208 29.27 -18.30 -12.83
CA ALA E 208 28.64 -17.33 -13.74
C ALA E 208 28.88 -15.87 -13.34
N ASP E 209 28.89 -15.59 -12.04
CA ASP E 209 29.05 -14.23 -11.55
C ASP E 209 30.52 -13.84 -11.37
N ILE E 210 31.40 -14.84 -11.41
CA ILE E 210 32.83 -14.61 -11.28
C ILE E 210 33.39 -14.10 -12.61
N HIS E 211 34.45 -13.30 -12.54
CA HIS E 211 34.99 -12.69 -13.76
C HIS E 211 35.78 -13.70 -14.58
N PRO E 212 35.69 -13.60 -15.92
CA PRO E 212 36.11 -14.66 -16.86
C PRO E 212 37.54 -15.17 -16.67
N MET E 213 38.50 -14.28 -16.45
CA MET E 213 39.90 -14.69 -16.33
C MET E 213 40.10 -15.62 -15.13
N ARG E 214 39.50 -15.28 -13.98
CA ARG E 214 39.62 -16.15 -12.81
C ARG E 214 38.80 -17.41 -13.00
N ALA E 215 37.64 -17.28 -13.62
CA ALA E 215 36.81 -18.45 -13.96
C ALA E 215 37.65 -19.46 -14.72
N ILE E 216 38.32 -18.98 -15.77
CA ILE E 216 39.21 -19.82 -16.57
C ILE E 216 40.28 -20.47 -15.71
N PHE E 217 40.89 -19.70 -14.81
CA PHE E 217 41.91 -20.24 -13.91
C PHE E 217 41.34 -21.31 -12.97
N MET E 218 40.07 -21.19 -12.62
CA MET E 218 39.47 -22.08 -11.63
C MET E 218 39.00 -23.42 -12.19
N ILE E 219 38.51 -23.43 -13.43
CA ILE E 219 37.92 -24.64 -14.00
C ILE E 219 38.89 -25.83 -13.96
N PRO E 220 40.16 -25.61 -14.32
CA PRO E 220 41.12 -26.71 -14.21
C PRO E 220 41.60 -26.94 -12.77
N THR E 221 41.84 -25.87 -12.03
CA THR E 221 42.45 -25.99 -10.71
C THR E 221 41.48 -26.42 -9.60
N ASN E 222 40.17 -26.29 -9.85
CA ASN E 222 39.15 -26.63 -8.86
C ASN E 222 38.43 -27.93 -9.17
N PRO E 223 37.79 -28.54 -8.15
CA PRO E 223 37.01 -29.77 -8.38
C PRO E 223 35.72 -29.48 -9.15
N PRO E 224 35.10 -30.53 -9.72
CA PRO E 224 33.86 -30.38 -10.49
C PRO E 224 32.79 -29.56 -9.76
N PRO E 225 32.04 -28.72 -10.49
CA PRO E 225 30.95 -27.99 -9.84
C PRO E 225 29.81 -28.91 -9.40
N THR E 226 28.99 -28.44 -8.46
CA THR E 226 27.84 -29.19 -7.97
C THR E 226 26.64 -28.25 -7.87
N PHE E 227 25.44 -28.82 -7.80
CA PHE E 227 24.24 -28.03 -7.53
C PHE E 227 24.44 -27.16 -6.30
N ARG E 228 23.95 -25.93 -6.36
CA ARG E 228 24.04 -25.01 -5.23
C ARG E 228 23.14 -25.50 -4.09
N LYS E 229 22.21 -26.39 -4.41
CA LYS E 229 21.33 -26.99 -3.41
C LYS E 229 20.98 -28.43 -3.81
N PRO E 230 21.86 -29.39 -3.46
CA PRO E 230 21.70 -30.79 -3.86
C PRO E 230 20.36 -31.42 -3.48
N GLU E 231 19.75 -30.95 -2.40
CA GLU E 231 18.50 -31.54 -1.91
C GLU E 231 17.29 -31.16 -2.76
N LEU E 232 17.41 -30.07 -3.52
CA LEU E 232 16.32 -29.61 -4.37
C LEU E 232 16.22 -30.43 -5.65
N TRP E 233 17.17 -31.34 -5.85
CA TRP E 233 17.19 -32.17 -7.05
C TRP E 233 17.42 -33.62 -6.70
N SER E 234 16.80 -34.52 -7.46
CA SER E 234 16.88 -35.95 -7.20
C SER E 234 18.29 -36.48 -7.40
N ASP E 235 18.48 -37.76 -7.14
CA ASP E 235 19.79 -38.39 -7.25
C ASP E 235 20.08 -38.82 -8.70
N ASP E 236 19.03 -39.08 -9.47
CA ASP E 236 19.19 -39.43 -10.88
C ASP E 236 19.68 -38.23 -11.69
N PHE E 237 19.23 -37.05 -11.29
CA PHE E 237 19.65 -35.81 -11.94
C PHE E 237 21.01 -35.37 -11.38
N THR E 238 21.33 -35.82 -10.17
CA THR E 238 22.60 -35.49 -9.54
C THR E 238 23.74 -36.32 -10.12
N ASP E 239 23.53 -37.62 -10.21
CA ASP E 239 24.57 -38.53 -10.71
C ASP E 239 24.78 -38.34 -12.21
N PHE E 240 23.71 -38.00 -12.94
CA PHE E 240 23.80 -37.72 -14.35
C PHE E 240 24.81 -36.59 -14.58
N VAL E 241 24.75 -35.58 -13.73
CA VAL E 241 25.64 -34.43 -13.83
C VAL E 241 27.04 -34.78 -13.32
N LYS E 242 27.11 -35.64 -12.31
CA LYS E 242 28.41 -36.09 -11.78
C LYS E 242 29.20 -36.84 -12.85
N LYS E 243 28.49 -37.53 -13.73
CA LYS E 243 29.11 -38.23 -14.84
C LYS E 243 29.59 -37.25 -15.91
N CYS E 244 28.74 -36.28 -16.23
CA CYS E 244 29.05 -35.30 -17.27
C CYS E 244 30.27 -34.45 -16.91
N LEU E 245 30.37 -34.07 -15.63
CA LEU E 245 31.39 -33.12 -15.19
C LEU E 245 32.58 -33.80 -14.51
N VAL E 246 32.98 -34.95 -15.03
CA VAL E 246 34.21 -35.60 -14.59
C VAL E 246 35.36 -34.88 -15.28
N LYS E 247 36.33 -34.43 -14.49
CA LYS E 247 37.40 -33.59 -15.02
C LYS E 247 38.25 -34.30 -16.07
N ASN E 248 38.89 -35.40 -15.69
CA ASN E 248 39.69 -36.17 -16.63
C ASN E 248 38.78 -36.68 -17.77
N PRO E 249 39.00 -36.19 -19.00
CA PRO E 249 38.07 -36.51 -20.10
C PRO E 249 38.06 -37.99 -20.47
N GLU E 250 39.02 -38.76 -19.97
CA GLU E 250 39.02 -40.20 -20.20
C GLU E 250 37.88 -40.85 -19.42
N GLN E 251 37.60 -40.34 -18.22
CA GLN E 251 36.59 -40.90 -17.33
C GLN E 251 35.22 -40.24 -17.49
N ARG E 252 35.04 -39.54 -18.60
CA ARG E 252 33.76 -38.87 -18.88
C ARG E 252 32.91 -39.74 -19.82
N ALA E 253 31.66 -39.94 -19.44
CA ALA E 253 30.74 -40.78 -20.20
C ALA E 253 30.48 -40.21 -21.60
N THR E 254 30.13 -41.10 -22.53
CA THR E 254 29.82 -40.69 -23.90
C THR E 254 28.33 -40.44 -24.06
N ALA E 255 27.97 -39.67 -25.09
CA ALA E 255 26.58 -39.32 -25.34
C ALA E 255 25.68 -40.54 -25.50
N THR E 256 26.25 -41.64 -26.00
CA THR E 256 25.52 -42.90 -26.11
C THR E 256 25.33 -43.53 -24.74
N GLN E 257 26.34 -43.41 -23.88
CA GLN E 257 26.27 -43.96 -22.54
C GLN E 257 25.26 -43.22 -21.68
N LEU E 258 25.17 -41.91 -21.86
CA LEU E 258 24.24 -41.08 -21.10
C LEU E 258 22.79 -41.37 -21.49
N LEU E 259 22.60 -41.97 -22.67
CA LEU E 259 21.28 -42.37 -23.12
C LEU E 259 20.84 -43.68 -22.46
N GLN E 260 21.69 -44.22 -21.58
CA GLN E 260 21.37 -45.39 -20.78
C GLN E 260 21.17 -45.01 -19.32
N HIS E 261 21.54 -43.78 -18.98
CA HIS E 261 21.41 -43.30 -17.61
C HIS E 261 19.93 -43.19 -17.24
N PRO E 262 19.58 -43.55 -15.98
CA PRO E 262 18.19 -43.52 -15.52
C PRO E 262 17.47 -42.20 -15.85
N PHE E 263 18.12 -41.08 -15.56
CA PHE E 263 17.54 -39.75 -15.78
C PHE E 263 17.03 -39.57 -17.21
N ILE E 264 17.80 -40.07 -18.18
CA ILE E 264 17.47 -39.91 -19.59
C ILE E 264 16.50 -41.00 -20.08
N LYS E 265 16.69 -42.23 -19.62
CA LYS E 265 15.82 -43.33 -20.01
C LYS E 265 14.39 -43.04 -19.55
N ASN E 266 14.26 -42.44 -18.37
CA ASN E 266 12.95 -42.14 -17.80
C ASN E 266 12.37 -40.83 -18.34
N ALA E 267 12.79 -40.43 -19.54
CA ALA E 267 12.30 -39.19 -20.14
C ALA E 267 10.85 -39.33 -20.58
N LYS E 268 10.03 -38.35 -20.19
CA LYS E 268 8.62 -38.32 -20.56
C LYS E 268 8.43 -37.88 -22.02
N PRO E 269 7.19 -37.98 -22.53
CA PRO E 269 6.89 -37.49 -23.87
C PRO E 269 7.09 -35.97 -23.98
N VAL E 270 6.99 -35.43 -25.20
CA VAL E 270 7.11 -33.99 -25.40
C VAL E 270 5.85 -33.26 -24.90
N SER E 271 4.88 -34.02 -24.40
CA SER E 271 3.62 -33.46 -23.93
C SER E 271 3.78 -32.65 -22.64
N ILE E 272 4.90 -32.82 -21.95
CA ILE E 272 5.16 -32.06 -20.73
C ILE E 272 5.66 -30.66 -21.07
N LEU E 273 6.17 -30.52 -22.29
CA LEU E 273 6.64 -29.24 -22.78
C LEU E 273 5.47 -28.44 -23.35
N ARG E 274 4.39 -29.14 -23.71
CA ARG E 274 3.15 -28.54 -24.20
C ARG E 274 2.81 -27.27 -23.44
N ASP E 275 2.92 -27.32 -22.12
CA ASP E 275 2.62 -26.16 -21.29
C ASP E 275 3.60 -25.03 -21.57
N LEU E 276 4.87 -25.36 -21.76
CA LEU E 276 5.92 -24.36 -21.92
C LEU E 276 5.94 -23.74 -23.31
N ILE E 277 5.67 -24.55 -24.32
CA ILE E 277 5.73 -24.09 -25.70
C ILE E 277 4.68 -23.01 -25.97
N THR E 278 3.43 -23.28 -25.58
CA THR E 278 2.35 -22.32 -25.77
C THR E 278 2.54 -21.09 -24.87
N GLU E 279 3.25 -21.27 -23.76
CA GLU E 279 3.59 -20.15 -22.88
C GLU E 279 4.55 -19.21 -23.60
N ALA E 280 5.50 -19.79 -24.33
CA ALA E 280 6.51 -19.01 -25.04
C ALA E 280 5.86 -18.18 -26.15
N MET E 281 5.29 -18.85 -27.13
CA MET E 281 4.73 -18.20 -28.32
C MET E 281 3.76 -17.07 -27.99
N GLU E 282 3.07 -17.19 -26.86
CA GLU E 282 2.11 -16.17 -26.45
C GLU E 282 2.82 -14.96 -25.83
N ILE E 283 3.97 -15.19 -25.22
CA ILE E 283 4.81 -14.10 -24.72
C ILE E 283 5.52 -13.45 -25.91
N LYS E 284 5.79 -14.24 -26.94
CA LYS E 284 6.43 -13.73 -28.15
C LYS E 284 5.52 -12.72 -28.85
N ALA E 285 4.24 -13.07 -28.99
CA ALA E 285 3.27 -12.22 -29.67
C ALA E 285 2.99 -10.96 -28.87
N LYS E 286 2.81 -11.11 -27.56
CA LYS E 286 2.52 -9.99 -26.68
C LYS E 286 3.67 -8.99 -26.69
N ARG E 287 4.89 -9.50 -26.80
CA ARG E 287 6.07 -8.65 -26.79
C ARG E 287 6.26 -7.95 -28.13
N HIS E 288 6.05 -8.68 -29.21
CA HIS E 288 6.33 -8.16 -30.55
C HIS E 288 5.38 -7.05 -30.98
N GLU E 289 4.07 -7.32 -30.90
CA GLU E 289 3.07 -6.36 -31.35
C GLU E 289 3.09 -5.06 -30.54
N GLU E 290 3.62 -5.12 -29.32
CA GLU E 290 3.75 -3.93 -28.49
C GLU E 290 4.99 -3.13 -28.88
N GLN E 291 6.05 -3.82 -29.31
CA GLN E 291 7.26 -3.17 -29.78
C GLN E 291 7.06 -2.56 -31.17
N GLN E 292 6.10 -3.10 -31.92
CA GLN E 292 5.74 -2.55 -33.21
C GLN E 292 5.13 -1.16 -33.06
N ARG E 293 4.19 -1.05 -32.14
CA ARG E 293 3.44 0.20 -31.93
C ARG E 293 4.33 1.30 -31.35
N GLU E 294 5.35 0.91 -30.60
CA GLU E 294 6.29 1.87 -30.02
C GLU E 294 7.07 2.59 -31.12
N SER F 4 19.60 28.75 -13.26
CA SER F 4 18.18 28.50 -13.48
C SER F 4 17.85 27.04 -13.15
N LEU F 5 16.59 26.81 -12.81
CA LEU F 5 16.11 25.51 -12.33
C LEU F 5 15.34 24.78 -13.41
N THR F 6 14.72 25.55 -14.30
CA THR F 6 13.85 25.02 -15.33
C THR F 6 14.58 24.77 -16.66
N LYS F 7 15.86 25.09 -16.72
CA LYS F 7 16.60 24.98 -17.98
C LYS F 7 16.77 23.52 -18.37
N GLN F 8 16.60 23.24 -19.67
CA GLN F 8 16.74 21.90 -20.22
C GLN F 8 18.20 21.63 -20.62
N PRO F 9 18.60 20.34 -20.66
CA PRO F 9 19.98 19.99 -21.01
C PRO F 9 20.47 20.59 -22.32
N GLU F 10 19.61 20.63 -23.34
CA GLU F 10 19.99 21.21 -24.63
C GLU F 10 20.20 22.74 -24.55
N GLU F 11 19.84 23.32 -23.41
CA GLU F 11 20.02 24.75 -23.18
C GLU F 11 21.23 24.99 -22.28
N VAL F 12 21.65 23.96 -21.57
CA VAL F 12 22.83 24.03 -20.73
C VAL F 12 24.07 23.76 -21.57
N PHE F 13 24.06 22.63 -22.29
CA PHE F 13 25.15 22.23 -23.16
C PHE F 13 24.74 22.29 -24.62
N ASP F 14 25.66 22.72 -25.48
CA ASP F 14 25.50 22.53 -26.92
C ASP F 14 26.46 21.43 -27.37
N VAL F 15 25.89 20.26 -27.65
CA VAL F 15 26.66 19.07 -27.97
C VAL F 15 27.39 19.25 -29.29
N LEU F 16 28.60 18.74 -29.37
CA LEU F 16 29.41 18.82 -30.59
C LEU F 16 29.69 17.41 -31.12
N GLU F 17 30.87 17.21 -31.70
CA GLU F 17 31.19 15.95 -32.36
C GLU F 17 31.18 14.75 -31.40
N LYS F 18 30.81 13.59 -31.92
CA LYS F 18 30.91 12.35 -31.18
C LYS F 18 32.39 12.02 -30.99
N LEU F 19 32.70 11.19 -30.00
CA LEU F 19 34.07 10.84 -29.68
C LEU F 19 34.36 9.35 -29.84
N GLY F 20 33.65 8.51 -29.10
CA GLY F 20 33.92 7.09 -29.13
C GLY F 20 32.85 6.21 -28.50
N GLU F 21 33.28 5.10 -27.91
CA GLU F 21 32.37 4.12 -27.33
C GLU F 21 32.75 3.75 -25.90
N GLY F 22 31.80 3.16 -25.19
CA GLY F 22 32.00 2.74 -23.81
C GLY F 22 31.31 1.42 -23.54
N SER F 23 31.00 1.17 -22.27
CA SER F 23 30.37 -0.08 -21.88
C SER F 23 28.96 -0.17 -22.46
N TYR F 24 28.29 0.98 -22.51
CA TYR F 24 26.94 1.06 -23.03
C TYR F 24 26.69 2.37 -23.76
N GLY F 25 27.74 3.15 -23.96
CA GLY F 25 27.55 4.55 -24.30
C GLY F 25 28.37 5.16 -25.42
N SER F 26 27.64 5.81 -26.33
CA SER F 26 28.21 6.78 -27.26
C SER F 26 28.55 8.04 -26.47
N VAL F 27 29.76 8.58 -26.67
CA VAL F 27 30.24 9.75 -25.93
C VAL F 27 30.39 10.96 -26.86
N PHE F 28 29.95 12.14 -26.41
CA PHE F 28 30.03 13.36 -27.20
C PHE F 28 30.83 14.45 -26.50
N LYS F 29 31.50 15.26 -27.31
CA LYS F 29 32.17 16.47 -26.82
C LYS F 29 31.14 17.60 -26.78
N ALA F 30 31.12 18.35 -25.69
CA ALA F 30 30.17 19.45 -25.55
C ALA F 30 30.75 20.62 -24.76
N ILE F 31 30.07 21.77 -24.83
CA ILE F 31 30.47 22.96 -24.09
C ILE F 31 29.36 23.41 -23.15
N HIS F 32 29.70 23.49 -21.86
CA HIS F 32 28.80 24.03 -20.85
C HIS F 32 28.71 25.54 -21.06
N LYS F 33 27.59 26.00 -21.62
CA LYS F 33 27.45 27.38 -22.08
C LYS F 33 27.75 28.41 -21.00
N GLU F 34 27.23 28.20 -19.80
CA GLU F 34 27.34 29.18 -18.73
C GLU F 34 28.78 29.46 -18.34
N SER F 35 29.63 28.44 -18.41
CA SER F 35 31.01 28.56 -17.95
C SER F 35 32.02 28.54 -19.09
N GLY F 36 31.60 28.06 -20.26
CA GLY F 36 32.47 27.94 -21.41
C GLY F 36 33.33 26.69 -21.40
N GLN F 37 33.29 25.94 -20.31
CA GLN F 37 34.12 24.75 -20.14
C GLN F 37 33.68 23.58 -21.04
N VAL F 38 34.65 22.96 -21.71
CA VAL F 38 34.42 21.77 -22.52
C VAL F 38 34.27 20.55 -21.62
N VAL F 39 33.27 19.71 -21.92
CA VAL F 39 33.04 18.48 -21.18
C VAL F 39 32.71 17.32 -22.14
N ALA F 40 32.61 16.11 -21.59
CA ALA F 40 32.20 14.94 -22.34
C ALA F 40 30.91 14.38 -21.77
N ILE F 41 29.95 14.09 -22.64
CA ILE F 41 28.68 13.53 -22.20
C ILE F 41 28.45 12.13 -22.76
N LYS F 42 28.29 11.16 -21.85
CA LYS F 42 28.12 9.76 -22.20
C LYS F 42 26.65 9.40 -22.22
N GLN F 43 26.17 8.98 -23.38
CA GLN F 43 24.79 8.49 -23.50
C GLN F 43 24.72 7.07 -22.95
N VAL F 44 23.57 6.69 -22.42
CA VAL F 44 23.39 5.35 -21.87
C VAL F 44 21.94 4.90 -22.05
N PRO F 45 21.72 3.78 -22.75
CA PRO F 45 20.33 3.31 -22.88
C PRO F 45 19.78 2.85 -21.53
N VAL F 46 18.50 3.13 -21.29
CA VAL F 46 17.85 2.76 -20.04
C VAL F 46 17.93 1.28 -19.72
N GLU F 47 17.89 0.45 -20.76
CA GLU F 47 17.84 -1.01 -20.59
C GLU F 47 19.07 -1.56 -19.86
N SER F 48 20.20 -0.86 -20.00
CA SER F 48 21.47 -1.30 -19.42
C SER F 48 21.37 -1.50 -17.91
N ASP F 49 22.38 -2.16 -17.35
CA ASP F 49 22.37 -2.49 -15.93
C ASP F 49 22.54 -1.23 -15.08
N LEU F 50 21.45 -0.49 -14.92
CA LEU F 50 21.46 0.75 -14.14
C LEU F 50 21.97 0.49 -12.73
N GLN F 51 21.51 -0.63 -12.16
CA GLN F 51 21.92 -1.03 -10.82
C GLN F 51 23.44 -0.97 -10.69
N GLU F 52 24.13 -1.36 -11.75
CA GLU F 52 25.59 -1.36 -11.76
C GLU F 52 26.14 0.01 -12.18
N ILE F 53 25.49 0.63 -13.17
CA ILE F 53 25.93 1.94 -13.67
C ILE F 53 25.92 3.00 -12.58
N ILE F 54 24.83 3.04 -11.82
CA ILE F 54 24.69 4.00 -10.74
C ILE F 54 25.80 3.80 -9.71
N LYS F 55 26.19 2.55 -9.49
CA LYS F 55 27.24 2.25 -8.51
C LYS F 55 28.62 2.67 -9.03
N GLU F 56 28.77 2.74 -10.35
CA GLU F 56 29.99 3.29 -10.93
C GLU F 56 29.94 4.81 -10.86
N ILE F 57 28.76 5.39 -11.02
CA ILE F 57 28.59 6.84 -10.85
C ILE F 57 28.89 7.23 -9.40
N SER F 58 28.38 6.44 -8.47
CA SER F 58 28.58 6.70 -7.04
C SER F 58 30.05 6.75 -6.64
N ILE F 59 30.81 5.71 -6.99
CA ILE F 59 32.23 5.66 -6.64
C ILE F 59 32.97 6.78 -7.33
N MET F 60 32.46 7.21 -8.48
CA MET F 60 33.07 8.29 -9.23
C MET F 60 32.78 9.60 -8.49
N GLN F 61 31.53 9.77 -8.06
CA GLN F 61 31.14 10.97 -7.35
C GLN F 61 31.85 11.06 -6.00
N GLN F 62 32.02 9.92 -5.33
CA GLN F 62 32.73 9.89 -4.06
C GLN F 62 34.21 10.23 -4.22
N CYS F 63 34.66 10.33 -5.47
CA CYS F 63 36.03 10.79 -5.76
C CYS F 63 36.02 12.26 -6.14
N ASP F 64 36.99 12.99 -5.58
CA ASP F 64 37.14 14.41 -5.85
C ASP F 64 38.62 14.71 -5.87
N SER F 65 39.25 14.42 -7.00
CA SER F 65 40.69 14.57 -7.14
C SER F 65 41.02 15.11 -8.53
N PRO F 66 42.01 16.01 -8.61
CA PRO F 66 42.45 16.43 -9.94
C PRO F 66 43.10 15.29 -10.72
N TYR F 67 43.33 14.15 -10.08
CA TYR F 67 43.97 13.00 -10.71
C TYR F 67 42.99 11.88 -11.06
N VAL F 68 41.69 12.16 -10.94
CA VAL F 68 40.65 11.20 -11.31
C VAL F 68 39.63 11.92 -12.17
N VAL F 69 39.19 11.28 -13.25
CA VAL F 69 38.22 11.88 -14.16
C VAL F 69 36.96 12.20 -13.37
N LYS F 70 36.57 13.47 -13.38
CA LYS F 70 35.47 13.94 -12.54
C LYS F 70 34.09 13.76 -13.16
N TYR F 71 33.13 13.49 -12.29
CA TYR F 71 31.72 13.45 -12.65
C TYR F 71 31.10 14.77 -12.23
N TYR F 72 30.35 15.40 -13.13
CA TYR F 72 29.78 16.71 -12.86
C TYR F 72 28.29 16.63 -12.53
N GLY F 73 27.58 15.78 -13.26
CA GLY F 73 26.16 15.60 -13.07
C GLY F 73 25.61 14.71 -14.16
N SER F 74 24.29 14.56 -14.19
CA SER F 74 23.65 13.80 -15.24
C SER F 74 22.20 14.24 -15.38
N TYR F 75 21.57 13.80 -16.46
CA TYR F 75 20.20 14.20 -16.75
C TYR F 75 19.51 13.14 -17.62
N PHE F 76 18.19 13.16 -17.59
CA PHE F 76 17.38 12.28 -18.42
C PHE F 76 16.83 13.03 -19.63
N LYS F 77 16.88 12.38 -20.78
CA LYS F 77 16.30 12.92 -21.99
C LYS F 77 15.89 11.76 -22.86
N ASN F 78 14.59 11.65 -23.11
CA ASN F 78 14.04 10.56 -23.91
C ASN F 78 14.42 9.21 -23.32
N THR F 79 14.31 9.10 -21.99
CA THR F 79 14.52 7.85 -21.26
C THR F 79 16.01 7.46 -21.12
N ASP F 80 16.89 8.03 -21.94
CA ASP F 80 18.31 7.73 -21.85
C ASP F 80 19.01 8.60 -20.81
N LEU F 81 19.92 7.97 -20.06
CA LEU F 81 20.69 8.67 -19.03
C LEU F 81 21.96 9.25 -19.63
N TRP F 82 22.07 10.57 -19.62
CA TRP F 82 23.27 11.27 -20.09
C TRP F 82 24.15 11.67 -18.91
N ILE F 83 25.42 11.26 -18.96
CA ILE F 83 26.35 11.50 -17.86
C ILE F 83 27.42 12.50 -18.27
N VAL F 84 27.52 13.60 -17.52
CA VAL F 84 28.42 14.69 -17.84
C VAL F 84 29.72 14.52 -17.05
N MET F 85 30.83 14.44 -17.78
CA MET F 85 32.12 14.13 -17.18
C MET F 85 33.22 15.09 -17.66
N GLU F 86 34.33 15.08 -16.94
CA GLU F 86 35.51 15.82 -17.34
C GLU F 86 35.95 15.39 -18.75
N TYR F 87 36.33 16.36 -19.57
CA TYR F 87 36.83 16.07 -20.92
C TYR F 87 38.34 16.01 -20.90
N CYS F 88 38.91 14.94 -21.46
CA CYS F 88 40.36 14.78 -21.57
C CYS F 88 40.76 14.74 -23.05
N GLY F 89 41.11 15.90 -23.59
CA GLY F 89 41.26 16.12 -25.01
C GLY F 89 42.44 15.46 -25.69
N ALA F 90 43.43 15.02 -24.93
CA ALA F 90 44.59 14.35 -25.52
C ALA F 90 44.33 12.86 -25.66
N GLY F 91 43.19 12.39 -25.17
CA GLY F 91 42.89 10.97 -25.22
C GLY F 91 43.71 10.17 -24.22
N SER F 92 43.65 8.85 -24.33
CA SER F 92 44.38 7.97 -23.43
C SER F 92 45.84 7.89 -23.83
N VAL F 93 46.66 7.32 -22.95
CA VAL F 93 48.08 7.15 -23.22
C VAL F 93 48.25 6.14 -24.35
N SER F 94 47.43 5.09 -24.34
CA SER F 94 47.38 4.14 -25.44
C SER F 94 47.12 4.83 -26.79
N ASP F 95 46.11 5.71 -26.84
CA ASP F 95 45.80 6.48 -28.04
C ASP F 95 47.01 7.27 -28.53
N ILE F 96 47.72 7.90 -27.61
CA ILE F 96 48.82 8.78 -27.99
C ILE F 96 49.98 7.98 -28.55
N ILE F 97 50.15 6.76 -28.07
CA ILE F 97 51.20 5.89 -28.54
C ILE F 97 50.85 5.41 -29.94
N ARG F 98 49.60 5.02 -30.14
CA ARG F 98 49.12 4.53 -31.44
C ARG F 98 49.11 5.61 -32.50
N LEU F 99 48.62 6.79 -32.15
CA LEU F 99 48.50 7.92 -33.09
C LEU F 99 49.85 8.40 -33.61
N ARG F 100 50.85 8.45 -32.75
CA ARG F 100 52.16 8.92 -33.16
C ARG F 100 53.04 7.78 -33.69
N ASN F 101 52.60 6.53 -33.51
CA ASN F 101 53.43 5.35 -33.80
C ASN F 101 54.77 5.34 -33.07
N LYS F 102 54.79 5.90 -31.86
CA LYS F 102 55.99 5.93 -31.01
C LYS F 102 55.64 5.59 -29.57
N THR F 103 56.50 4.83 -28.92
CA THR F 103 56.39 4.61 -27.49
C THR F 103 56.89 5.86 -26.76
N LEU F 104 56.77 5.87 -25.43
CA LEU F 104 57.16 7.03 -24.64
C LEU F 104 58.56 6.84 -24.05
N ILE F 105 59.37 7.88 -24.09
CA ILE F 105 60.67 7.87 -23.42
C ILE F 105 60.48 7.94 -21.90
N GLU F 106 61.54 7.66 -21.14
CA GLU F 106 61.45 7.58 -19.70
C GLU F 106 60.87 8.83 -19.04
N ASP F 107 61.29 10.01 -19.49
CA ASP F 107 60.89 11.25 -18.83
C ASP F 107 59.38 11.42 -18.93
N GLU F 108 58.84 11.17 -20.11
CA GLU F 108 57.42 11.29 -20.35
C GLU F 108 56.67 10.27 -19.48
N ILE F 109 57.24 9.08 -19.35
CA ILE F 109 56.60 8.03 -18.57
C ILE F 109 56.54 8.41 -17.10
N ALA F 110 57.64 8.94 -16.58
CA ALA F 110 57.73 9.31 -15.17
C ALA F 110 56.73 10.41 -14.84
N THR F 111 56.71 11.45 -15.67
CA THR F 111 55.77 12.55 -15.53
C THR F 111 54.32 12.03 -15.49
N ILE F 112 53.98 11.15 -16.43
CA ILE F 112 52.63 10.62 -16.51
C ILE F 112 52.30 9.73 -15.32
N LEU F 113 53.27 8.93 -14.87
CA LEU F 113 53.00 8.01 -13.77
C LEU F 113 53.01 8.69 -12.42
N LYS F 114 53.62 9.88 -12.34
CA LYS F 114 53.57 10.64 -11.10
C LYS F 114 52.12 11.02 -10.83
N SER F 115 51.45 11.57 -11.84
CA SER F 115 50.04 11.94 -11.68
C SER F 115 49.19 10.70 -11.47
N THR F 116 49.43 9.66 -12.27
CA THR F 116 48.74 8.39 -12.12
C THR F 116 48.86 7.85 -10.69
N LEU F 117 50.06 7.93 -10.13
CA LEU F 117 50.28 7.46 -8.76
C LEU F 117 49.52 8.30 -7.73
N LYS F 118 49.47 9.61 -7.93
CA LYS F 118 48.71 10.46 -7.01
C LYS F 118 47.23 10.11 -7.08
N GLY F 119 46.76 9.77 -8.28
CA GLY F 119 45.41 9.30 -8.45
C GLY F 119 45.18 8.03 -7.67
N LEU F 120 46.11 7.08 -7.76
CA LEU F 120 46.01 5.82 -7.03
C LEU F 120 46.12 6.03 -5.51
N GLU F 121 47.01 6.91 -5.10
CA GLU F 121 47.20 7.19 -3.69
C GLU F 121 45.88 7.65 -3.08
N TYR F 122 45.19 8.50 -3.82
CA TYR F 122 43.90 9.02 -3.41
C TYR F 122 42.86 7.92 -3.28
N LEU F 123 42.75 7.08 -4.30
CA LEU F 123 41.73 6.02 -4.31
C LEU F 123 41.97 5.03 -3.19
N HIS F 124 43.23 4.67 -2.99
CA HIS F 124 43.58 3.68 -1.97
C HIS F 124 43.38 4.21 -0.57
N PHE F 125 43.57 5.51 -0.39
CA PHE F 125 43.32 6.11 0.91
C PHE F 125 41.85 5.93 1.25
N MET F 126 40.99 5.92 0.22
CA MET F 126 39.56 5.69 0.40
C MET F 126 39.19 4.21 0.33
N ARG F 127 40.19 3.33 0.33
CA ARG F 127 39.96 1.89 0.22
C ARG F 127 39.17 1.53 -1.05
N LYS F 128 39.39 2.31 -2.11
CA LYS F 128 38.82 1.99 -3.42
C LYS F 128 39.90 1.38 -4.29
N ILE F 129 39.50 0.43 -5.13
CA ILE F 129 40.41 -0.24 -6.06
C ILE F 129 39.99 0.11 -7.48
N HIS F 130 40.94 0.49 -8.32
CA HIS F 130 40.63 0.82 -9.71
C HIS F 130 40.30 -0.45 -10.49
N ARG F 131 41.17 -1.47 -10.33
CA ARG F 131 40.98 -2.81 -10.89
C ARG F 131 41.28 -2.92 -12.39
N ASN F 132 41.56 -1.79 -13.03
CA ASN F 132 41.69 -1.78 -14.48
C ASN F 132 42.73 -0.75 -14.95
N ILE F 133 43.85 -0.67 -14.24
CA ILE F 133 44.95 0.20 -14.63
C ILE F 133 45.66 -0.36 -15.86
N LYS F 134 45.66 0.44 -16.93
CA LYS F 134 46.38 0.14 -18.16
C LYS F 134 46.48 1.44 -18.92
N ALA F 135 47.37 1.52 -19.92
CA ALA F 135 47.59 2.78 -20.62
C ALA F 135 46.32 3.32 -21.27
N GLY F 136 45.39 2.43 -21.59
CA GLY F 136 44.16 2.82 -22.24
C GLY F 136 43.16 3.46 -21.30
N ASN F 137 43.41 3.30 -20.00
CA ASN F 137 42.54 3.89 -18.97
C ASN F 137 43.21 5.03 -18.20
N ILE F 138 44.38 5.47 -18.67
CA ILE F 138 45.00 6.70 -18.18
C ILE F 138 44.80 7.75 -19.25
N LEU F 139 44.01 8.78 -18.93
CA LEU F 139 43.70 9.82 -19.89
C LEU F 139 44.47 11.08 -19.56
N LEU F 140 44.88 11.80 -20.59
CA LEU F 140 45.55 13.08 -20.43
C LEU F 140 44.65 14.17 -20.96
N ASN F 141 44.51 15.27 -20.21
CA ASN F 141 43.84 16.43 -20.76
C ASN F 141 44.81 17.21 -21.65
N THR F 142 44.31 18.26 -22.27
CA THR F 142 45.09 19.04 -23.23
C THR F 142 46.37 19.62 -22.64
N GLU F 143 46.37 19.87 -21.34
CA GLU F 143 47.53 20.44 -20.64
C GLU F 143 48.53 19.35 -20.23
N GLY F 144 48.14 18.09 -20.40
CA GLY F 144 49.02 16.97 -20.13
C GLY F 144 48.89 16.39 -18.75
N HIS F 145 47.88 16.82 -18.00
CA HIS F 145 47.62 16.25 -16.68
C HIS F 145 46.90 14.92 -16.86
N ALA F 146 47.45 13.88 -16.26
CA ALA F 146 46.90 12.53 -16.38
C ALA F 146 45.90 12.25 -15.28
N LYS F 147 44.83 11.52 -15.62
CA LYS F 147 43.76 11.18 -14.71
C LYS F 147 43.33 9.74 -14.92
N LEU F 148 42.89 9.09 -13.85
CA LEU F 148 42.39 7.72 -13.95
C LEU F 148 40.97 7.71 -14.47
N ALA F 149 40.65 6.74 -15.34
CA ALA F 149 39.31 6.65 -15.92
C ALA F 149 38.79 5.21 -16.00
N ASP F 150 37.46 5.10 -16.17
CA ASP F 150 36.78 3.82 -16.38
C ASP F 150 37.18 2.72 -15.40
N PHE F 151 36.56 2.73 -14.23
CA PHE F 151 36.85 1.76 -13.18
C PHE F 151 36.43 0.36 -13.59
N GLY F 169 37.96 -9.88 -20.24
CA GLY F 169 38.79 -9.24 -21.24
C GLY F 169 40.12 -9.96 -21.42
N THR F 170 41.17 -9.39 -20.84
CA THR F 170 42.50 -10.00 -20.89
C THR F 170 43.16 -9.97 -19.52
N PRO F 171 44.12 -10.88 -19.29
CA PRO F 171 44.78 -11.01 -17.99
C PRO F 171 46.13 -10.30 -17.88
N PHE F 172 46.58 -9.63 -18.94
CA PHE F 172 47.97 -9.16 -19.01
C PHE F 172 48.31 -8.13 -17.94
N TRP F 173 47.31 -7.38 -17.48
CA TRP F 173 47.56 -6.34 -16.47
C TRP F 173 47.19 -6.81 -15.07
N MET F 174 46.69 -8.04 -14.96
CA MET F 174 46.24 -8.58 -13.68
C MET F 174 47.41 -9.07 -12.84
N ALA F 175 47.31 -8.83 -11.54
CA ALA F 175 48.28 -9.31 -10.58
C ALA F 175 48.02 -10.78 -10.29
N PRO F 176 49.06 -11.51 -9.84
CA PRO F 176 48.91 -12.92 -9.51
C PRO F 176 47.72 -13.22 -8.58
N GLU F 177 47.51 -12.40 -7.56
CA GLU F 177 46.45 -12.68 -6.57
C GLU F 177 45.05 -12.48 -7.16
N VAL F 178 44.95 -11.61 -8.16
CA VAL F 178 43.67 -11.34 -8.81
C VAL F 178 43.21 -12.55 -9.60
N ILE F 179 44.17 -13.30 -10.13
CA ILE F 179 43.89 -14.53 -10.86
C ILE F 179 43.68 -15.73 -9.95
N GLN F 180 44.56 -15.91 -8.96
CA GLN F 180 44.51 -17.10 -8.09
C GLN F 180 43.49 -16.99 -6.97
N GLU F 181 43.72 -16.01 -6.09
CA GLU F 181 43.01 -15.91 -4.82
C GLU F 181 41.53 -15.60 -5.00
N ILE F 182 40.77 -15.84 -3.94
CA ILE F 182 39.34 -15.51 -3.91
C ILE F 182 39.15 -14.00 -3.94
N GLY F 183 40.13 -13.27 -3.40
CA GLY F 183 40.04 -11.82 -3.35
C GLY F 183 41.39 -11.14 -3.31
N TYR F 184 41.39 -9.84 -3.59
CA TYR F 184 42.60 -9.05 -3.61
C TYR F 184 42.32 -7.69 -3.01
N ASN F 185 43.33 -6.83 -2.98
CA ASN F 185 43.23 -5.52 -2.38
C ASN F 185 43.82 -4.42 -3.26
N CYS F 186 43.99 -3.23 -2.66
CA CYS F 186 44.42 -2.04 -3.38
C CYS F 186 45.75 -2.20 -4.13
N VAL F 187 46.71 -2.92 -3.56
CA VAL F 187 48.03 -2.99 -4.21
C VAL F 187 48.04 -3.80 -5.50
N ALA F 188 46.91 -4.44 -5.83
CA ALA F 188 46.76 -5.06 -7.14
C ALA F 188 46.92 -3.98 -8.22
N ASP F 189 46.39 -2.79 -7.95
CA ASP F 189 46.55 -1.67 -8.88
C ASP F 189 48.02 -1.39 -9.14
N ILE F 190 48.87 -1.61 -8.15
CA ILE F 190 50.28 -1.27 -8.26
C ILE F 190 50.98 -2.23 -9.24
N TRP F 191 50.66 -3.52 -9.14
CA TRP F 191 51.19 -4.48 -10.11
C TRP F 191 50.85 -4.01 -11.51
N SER F 192 49.57 -3.69 -11.73
CA SER F 192 49.09 -3.23 -13.01
C SER F 192 49.83 -1.97 -13.47
N LEU F 193 50.22 -1.14 -12.50
CA LEU F 193 50.99 0.05 -12.81
C LEU F 193 52.32 -0.35 -13.40
N GLY F 194 52.91 -1.41 -12.86
CA GLY F 194 54.19 -1.91 -13.35
C GLY F 194 54.06 -2.44 -14.77
N ILE F 195 53.03 -3.23 -15.03
CA ILE F 195 52.78 -3.72 -16.37
C ILE F 195 52.56 -2.53 -17.30
N THR F 196 51.80 -1.54 -16.84
CA THR F 196 51.50 -0.36 -17.65
C THR F 196 52.75 0.42 -18.02
N SER F 197 53.74 0.43 -17.14
CA SER F 197 54.94 1.21 -17.40
C SER F 197 55.76 0.51 -18.49
N ILE F 198 55.66 -0.81 -18.54
CA ILE F 198 56.33 -1.57 -19.60
C ILE F 198 55.59 -1.34 -20.90
N GLU F 199 54.27 -1.36 -20.84
CA GLU F 199 53.43 -1.11 -22.01
C GLU F 199 53.78 0.23 -22.65
N MET F 200 53.97 1.24 -21.80
CA MET F 200 54.27 2.59 -22.27
C MET F 200 55.67 2.68 -22.85
N ALA F 201 56.58 1.86 -22.34
CA ALA F 201 57.96 1.88 -22.76
C ALA F 201 58.16 1.09 -24.05
N GLU F 202 57.51 -0.07 -24.13
CA GLU F 202 57.74 -1.04 -25.22
C GLU F 202 56.58 -1.14 -26.19
N GLY F 203 55.44 -0.54 -25.87
CA GLY F 203 54.30 -0.52 -26.77
C GLY F 203 53.27 -1.61 -26.52
N LYS F 204 53.55 -2.48 -25.56
CA LYS F 204 52.62 -3.54 -25.21
C LYS F 204 53.05 -4.19 -23.92
N PRO F 205 52.11 -4.89 -23.25
CA PRO F 205 52.47 -5.54 -21.99
C PRO F 205 53.21 -6.83 -22.27
N PRO F 206 53.97 -7.33 -21.29
CA PRO F 206 54.57 -8.66 -21.44
C PRO F 206 53.45 -9.68 -21.71
N TYR F 207 53.74 -10.73 -22.48
CA TYR F 207 52.76 -11.77 -22.75
C TYR F 207 51.64 -11.33 -23.69
N ALA F 208 51.73 -10.11 -24.22
CA ALA F 208 50.68 -9.59 -25.10
C ALA F 208 50.47 -10.50 -26.31
N ASP F 209 51.54 -11.17 -26.74
CA ASP F 209 51.47 -12.05 -27.90
C ASP F 209 51.15 -13.49 -27.50
N ILE F 210 50.98 -13.75 -26.21
CA ILE F 210 50.62 -15.08 -25.73
C ILE F 210 49.11 -15.21 -25.62
N HIS F 211 48.59 -16.38 -25.96
CA HIS F 211 47.15 -16.63 -25.88
C HIS F 211 46.66 -16.35 -24.46
N PRO F 212 45.53 -15.63 -24.32
CA PRO F 212 45.03 -15.27 -22.98
C PRO F 212 44.92 -16.47 -22.04
N MET F 213 44.40 -17.58 -22.52
CA MET F 213 44.20 -18.76 -21.67
C MET F 213 45.50 -19.44 -21.28
N ARG F 214 46.60 -19.11 -21.94
CA ARG F 214 47.92 -19.60 -21.54
C ARG F 214 48.53 -18.63 -20.54
N ALA F 215 48.37 -17.33 -20.80
CA ALA F 215 48.93 -16.28 -19.95
C ALA F 215 48.32 -16.31 -18.56
N ILE F 216 47.06 -16.72 -18.48
CA ILE F 216 46.36 -16.78 -17.20
C ILE F 216 47.13 -17.60 -16.17
N PHE F 217 47.75 -18.69 -16.60
CA PHE F 217 48.47 -19.59 -15.69
C PHE F 217 49.95 -19.23 -15.59
N MET F 218 50.45 -18.47 -16.55
CA MET F 218 51.84 -18.05 -16.52
C MET F 218 52.09 -16.97 -15.47
N ILE F 219 51.17 -16.02 -15.37
CA ILE F 219 51.35 -14.86 -14.50
C ILE F 219 51.59 -15.29 -13.04
N PRO F 220 50.74 -16.17 -12.49
CA PRO F 220 50.94 -16.66 -11.13
C PRO F 220 52.17 -17.56 -10.97
N THR F 221 52.60 -18.17 -12.08
CA THR F 221 53.65 -19.19 -12.06
C THR F 221 55.05 -18.62 -12.25
N ASN F 222 55.20 -17.76 -13.25
CA ASN F 222 56.54 -17.34 -13.68
C ASN F 222 57.09 -16.24 -12.79
N PRO F 223 58.42 -16.01 -12.86
CA PRO F 223 58.98 -14.84 -12.18
C PRO F 223 58.36 -13.57 -12.72
N PRO F 224 58.48 -12.45 -11.97
CA PRO F 224 57.92 -11.19 -12.45
C PRO F 224 58.50 -10.80 -13.81
N PRO F 225 57.69 -10.20 -14.68
CA PRO F 225 58.22 -9.69 -15.95
C PRO F 225 59.25 -8.58 -15.74
N THR F 226 60.12 -8.40 -16.73
CA THR F 226 61.05 -7.28 -16.77
C THR F 226 61.09 -6.71 -18.19
N PHE F 227 61.94 -5.72 -18.43
CA PHE F 227 62.06 -5.14 -19.76
C PHE F 227 62.66 -6.16 -20.72
N ARG F 228 62.17 -6.14 -21.95
CA ARG F 228 62.65 -7.05 -22.99
C ARG F 228 64.13 -6.81 -23.30
N LYS F 229 64.58 -5.56 -23.18
CA LYS F 229 65.99 -5.20 -23.35
C LYS F 229 66.47 -4.28 -22.22
N PRO F 230 66.83 -4.86 -21.07
CA PRO F 230 67.14 -4.12 -19.83
C PRO F 230 68.16 -2.98 -19.97
N GLU F 231 69.10 -3.11 -20.89
CA GLU F 231 70.17 -2.12 -21.00
C GLU F 231 69.70 -0.80 -21.60
N LEU F 232 68.46 -0.78 -22.10
CA LEU F 232 67.92 0.43 -22.70
C LEU F 232 67.39 1.40 -21.65
N TRP F 233 67.26 0.91 -20.42
CA TRP F 233 66.54 1.65 -19.38
C TRP F 233 67.40 1.91 -18.14
N SER F 234 67.21 3.09 -17.56
CA SER F 234 68.00 3.53 -16.39
C SER F 234 67.78 2.62 -15.20
N ASP F 235 68.69 2.69 -14.23
CA ASP F 235 68.59 1.90 -13.01
C ASP F 235 67.33 2.27 -12.23
N ASP F 236 66.99 3.56 -12.22
CA ASP F 236 65.79 4.04 -11.55
C ASP F 236 64.51 3.43 -12.13
N PHE F 237 64.37 3.46 -13.46
CA PHE F 237 63.16 2.96 -14.11
C PHE F 237 63.05 1.44 -13.90
N THR F 238 64.18 0.76 -14.04
CA THR F 238 64.23 -0.68 -13.84
C THR F 238 63.84 -1.04 -12.41
N ASP F 239 64.32 -0.29 -11.44
CA ASP F 239 64.02 -0.56 -10.05
C ASP F 239 62.56 -0.26 -9.76
N PHE F 240 62.04 0.80 -10.37
CA PHE F 240 60.63 1.16 -10.19
C PHE F 240 59.73 0.00 -10.60
N VAL F 241 59.98 -0.55 -11.78
CA VAL F 241 59.19 -1.65 -12.27
C VAL F 241 59.35 -2.86 -11.37
N LYS F 242 60.59 -3.12 -10.95
CA LYS F 242 60.88 -4.27 -10.11
C LYS F 242 60.05 -4.17 -8.83
N LYS F 243 59.92 -2.96 -8.30
CA LYS F 243 59.21 -2.74 -7.05
C LYS F 243 57.69 -2.83 -7.22
N CYS F 244 57.17 -2.45 -8.37
CA CYS F 244 55.76 -2.63 -8.67
C CYS F 244 55.39 -4.11 -8.80
N LEU F 245 56.25 -4.86 -9.49
CA LEU F 245 55.91 -6.23 -9.89
C LEU F 245 56.41 -7.28 -8.91
N VAL F 246 56.06 -7.13 -7.64
CA VAL F 246 56.32 -8.14 -6.62
C VAL F 246 55.11 -9.05 -6.55
N LYS F 247 55.33 -10.35 -6.69
CA LYS F 247 54.24 -11.31 -6.80
C LYS F 247 53.45 -11.45 -5.49
N ASN F 248 54.14 -11.34 -4.36
CA ASN F 248 53.47 -11.39 -3.07
C ASN F 248 52.93 -9.99 -2.78
N PRO F 249 51.59 -9.82 -2.79
CA PRO F 249 51.06 -8.47 -2.64
C PRO F 249 51.42 -7.87 -1.29
N GLU F 250 51.62 -8.72 -0.29
CA GLU F 250 52.02 -8.26 1.05
C GLU F 250 53.37 -7.55 1.04
N GLN F 251 54.18 -7.81 0.01
CA GLN F 251 55.54 -7.25 -0.07
C GLN F 251 55.65 -6.19 -1.18
N ARG F 252 54.52 -5.90 -1.83
CA ARG F 252 54.49 -4.99 -2.97
C ARG F 252 54.35 -3.54 -2.50
N ALA F 253 55.07 -2.63 -3.14
CA ALA F 253 55.07 -1.22 -2.75
C ALA F 253 53.70 -0.58 -2.86
N THR F 254 53.42 0.40 -2.00
CA THR F 254 52.17 1.16 -2.07
C THR F 254 52.35 2.39 -2.97
N ALA F 255 51.23 2.95 -3.42
CA ALA F 255 51.26 4.18 -4.18
C ALA F 255 52.04 5.27 -3.46
N THR F 256 51.83 5.41 -2.14
CA THR F 256 52.49 6.47 -1.37
C THR F 256 54.01 6.28 -1.32
N GLN F 257 54.44 5.03 -1.18
CA GLN F 257 55.88 4.74 -1.17
C GLN F 257 56.54 5.03 -2.51
N LEU F 258 55.87 4.64 -3.59
CA LEU F 258 56.43 4.82 -4.93
C LEU F 258 56.53 6.28 -5.36
N LEU F 259 55.72 7.15 -4.75
CA LEU F 259 55.78 8.58 -5.07
C LEU F 259 57.11 9.18 -4.62
N GLN F 260 57.76 8.51 -3.66
CA GLN F 260 59.08 8.93 -3.19
C GLN F 260 60.21 8.16 -3.88
N HIS F 261 59.87 7.27 -4.80
CA HIS F 261 60.88 6.53 -5.56
C HIS F 261 61.62 7.49 -6.50
N PRO F 262 62.95 7.33 -6.66
CA PRO F 262 63.74 8.28 -7.47
C PRO F 262 63.28 8.45 -8.93
N PHE F 263 62.71 7.42 -9.54
CA PHE F 263 62.21 7.51 -10.91
C PHE F 263 61.06 8.50 -11.02
N ILE F 264 60.22 8.52 -9.99
CA ILE F 264 59.00 9.35 -9.97
C ILE F 264 59.29 10.71 -9.34
N LYS F 265 60.05 10.72 -8.26
CA LYS F 265 60.28 11.92 -7.49
C LYS F 265 60.95 13.03 -8.30
N ASN F 266 61.71 12.66 -9.32
CA ASN F 266 62.45 13.61 -10.13
C ASN F 266 61.75 13.91 -11.46
N ALA F 267 60.50 13.48 -11.57
CA ALA F 267 59.74 13.69 -12.79
C ALA F 267 59.63 15.16 -13.12
N LYS F 268 59.78 15.49 -14.40
CA LYS F 268 59.65 16.86 -14.87
C LYS F 268 58.18 17.28 -14.97
N PRO F 269 57.94 18.60 -15.04
CA PRO F 269 56.56 19.09 -15.22
C PRO F 269 55.94 18.60 -16.53
N VAL F 270 54.62 18.65 -16.61
CA VAL F 270 53.89 18.21 -17.79
C VAL F 270 54.23 19.01 -19.04
N SER F 271 54.98 20.09 -18.88
CA SER F 271 55.38 20.89 -20.04
C SER F 271 56.22 20.04 -21.01
N ILE F 272 56.88 18.99 -20.54
CA ILE F 272 57.63 18.12 -21.46
C ILE F 272 56.72 17.27 -22.35
N LEU F 273 55.41 17.34 -22.11
CA LEU F 273 54.45 16.56 -22.86
C LEU F 273 53.67 17.39 -23.87
N ARG F 274 53.95 18.69 -23.96
CA ARG F 274 53.14 19.56 -24.80
C ARG F 274 53.25 19.22 -26.28
N ASP F 275 54.48 19.08 -26.77
CA ASP F 275 54.69 18.79 -28.19
C ASP F 275 54.07 17.46 -28.62
N LEU F 276 54.25 16.42 -27.84
CA LEU F 276 53.71 15.13 -28.23
C LEU F 276 52.19 15.15 -28.19
N ILE F 277 51.63 15.95 -27.29
CA ILE F 277 50.17 16.12 -27.24
C ILE F 277 49.69 16.89 -28.47
N THR F 278 50.40 17.96 -28.81
CA THR F 278 50.10 18.71 -30.03
C THR F 278 50.08 17.77 -31.24
N GLU F 279 51.11 16.93 -31.35
CA GLU F 279 51.24 16.02 -32.48
C GLU F 279 50.08 15.01 -32.54
N ALA F 280 49.75 14.41 -31.41
CA ALA F 280 48.72 13.39 -31.37
C ALA F 280 47.33 13.96 -31.68
N MET F 281 47.10 15.19 -31.24
CA MET F 281 45.79 15.80 -31.44
C MET F 281 45.66 16.26 -32.89
N GLU F 282 46.77 16.62 -33.51
CA GLU F 282 46.77 17.03 -34.91
C GLU F 282 46.56 15.83 -35.85
N ILE F 283 47.26 14.73 -35.58
CA ILE F 283 47.09 13.50 -36.33
C ILE F 283 45.67 13.01 -36.20
N LYS F 284 45.08 13.16 -35.02
CA LYS F 284 43.72 12.72 -34.78
C LYS F 284 42.77 13.52 -35.65
N ALA F 285 42.86 14.84 -35.53
CA ALA F 285 41.96 15.75 -36.22
C ALA F 285 42.16 15.68 -37.74
N LYS F 286 43.38 15.43 -38.17
CA LYS F 286 43.67 15.35 -39.59
C LYS F 286 43.32 13.97 -40.16
N ARG F 287 42.55 13.20 -39.40
CA ARG F 287 41.93 11.97 -39.88
C ARG F 287 40.41 12.11 -39.78
N HIS F 288 39.96 12.92 -38.82
CA HIS F 288 38.54 13.14 -38.59
C HIS F 288 37.91 13.94 -39.74
N GLU F 289 38.76 14.48 -40.62
CA GLU F 289 38.30 15.15 -41.83
C GLU F 289 38.53 14.24 -43.04
N GLU F 290 39.61 13.47 -42.99
CA GLU F 290 39.90 12.50 -44.03
C GLU F 290 38.78 11.48 -44.17
N GLN F 291 38.09 11.21 -43.07
CA GLN F 291 36.96 10.30 -43.07
C GLN F 291 35.74 11.00 -43.67
N GLN F 292 35.56 12.27 -43.32
CA GLN F 292 34.37 13.02 -43.74
C GLN F 292 34.44 13.48 -45.18
N ARG F 293 35.64 13.87 -45.62
CA ARG F 293 35.85 14.26 -47.00
C ARG F 293 35.54 13.09 -47.94
N GLU F 294 35.61 11.88 -47.39
CA GLU F 294 35.27 10.67 -48.14
C GLU F 294 33.81 10.28 -47.95
N LEU F 295 33.27 10.56 -46.76
CA LEU F 295 31.86 10.26 -46.48
C LEU F 295 30.91 11.19 -47.24
N GLU F 296 31.48 12.18 -47.92
CA GLU F 296 30.72 13.08 -48.78
C GLU F 296 31.06 12.84 -50.24
#